data_1RIK
#
_entry.id   1RIK
#
_cell.length_a   1.000
_cell.length_b   1.000
_cell.length_c   1.000
_cell.angle_alpha   90.00
_cell.angle_beta   90.00
_cell.angle_gamma   90.00
#
_symmetry.space_group_name_H-M   'P 1'
#
_entity_poly.entity_id   1
_entity_poly.type   'polypeptide(L)'
_entity_poly.pdbx_seq_one_letter_code
;YKFACPECPKRFMRSDHLTLHILLHENKK
;
_entity_poly.pdbx_strand_id   A
#
# COMPACT_ATOMS: atom_id res chain seq x y z
N TYR A 1 10.49 6.90 4.07
CA TYR A 1 9.78 5.60 3.91
C TYR A 1 9.52 4.95 5.27
N LYS A 2 8.26 4.95 5.70
CA LYS A 2 7.88 4.36 6.97
C LYS A 2 7.40 2.92 6.80
N PHE A 3 6.40 2.74 5.93
CA PHE A 3 5.85 1.41 5.67
C PHE A 3 6.22 0.91 4.28
N ALA A 4 5.91 -0.37 4.02
CA ALA A 4 6.20 -0.99 2.74
C ALA A 4 5.17 -2.09 2.43
N CYS A 5 4.70 -2.13 1.19
CA CYS A 5 3.71 -3.12 0.78
C CYS A 5 4.32 -4.53 0.70
N PRO A 6 3.62 -5.54 1.24
CA PRO A 6 4.09 -6.92 1.22
C PRO A 6 3.96 -7.57 -0.16
N GLU A 7 3.12 -6.98 -1.03
CA GLU A 7 2.91 -7.49 -2.38
C GLU A 7 3.72 -6.70 -3.41
N CYS A 8 3.62 -5.38 -3.36
CA CYS A 8 4.33 -4.51 -4.30
C CYS A 8 5.48 -3.76 -3.62
N PRO A 9 6.31 -3.07 -4.42
CA PRO A 9 7.46 -2.32 -3.91
C PRO A 9 7.16 -0.86 -3.54
N LYS A 10 5.89 -0.56 -3.21
CA LYS A 10 5.52 0.80 -2.84
C LYS A 10 5.87 1.08 -1.37
N ARG A 11 6.16 2.34 -1.08
CA ARG A 11 6.51 2.77 0.28
C ARG A 11 5.81 4.08 0.61
N PHE A 12 5.28 4.17 1.82
CA PHE A 12 4.55 5.36 2.24
C PHE A 12 4.94 5.77 3.66
N MET A 13 4.94 7.07 3.92
CA MET A 13 5.27 7.61 5.24
C MET A 13 4.14 7.36 6.23
N ARG A 14 2.90 7.29 5.72
CA ARG A 14 1.73 7.06 6.56
C ARG A 14 1.30 5.59 6.51
N SER A 15 0.56 5.16 7.52
CA SER A 15 0.09 3.79 7.60
C SER A 15 -1.30 3.65 6.97
N ASP A 16 -2.20 4.61 7.29
CA ASP A 16 -3.56 4.59 6.76
C ASP A 16 -3.56 4.86 5.26
N HIS A 17 -2.85 5.90 4.83
CA HIS A 17 -2.78 6.25 3.42
C HIS A 17 -2.19 5.10 2.61
N LEU A 18 -1.13 4.49 3.13
CA LEU A 18 -0.49 3.36 2.47
C LEU A 18 -1.48 2.24 2.25
N THR A 19 -2.23 1.90 3.31
CA THR A 19 -3.22 0.85 3.22
C THR A 19 -4.30 1.20 2.19
N LEU A 20 -4.60 2.50 2.07
CA LEU A 20 -5.59 2.96 1.10
C LEU A 20 -5.18 2.52 -0.30
N HIS A 21 -3.86 2.50 -0.55
CA HIS A 21 -3.31 2.08 -1.82
C HIS A 21 -3.55 0.61 -2.06
N ILE A 22 -3.22 -0.20 -1.05
CA ILE A 22 -3.35 -1.64 -1.14
C ILE A 22 -4.81 -2.10 -1.33
N LEU A 23 -5.76 -1.16 -1.30
CA LEU A 23 -7.16 -1.51 -1.52
C LEU A 23 -7.37 -2.00 -2.96
N LEU A 24 -6.60 -1.43 -3.90
CA LEU A 24 -6.71 -1.84 -5.31
C LEU A 24 -6.06 -3.21 -5.58
N HIS A 25 -5.17 -3.64 -4.67
CA HIS A 25 -4.49 -4.93 -4.84
C HIS A 25 -5.47 -6.10 -4.94
N GLU A 26 -6.65 -5.94 -4.33
CA GLU A 26 -7.69 -6.99 -4.36
C GLU A 26 -7.90 -7.52 -5.77
N ASN A 27 -7.90 -6.61 -6.76
CA ASN A 27 -8.08 -6.98 -8.15
C ASN A 27 -6.75 -7.34 -8.80
N LYS A 28 -6.60 -8.61 -9.17
CA LYS A 28 -5.37 -9.10 -9.80
C LYS A 28 -5.58 -9.37 -11.29
N LYS A 29 -4.50 -9.31 -12.06
CA LYS A 29 -4.54 -9.54 -13.51
C LYS A 29 -5.21 -8.37 -14.24
N TYR A 1 9.90 6.20 3.81
CA TYR A 1 9.27 4.87 3.59
C TYR A 1 8.92 4.19 4.92
N LYS A 2 7.94 4.77 5.63
CA LYS A 2 7.51 4.23 6.92
C LYS A 2 6.89 2.84 6.74
N PHE A 3 5.93 2.73 5.82
CA PHE A 3 5.26 1.46 5.56
C PHE A 3 5.70 0.86 4.22
N ALA A 4 5.40 -0.43 4.03
CA ALA A 4 5.77 -1.13 2.81
C ALA A 4 4.74 -2.20 2.46
N CYS A 5 4.42 -2.33 1.17
CA CYS A 5 3.45 -3.33 0.71
C CYS A 5 4.10 -4.70 0.56
N PRO A 6 3.42 -5.76 1.03
CA PRO A 6 3.93 -7.14 0.93
C PRO A 6 3.82 -7.71 -0.49
N GLU A 7 3.01 -7.06 -1.34
CA GLU A 7 2.82 -7.51 -2.71
C GLU A 7 3.64 -6.68 -3.69
N CYS A 8 3.63 -5.34 -3.52
CA CYS A 8 4.38 -4.45 -4.39
C CYS A 8 5.42 -3.66 -3.61
N PRO A 9 6.32 -2.96 -4.34
CA PRO A 9 7.40 -2.18 -3.74
C PRO A 9 7.04 -0.71 -3.47
N LYS A 10 5.84 -0.46 -2.91
CA LYS A 10 5.42 0.90 -2.61
C LYS A 10 5.82 1.27 -1.18
N ARG A 11 6.04 2.56 -0.94
CA ARG A 11 6.43 3.07 0.37
C ARG A 11 5.73 4.39 0.68
N PHE A 12 5.12 4.49 1.86
CA PHE A 12 4.39 5.68 2.26
C PHE A 12 4.77 6.12 3.67
N MET A 13 4.78 7.43 3.90
CA MET A 13 5.11 7.99 5.21
C MET A 13 4.04 7.65 6.24
N ARG A 14 2.79 7.53 5.80
CA ARG A 14 1.69 7.20 6.69
C ARG A 14 1.33 5.72 6.61
N SER A 15 0.60 5.24 7.61
CA SER A 15 0.18 3.84 7.66
C SER A 15 -1.16 3.65 6.95
N ASP A 16 -2.10 4.55 7.22
CA ASP A 16 -3.42 4.50 6.60
C ASP A 16 -3.35 4.83 5.11
N HIS A 17 -2.38 5.67 4.73
CA HIS A 17 -2.21 6.06 3.34
C HIS A 17 -1.77 4.86 2.50
N LEU A 18 -0.66 4.23 2.90
CA LEU A 18 -0.16 3.06 2.19
C LEU A 18 -1.22 1.97 2.15
N THR A 19 -1.88 1.78 3.30
CA THR A 19 -2.92 0.77 3.41
C THR A 19 -4.06 1.08 2.43
N LEU A 20 -4.33 2.37 2.22
CA LEU A 20 -5.38 2.79 1.29
C LEU A 20 -5.03 2.37 -0.13
N HIS A 21 -3.74 2.45 -0.46
CA HIS A 21 -3.24 2.07 -1.77
C HIS A 21 -3.45 0.60 -2.04
N ILE A 22 -3.05 -0.23 -1.08
CA ILE A 22 -3.13 -1.69 -1.22
C ILE A 22 -4.53 -2.17 -1.63
N LEU A 23 -5.54 -1.32 -1.47
CA LEU A 23 -6.90 -1.68 -1.87
C LEU A 23 -6.91 -2.12 -3.34
N LEU A 24 -6.01 -1.52 -4.14
CA LEU A 24 -5.89 -1.86 -5.57
C LEU A 24 -5.74 -3.37 -5.75
N HIS A 25 -4.81 -3.96 -4.99
CA HIS A 25 -4.56 -5.40 -5.06
C HIS A 25 -5.82 -6.20 -4.71
N GLU A 26 -6.52 -5.76 -3.66
CA GLU A 26 -7.75 -6.42 -3.22
C GLU A 26 -8.79 -6.44 -4.35
N ASN A 27 -9.03 -5.27 -4.95
CA ASN A 27 -9.99 -5.15 -6.05
C ASN A 27 -9.26 -4.90 -7.37
N LYS A 28 -8.51 -5.91 -7.83
CA LYS A 28 -7.75 -5.80 -9.07
C LYS A 28 -8.67 -5.93 -10.29
N LYS A 29 -8.80 -4.84 -11.04
CA LYS A 29 -9.65 -4.83 -12.23
C LYS A 29 -9.12 -3.83 -13.27
N TYR A 1 11.85 5.75 3.99
CA TYR A 1 10.68 4.86 3.84
C TYR A 1 10.35 4.13 5.14
N LYS A 2 9.12 4.31 5.62
CA LYS A 2 8.68 3.69 6.87
C LYS A 2 7.97 2.35 6.60
N PHE A 3 6.85 2.41 5.88
CA PHE A 3 6.08 1.23 5.57
C PHE A 3 6.42 0.67 4.18
N ALA A 4 6.00 -0.57 3.93
CA ALA A 4 6.24 -1.22 2.64
C ALA A 4 5.17 -2.27 2.34
N CYS A 5 4.67 -2.29 1.12
CA CYS A 5 3.65 -3.25 0.71
C CYS A 5 4.22 -4.66 0.60
N PRO A 6 3.48 -5.67 1.10
CA PRO A 6 3.91 -7.07 1.06
C PRO A 6 3.84 -7.65 -0.36
N GLU A 7 3.04 -7.03 -1.23
CA GLU A 7 2.89 -7.49 -2.61
C GLU A 7 3.75 -6.67 -3.57
N CYS A 8 3.66 -5.34 -3.47
CA CYS A 8 4.42 -4.46 -4.35
C CYS A 8 5.50 -3.70 -3.57
N PRO A 9 6.38 -2.99 -4.30
CA PRO A 9 7.49 -2.24 -3.71
C PRO A 9 7.14 -0.77 -3.41
N LYS A 10 5.91 -0.51 -2.94
CA LYS A 10 5.50 0.86 -2.63
C LYS A 10 5.86 1.20 -1.18
N ARG A 11 6.11 2.48 -0.95
CA ARG A 11 6.47 2.98 0.37
C ARG A 11 5.71 4.27 0.67
N PHE A 12 5.21 4.40 1.90
CA PHE A 12 4.45 5.58 2.29
C PHE A 12 4.81 6.03 3.70
N MET A 13 4.69 7.33 3.95
CA MET A 13 4.98 7.90 5.26
C MET A 13 3.84 7.65 6.23
N ARG A 14 2.61 7.53 5.70
CA ARG A 14 1.43 7.28 6.52
C ARG A 14 1.05 5.80 6.49
N SER A 15 0.32 5.36 7.51
CA SER A 15 -0.12 3.97 7.61
C SER A 15 -1.51 3.79 6.99
N ASP A 16 -2.42 4.72 7.31
CA ASP A 16 -3.78 4.66 6.79
C ASP A 16 -3.83 4.95 5.29
N HIS A 17 -3.05 5.93 4.85
CA HIS A 17 -2.98 6.28 3.43
C HIS A 17 -2.33 5.16 2.62
N LEU A 18 -1.28 4.58 3.18
CA LEU A 18 -0.58 3.48 2.53
C LEU A 18 -1.53 2.31 2.30
N THR A 19 -2.29 1.97 3.35
CA THR A 19 -3.24 0.87 3.26
C THR A 19 -4.30 1.18 2.20
N LEU A 20 -4.63 2.46 2.04
CA LEU A 20 -5.61 2.88 1.04
C LEU A 20 -5.14 2.46 -0.35
N HIS A 21 -3.83 2.49 -0.55
CA HIS A 21 -3.22 2.10 -1.82
C HIS A 21 -3.41 0.61 -2.07
N ILE A 22 -3.12 -0.18 -1.05
CA ILE A 22 -3.20 -1.64 -1.18
C ILE A 22 -4.63 -2.13 -1.46
N LEU A 23 -5.61 -1.23 -1.48
CA LEU A 23 -6.99 -1.60 -1.78
C LEU A 23 -7.11 -2.09 -3.22
N LEU A 24 -6.32 -1.49 -4.14
CA LEU A 24 -6.37 -1.90 -5.56
C LEU A 24 -5.91 -3.34 -5.75
N HIS A 25 -4.99 -3.81 -4.89
CA HIS A 25 -4.47 -5.18 -4.98
C HIS A 25 -5.61 -6.20 -4.88
N GLU A 26 -6.43 -6.07 -3.83
CA GLU A 26 -7.56 -6.97 -3.61
C GLU A 26 -8.63 -6.78 -4.68
N ASN A 27 -8.95 -5.51 -4.97
CA ASN A 27 -9.95 -5.19 -5.97
C ASN A 27 -9.35 -5.22 -7.38
N LYS A 28 -9.09 -6.41 -7.89
CA LYS A 28 -8.50 -6.59 -9.22
C LYS A 28 -8.83 -7.98 -9.78
N LYS A 29 -10.07 -8.16 -10.22
CA LYS A 29 -10.52 -9.43 -10.79
C LYS A 29 -11.82 -9.26 -11.59
N TYR A 1 8.89 7.30 4.08
CA TYR A 1 8.76 5.92 3.52
C TYR A 1 9.21 4.87 4.53
N LYS A 2 8.40 4.68 5.57
CA LYS A 2 8.70 3.70 6.61
C LYS A 2 8.02 2.36 6.35
N PHE A 3 6.79 2.41 5.83
CA PHE A 3 6.02 1.20 5.54
C PHE A 3 6.29 0.69 4.12
N ALA A 4 5.82 -0.53 3.84
CA ALA A 4 6.00 -1.15 2.54
C ALA A 4 4.91 -2.19 2.28
N CYS A 5 4.52 -2.34 1.01
CA CYS A 5 3.49 -3.30 0.63
C CYS A 5 4.07 -4.71 0.51
N PRO A 6 3.32 -5.73 0.98
CA PRO A 6 3.76 -7.13 0.91
C PRO A 6 3.67 -7.70 -0.50
N GLU A 7 2.91 -7.03 -1.38
CA GLU A 7 2.75 -7.48 -2.76
C GLU A 7 3.62 -6.66 -3.71
N CYS A 8 3.58 -5.34 -3.57
CA CYS A 8 4.36 -4.44 -4.43
C CYS A 8 5.44 -3.70 -3.63
N PRO A 9 6.36 -3.02 -4.34
CA PRO A 9 7.46 -2.30 -3.71
C PRO A 9 7.13 -0.82 -3.40
N LYS A 10 5.91 -0.55 -2.94
CA LYS A 10 5.50 0.81 -2.61
C LYS A 10 5.93 1.17 -1.19
N ARG A 11 6.06 2.47 -0.93
CA ARG A 11 6.46 2.97 0.39
C ARG A 11 5.75 4.28 0.70
N PHE A 12 5.21 4.38 1.92
CA PHE A 12 4.47 5.58 2.32
C PHE A 12 4.84 6.01 3.74
N MET A 13 4.69 7.30 4.01
CA MET A 13 4.99 7.85 5.33
C MET A 13 3.84 7.60 6.31
N ARG A 14 2.61 7.46 5.76
CA ARG A 14 1.43 7.20 6.58
C ARG A 14 1.07 5.72 6.58
N SER A 15 0.30 5.30 7.58
CA SER A 15 -0.13 3.91 7.68
C SER A 15 -1.51 3.71 7.06
N ASP A 16 -2.43 4.64 7.36
CA ASP A 16 -3.80 4.56 6.83
C ASP A 16 -3.81 4.84 5.33
N HIS A 17 -3.16 5.93 4.92
CA HIS A 17 -3.11 6.31 3.50
C HIS A 17 -2.44 5.21 2.69
N LEU A 18 -1.36 4.65 3.23
CA LEU A 18 -0.64 3.57 2.56
C LEU A 18 -1.55 2.38 2.32
N THR A 19 -2.32 2.01 3.35
CA THR A 19 -3.25 0.90 3.24
C THR A 19 -4.28 1.18 2.16
N LEU A 20 -4.65 2.46 2.00
CA LEU A 20 -5.62 2.85 0.99
C LEU A 20 -5.12 2.43 -0.40
N HIS A 21 -3.80 2.53 -0.59
CA HIS A 21 -3.16 2.14 -1.85
C HIS A 21 -3.32 0.65 -2.11
N ILE A 22 -3.00 -0.14 -1.10
CA ILE A 22 -3.04 -1.61 -1.21
C ILE A 22 -4.42 -2.12 -1.66
N LEU A 23 -5.45 -1.28 -1.56
CA LEU A 23 -6.79 -1.67 -2.00
C LEU A 23 -6.76 -2.11 -3.47
N LEU A 24 -5.79 -1.57 -4.23
CA LEU A 24 -5.63 -1.93 -5.64
C LEU A 24 -5.51 -3.44 -5.80
N HIS A 25 -4.66 -4.06 -4.98
CA HIS A 25 -4.45 -5.50 -5.00
C HIS A 25 -5.66 -6.25 -4.42
N GLU A 26 -6.29 -5.65 -3.39
CA GLU A 26 -7.46 -6.26 -2.76
C GLU A 26 -8.56 -6.51 -3.77
N ASN A 27 -9.01 -5.44 -4.43
CA ASN A 27 -10.07 -5.53 -5.44
C ASN A 27 -9.98 -4.36 -6.42
N LYS A 28 -9.94 -4.67 -7.71
CA LYS A 28 -9.85 -3.66 -8.75
C LYS A 28 -10.30 -4.22 -10.10
N LYS A 29 -11.37 -3.64 -10.64
CA LYS A 29 -11.91 -4.07 -11.94
C LYS A 29 -11.45 -3.14 -13.05
N TYR A 1 11.64 5.19 4.76
CA TYR A 1 10.26 4.64 4.57
C TYR A 1 10.12 3.27 5.23
N LYS A 2 9.38 3.22 6.34
CA LYS A 2 9.16 1.97 7.07
C LYS A 2 7.89 1.26 6.60
N PHE A 3 7.01 1.98 5.90
CA PHE A 3 5.78 1.41 5.40
C PHE A 3 5.98 0.81 4.00
N ALA A 4 5.76 -0.50 3.89
CA ALA A 4 5.92 -1.20 2.62
C ALA A 4 4.81 -2.22 2.40
N CYS A 5 4.43 -2.41 1.14
CA CYS A 5 3.38 -3.36 0.79
C CYS A 5 3.94 -4.78 0.71
N PRO A 6 3.19 -5.78 1.25
CA PRO A 6 3.62 -7.18 1.22
C PRO A 6 3.66 -7.76 -0.19
N GLU A 7 2.98 -7.10 -1.14
CA GLU A 7 2.94 -7.55 -2.52
C GLU A 7 3.83 -6.70 -3.41
N CYS A 8 3.68 -5.37 -3.32
CA CYS A 8 4.47 -4.45 -4.13
C CYS A 8 5.45 -3.65 -3.26
N PRO A 9 6.40 -2.95 -3.92
CA PRO A 9 7.43 -2.16 -3.25
C PRO A 9 7.05 -0.68 -3.07
N LYS A 10 5.78 -0.39 -2.75
CA LYS A 10 5.34 0.99 -2.56
C LYS A 10 5.75 1.51 -1.18
N ARG A 11 5.88 2.83 -1.06
CA ARG A 11 6.28 3.47 0.20
C ARG A 11 5.48 4.75 0.42
N PHE A 12 4.95 4.92 1.63
CA PHE A 12 4.13 6.09 1.95
C PHE A 12 4.52 6.70 3.28
N MET A 13 4.37 8.02 3.40
CA MET A 13 4.70 8.73 4.63
C MET A 13 3.74 8.35 5.76
N ARG A 14 2.48 8.10 5.40
CA ARG A 14 1.46 7.73 6.38
C ARG A 14 1.24 6.21 6.38
N SER A 15 0.67 5.70 7.47
CA SER A 15 0.40 4.28 7.61
C SER A 15 -0.98 3.92 7.05
N ASP A 16 -1.98 4.73 7.41
CA ASP A 16 -3.35 4.51 6.94
C ASP A 16 -3.46 4.73 5.44
N HIS A 17 -2.85 5.81 4.95
CA HIS A 17 -2.88 6.13 3.52
C HIS A 17 -2.29 4.99 2.70
N LEU A 18 -1.12 4.50 3.13
CA LEU A 18 -0.46 3.40 2.43
C LEU A 18 -1.38 2.19 2.35
N THR A 19 -2.00 1.85 3.48
CA THR A 19 -2.91 0.72 3.52
C THR A 19 -4.08 0.93 2.56
N LEU A 20 -4.49 2.20 2.39
CA LEU A 20 -5.58 2.54 1.48
C LEU A 20 -5.18 2.18 0.04
N HIS A 21 -3.89 2.35 -0.26
CA HIS A 21 -3.36 2.04 -1.57
C HIS A 21 -3.53 0.57 -1.91
N ILE A 22 -3.11 -0.28 -0.97
CA ILE A 22 -3.15 -1.73 -1.14
C ILE A 22 -4.52 -2.27 -1.56
N LEU A 23 -5.57 -1.45 -1.42
CA LEU A 23 -6.91 -1.85 -1.83
C LEU A 23 -6.92 -2.22 -3.33
N LEU A 24 -6.06 -1.58 -4.12
CA LEU A 24 -5.98 -1.85 -5.56
C LEU A 24 -5.69 -3.32 -5.86
N HIS A 25 -4.81 -3.92 -5.06
CA HIS A 25 -4.44 -5.33 -5.22
C HIS A 25 -5.66 -6.25 -5.18
N GLU A 26 -6.68 -5.86 -4.41
CA GLU A 26 -7.91 -6.64 -4.29
C GLU A 26 -8.54 -6.89 -5.66
N ASN A 27 -9.03 -5.82 -6.30
CA ASN A 27 -9.66 -5.91 -7.62
C ASN A 27 -10.07 -4.54 -8.13
N LYS A 28 -9.84 -4.29 -9.42
CA LYS A 28 -10.20 -3.01 -10.04
C LYS A 28 -10.45 -3.19 -11.53
N LYS A 29 -11.63 -2.74 -11.98
CA LYS A 29 -12.00 -2.84 -13.40
C LYS A 29 -12.02 -1.46 -14.06
N TYR A 1 7.97 7.36 3.22
CA TYR A 1 8.37 6.03 2.68
C TYR A 1 8.98 5.15 3.78
N LYS A 2 8.28 5.00 4.89
CA LYS A 2 8.75 4.19 6.01
C LYS A 2 8.18 2.77 5.94
N PHE A 3 6.94 2.63 5.48
CA PHE A 3 6.30 1.33 5.37
C PHE A 3 6.57 0.68 4.01
N ALA A 4 6.17 -0.58 3.88
CA ALA A 4 6.35 -1.33 2.64
C ALA A 4 5.22 -2.34 2.43
N CYS A 5 4.72 -2.42 1.19
CA CYS A 5 3.63 -3.35 0.86
C CYS A 5 4.16 -4.77 0.71
N PRO A 6 3.40 -5.77 1.23
CA PRO A 6 3.79 -7.18 1.14
C PRO A 6 3.66 -7.74 -0.28
N GLU A 7 2.86 -7.07 -1.12
CA GLU A 7 2.64 -7.50 -2.49
C GLU A 7 3.51 -6.71 -3.47
N CYS A 8 3.52 -5.38 -3.32
CA CYS A 8 4.30 -4.50 -4.19
C CYS A 8 5.41 -3.79 -3.42
N PRO A 9 6.32 -3.12 -4.15
CA PRO A 9 7.43 -2.39 -3.56
C PRO A 9 7.11 -0.92 -3.28
N LYS A 10 5.89 -0.64 -2.81
CA LYS A 10 5.48 0.73 -2.50
C LYS A 10 5.95 1.13 -1.10
N ARG A 11 6.02 2.44 -0.87
CA ARG A 11 6.45 2.98 0.42
C ARG A 11 5.73 4.29 0.72
N PHE A 12 5.19 4.40 1.94
CA PHE A 12 4.44 5.59 2.33
C PHE A 12 4.82 6.08 3.72
N MET A 13 4.69 7.39 3.94
CA MET A 13 5.01 7.99 5.24
C MET A 13 3.90 7.73 6.25
N ARG A 14 2.66 7.60 5.75
CA ARG A 14 1.51 7.34 6.61
C ARG A 14 1.14 5.85 6.60
N SER A 15 0.42 5.43 7.64
CA SER A 15 0.00 4.03 7.76
C SER A 15 -1.40 3.83 7.17
N ASP A 16 -2.30 4.76 7.45
CA ASP A 16 -3.67 4.68 6.95
C ASP A 16 -3.71 4.89 5.44
N HIS A 17 -3.07 5.95 4.97
CA HIS A 17 -3.02 6.26 3.54
C HIS A 17 -2.39 5.11 2.77
N LEU A 18 -1.29 4.56 3.30
CA LEU A 18 -0.61 3.45 2.66
C LEU A 18 -1.54 2.27 2.48
N THR A 19 -2.26 1.93 3.56
CA THR A 19 -3.20 0.82 3.51
C THR A 19 -4.28 1.08 2.47
N LEU A 20 -4.65 2.36 2.28
CA LEU A 20 -5.65 2.73 1.29
C LEU A 20 -5.19 2.27 -0.09
N HIS A 21 -3.90 2.49 -0.38
CA HIS A 21 -3.30 2.09 -1.64
C HIS A 21 -3.55 0.62 -1.93
N ILE A 22 -3.20 -0.22 -0.96
CA ILE A 22 -3.29 -1.67 -1.10
C ILE A 22 -4.68 -2.15 -1.55
N LEU A 23 -5.70 -1.28 -1.49
CA LEU A 23 -7.03 -1.64 -1.94
C LEU A 23 -7.00 -2.07 -3.41
N LEU A 24 -6.07 -1.49 -4.19
CA LEU A 24 -5.91 -1.82 -5.61
C LEU A 24 -5.57 -3.30 -5.82
N HIS A 25 -4.79 -3.86 -4.88
CA HIS A 25 -4.36 -5.26 -4.97
C HIS A 25 -5.55 -6.22 -5.04
N GLU A 26 -6.69 -5.84 -4.46
CA GLU A 26 -7.89 -6.69 -4.49
C GLU A 26 -8.35 -6.95 -5.92
N ASN A 27 -8.13 -5.98 -6.82
CA ASN A 27 -8.52 -6.11 -8.21
C ASN A 27 -7.43 -5.55 -9.13
N LYS A 28 -6.60 -6.45 -9.66
CA LYS A 28 -5.50 -6.07 -10.55
C LYS A 28 -6.00 -5.93 -11.99
N LYS A 29 -5.78 -4.76 -12.58
CA LYS A 29 -6.18 -4.49 -13.96
C LYS A 29 -5.13 -4.97 -14.95
N TYR A 1 12.36 4.36 4.17
CA TYR A 1 10.89 4.52 4.13
C TYR A 1 10.23 4.09 5.45
N LYS A 2 8.95 4.39 5.59
CA LYS A 2 8.20 4.03 6.80
C LYS A 2 7.60 2.63 6.68
N PHE A 3 6.71 2.44 5.70
CA PHE A 3 6.07 1.14 5.49
C PHE A 3 6.34 0.62 4.08
N ALA A 4 6.11 -0.68 3.89
CA ALA A 4 6.31 -1.33 2.59
C ALA A 4 5.20 -2.33 2.30
N CYS A 5 4.75 -2.38 1.05
CA CYS A 5 3.68 -3.29 0.65
C CYS A 5 4.21 -4.72 0.50
N PRO A 6 3.44 -5.72 0.97
CA PRO A 6 3.82 -7.13 0.86
C PRO A 6 3.69 -7.67 -0.57
N GLU A 7 2.92 -6.97 -1.41
CA GLU A 7 2.72 -7.38 -2.79
C GLU A 7 3.59 -6.57 -3.76
N CYS A 8 3.58 -5.25 -3.60
CA CYS A 8 4.36 -4.36 -4.46
C CYS A 8 5.46 -3.64 -3.68
N PRO A 9 6.37 -2.94 -4.40
CA PRO A 9 7.48 -2.22 -3.79
C PRO A 9 7.15 -0.76 -3.46
N LYS A 10 5.91 -0.50 -3.01
CA LYS A 10 5.51 0.86 -2.65
C LYS A 10 5.93 1.19 -1.22
N ARG A 11 6.02 2.49 -0.93
CA ARG A 11 6.43 2.96 0.39
C ARG A 11 5.71 4.26 0.74
N PHE A 12 5.15 4.32 1.94
CA PHE A 12 4.40 5.51 2.38
C PHE A 12 4.73 5.87 3.83
N MET A 13 4.79 7.17 4.10
CA MET A 13 5.08 7.67 5.45
C MET A 13 3.89 7.45 6.39
N ARG A 14 2.68 7.37 5.83
CA ARG A 14 1.47 7.17 6.62
C ARG A 14 1.03 5.72 6.58
N SER A 15 0.26 5.31 7.59
CA SER A 15 -0.22 3.93 7.68
C SER A 15 -1.60 3.79 7.01
N ASP A 16 -2.49 4.75 7.27
CA ASP A 16 -3.84 4.73 6.70
C ASP A 16 -3.80 4.98 5.19
N HIS A 17 -3.07 6.02 4.78
CA HIS A 17 -2.94 6.37 3.37
C HIS A 17 -2.32 5.21 2.59
N LEU A 18 -1.26 4.62 3.15
CA LEU A 18 -0.59 3.49 2.53
C LEU A 18 -1.56 2.34 2.30
N THR A 19 -2.33 2.02 3.34
CA THR A 19 -3.31 0.94 3.25
C THR A 19 -4.35 1.25 2.17
N LEU A 20 -4.65 2.54 1.98
CA LEU A 20 -5.60 2.96 0.97
C LEU A 20 -5.13 2.51 -0.41
N HIS A 21 -3.81 2.57 -0.61
CA HIS A 21 -3.19 2.16 -1.85
C HIS A 21 -3.40 0.67 -2.12
N ILE A 22 -3.06 -0.13 -1.11
CA ILE A 22 -3.16 -1.59 -1.22
C ILE A 22 -4.54 -2.06 -1.64
N LEU A 23 -5.56 -1.19 -1.56
CA LEU A 23 -6.90 -1.56 -1.98
C LEU A 23 -6.88 -2.11 -3.41
N LEU A 24 -5.95 -1.60 -4.24
CA LEU A 24 -5.82 -2.06 -5.62
C LEU A 24 -5.56 -3.57 -5.67
N HIS A 25 -4.71 -4.06 -4.74
CA HIS A 25 -4.38 -5.48 -4.67
C HIS A 25 -5.61 -6.31 -4.31
N GLU A 26 -6.40 -5.82 -3.36
CA GLU A 26 -7.61 -6.52 -2.91
C GLU A 26 -8.57 -6.75 -4.08
N ASN A 27 -8.78 -5.71 -4.89
CA ASN A 27 -9.67 -5.81 -6.05
C ASN A 27 -8.97 -6.49 -7.22
N LYS A 28 -9.72 -7.27 -7.98
CA LYS A 28 -9.17 -7.98 -9.14
C LYS A 28 -9.68 -7.39 -10.45
N LYS A 29 -8.81 -7.38 -11.46
CA LYS A 29 -9.16 -6.84 -12.78
C LYS A 29 -8.68 -7.76 -13.91
N TYR A 1 8.37 6.93 3.45
CA TYR A 1 8.70 5.58 2.90
C TYR A 1 9.10 4.60 4.01
N LYS A 2 8.48 4.75 5.18
CA LYS A 2 8.77 3.87 6.32
C LYS A 2 8.16 2.48 6.14
N PHE A 3 6.91 2.43 5.65
CA PHE A 3 6.23 1.17 5.44
C PHE A 3 6.48 0.62 4.04
N ALA A 4 6.07 -0.63 3.82
CA ALA A 4 6.24 -1.29 2.53
C ALA A 4 5.15 -2.34 2.30
N CYS A 5 4.63 -2.39 1.07
CA CYS A 5 3.58 -3.34 0.72
C CYS A 5 4.14 -4.76 0.60
N PRO A 6 3.42 -5.77 1.11
CA PRO A 6 3.84 -7.17 1.04
C PRO A 6 3.76 -7.76 -0.37
N GLU A 7 3.02 -7.08 -1.25
CA GLU A 7 2.85 -7.53 -2.64
C GLU A 7 3.70 -6.71 -3.60
N CYS A 8 3.64 -5.37 -3.47
CA CYS A 8 4.39 -4.48 -4.32
C CYS A 8 5.48 -3.73 -3.55
N PRO A 9 6.38 -3.04 -4.27
CA PRO A 9 7.48 -2.29 -3.65
C PRO A 9 7.13 -0.83 -3.35
N LYS A 10 5.90 -0.57 -2.91
CA LYS A 10 5.48 0.80 -2.58
C LYS A 10 5.93 1.17 -1.17
N ARG A 11 6.05 2.48 -0.92
CA ARG A 11 6.48 2.99 0.38
C ARG A 11 5.74 4.29 0.71
N PHE A 12 5.20 4.39 1.92
CA PHE A 12 4.45 5.57 2.33
C PHE A 12 4.83 6.03 3.73
N MET A 13 4.58 7.31 4.01
CA MET A 13 4.88 7.90 5.32
C MET A 13 3.72 7.69 6.29
N ARG A 14 2.50 7.53 5.76
CA ARG A 14 1.31 7.32 6.59
C ARG A 14 0.94 5.84 6.65
N SER A 15 0.13 5.49 7.64
CA SER A 15 -0.32 4.11 7.81
C SER A 15 -1.67 3.87 7.15
N ASP A 16 -2.57 4.85 7.29
CA ASP A 16 -3.91 4.75 6.71
C ASP A 16 -3.87 5.01 5.21
N HIS A 17 -3.03 5.94 4.77
CA HIS A 17 -2.88 6.26 3.35
C HIS A 17 -2.26 5.09 2.61
N LEU A 18 -1.21 4.51 3.18
CA LEU A 18 -0.53 3.37 2.58
C LEU A 18 -1.50 2.21 2.42
N THR A 19 -2.24 1.92 3.49
CA THR A 19 -3.20 0.84 3.46
C THR A 19 -4.27 1.11 2.40
N LEU A 20 -4.59 2.40 2.20
CA LEU A 20 -5.57 2.80 1.20
C LEU A 20 -5.11 2.33 -0.18
N HIS A 21 -3.81 2.50 -0.43
CA HIS A 21 -3.20 2.08 -1.69
C HIS A 21 -3.41 0.59 -1.95
N ILE A 22 -3.07 -0.21 -0.94
CA ILE A 22 -3.13 -1.66 -1.05
C ILE A 22 -4.52 -2.18 -1.48
N LEU A 23 -5.55 -1.33 -1.39
CA LEU A 23 -6.88 -1.71 -1.83
C LEU A 23 -6.87 -2.10 -3.31
N LEU A 24 -5.93 -1.51 -4.07
CA LEU A 24 -5.78 -1.80 -5.50
C LEU A 24 -5.62 -3.30 -5.74
N HIS A 25 -4.72 -3.92 -4.95
CA HIS A 25 -4.45 -5.35 -5.05
C HIS A 25 -5.71 -6.19 -4.87
N GLU A 26 -6.59 -5.75 -3.95
CA GLU A 26 -7.84 -6.46 -3.69
C GLU A 26 -8.74 -6.45 -4.93
N ASN A 27 -9.14 -5.25 -5.35
CA ASN A 27 -10.01 -5.09 -6.53
C ASN A 27 -10.20 -3.62 -6.89
N LYS A 28 -10.71 -3.38 -8.09
CA LYS A 28 -10.96 -2.02 -8.57
C LYS A 28 -12.45 -1.67 -8.48
N LYS A 29 -13.27 -2.47 -9.15
CA LYS A 29 -14.72 -2.25 -9.15
C LYS A 29 -15.48 -3.56 -9.37
N TYR A 1 8.77 7.33 3.69
CA TYR A 1 8.79 5.89 3.32
C TYR A 1 9.12 5.02 4.53
N LYS A 2 8.16 4.86 5.44
CA LYS A 2 8.34 4.07 6.65
C LYS A 2 7.84 2.63 6.46
N PHE A 3 6.77 2.46 5.68
CA PHE A 3 6.19 1.15 5.45
C PHE A 3 6.53 0.61 4.06
N ALA A 4 6.15 -0.64 3.82
CA ALA A 4 6.39 -1.29 2.53
C ALA A 4 5.33 -2.36 2.27
N CYS A 5 4.74 -2.33 1.07
CA CYS A 5 3.70 -3.30 0.70
C CYS A 5 4.29 -4.72 0.59
N PRO A 6 3.55 -5.72 1.09
CA PRO A 6 3.98 -7.12 1.05
C PRO A 6 3.90 -7.72 -0.37
N GLU A 7 3.11 -7.09 -1.24
CA GLU A 7 2.94 -7.58 -2.61
C GLU A 7 3.76 -6.74 -3.59
N CYS A 8 3.66 -5.42 -3.48
CA CYS A 8 4.39 -4.52 -4.37
C CYS A 8 5.50 -3.76 -3.63
N PRO A 9 6.37 -3.06 -4.38
CA PRO A 9 7.48 -2.30 -3.82
C PRO A 9 7.13 -0.83 -3.52
N LYS A 10 5.95 -0.60 -2.95
CA LYS A 10 5.52 0.75 -2.61
C LYS A 10 5.97 1.12 -1.19
N ARG A 11 6.04 2.43 -0.93
CA ARG A 11 6.45 2.94 0.37
C ARG A 11 5.72 4.24 0.69
N PHE A 12 5.18 4.33 1.91
CA PHE A 12 4.43 5.51 2.31
C PHE A 12 4.81 5.98 3.72
N MET A 13 4.58 7.27 3.98
CA MET A 13 4.88 7.87 5.28
C MET A 13 3.78 7.60 6.30
N ARG A 14 2.53 7.46 5.81
CA ARG A 14 1.40 7.19 6.69
C ARG A 14 1.03 5.70 6.69
N SER A 15 0.24 5.29 7.68
CA SER A 15 -0.20 3.90 7.80
C SER A 15 -1.56 3.71 7.14
N ASP A 16 -2.47 4.66 7.35
CA ASP A 16 -3.81 4.58 6.77
C ASP A 16 -3.77 4.88 5.28
N HIS A 17 -3.00 5.91 4.90
CA HIS A 17 -2.86 6.28 3.49
C HIS A 17 -2.26 5.14 2.69
N LEU A 18 -1.21 4.53 3.23
CA LEU A 18 -0.55 3.41 2.57
C LEU A 18 -1.54 2.28 2.33
N THR A 19 -2.30 1.94 3.36
CA THR A 19 -3.29 0.88 3.25
C THR A 19 -4.33 1.22 2.18
N LEU A 20 -4.63 2.51 2.02
CA LEU A 20 -5.58 2.96 1.01
C LEU A 20 -5.10 2.52 -0.38
N HIS A 21 -3.78 2.57 -0.58
CA HIS A 21 -3.16 2.16 -1.82
C HIS A 21 -3.41 0.69 -2.10
N ILE A 22 -3.10 -0.13 -1.10
CA ILE A 22 -3.22 -1.58 -1.21
C ILE A 22 -4.63 -2.04 -1.63
N LEU A 23 -5.61 -1.13 -1.57
CA LEU A 23 -6.97 -1.45 -1.99
C LEU A 23 -6.96 -1.99 -3.43
N LEU A 24 -6.05 -1.46 -4.26
CA LEU A 24 -5.93 -1.90 -5.66
C LEU A 24 -5.69 -3.42 -5.74
N HIS A 25 -4.83 -3.93 -4.85
CA HIS A 25 -4.50 -5.36 -4.82
C HIS A 25 -5.76 -6.19 -4.53
N GLU A 26 -6.56 -5.74 -3.57
CA GLU A 26 -7.79 -6.44 -3.20
C GLU A 26 -8.70 -6.64 -4.42
N ASN A 27 -8.82 -5.61 -5.25
CA ASN A 27 -9.65 -5.66 -6.44
C ASN A 27 -8.89 -6.30 -7.60
N LYS A 28 -9.63 -6.87 -8.55
CA LYS A 28 -9.04 -7.52 -9.71
C LYS A 28 -9.03 -6.58 -10.92
N LYS A 29 -7.84 -6.19 -11.36
CA LYS A 29 -7.68 -5.30 -12.51
C LYS A 29 -7.50 -6.08 -13.80
N TYR A 1 11.71 5.43 4.47
CA TYR A 1 10.26 5.07 4.35
C TYR A 1 9.74 4.48 5.66
N LYS A 2 8.45 4.73 5.94
CA LYS A 2 7.82 4.22 7.15
C LYS A 2 7.34 2.79 6.97
N PHE A 3 6.53 2.57 5.92
CA PHE A 3 5.99 1.25 5.63
C PHE A 3 6.36 0.77 4.23
N ALA A 4 6.00 -0.47 3.92
CA ALA A 4 6.28 -1.06 2.61
C ALA A 4 5.26 -2.16 2.29
N CYS A 5 4.75 -2.16 1.05
CA CYS A 5 3.76 -3.16 0.63
C CYS A 5 4.38 -4.55 0.57
N PRO A 6 3.67 -5.56 1.10
CA PRO A 6 4.14 -6.95 1.09
C PRO A 6 4.04 -7.60 -0.30
N GLU A 7 3.21 -7.01 -1.17
CA GLU A 7 3.03 -7.53 -2.53
C GLU A 7 3.82 -6.71 -3.55
N CYS A 8 3.68 -5.39 -3.50
CA CYS A 8 4.38 -4.51 -4.44
C CYS A 8 5.52 -3.75 -3.75
N PRO A 9 6.35 -3.04 -4.53
CA PRO A 9 7.48 -2.29 -4.01
C PRO A 9 7.16 -0.82 -3.68
N LYS A 10 5.96 -0.59 -3.12
CA LYS A 10 5.56 0.76 -2.75
C LYS A 10 5.99 1.09 -1.32
N ARG A 11 6.09 2.39 -1.03
CA ARG A 11 6.51 2.85 0.30
C ARG A 11 5.77 4.15 0.66
N PHE A 12 5.22 4.20 1.88
CA PHE A 12 4.47 5.37 2.31
C PHE A 12 4.82 5.77 3.75
N MET A 13 4.83 7.07 4.00
CA MET A 13 5.13 7.59 5.34
C MET A 13 3.96 7.35 6.30
N ARG A 14 2.74 7.27 5.76
CA ARG A 14 1.55 7.03 6.57
C ARG A 14 1.13 5.56 6.51
N SER A 15 0.37 5.15 7.51
CA SER A 15 -0.13 3.77 7.59
C SER A 15 -1.51 3.66 6.94
N ASP A 16 -2.38 4.62 7.25
CA ASP A 16 -3.74 4.65 6.71
C ASP A 16 -3.71 4.91 5.21
N HIS A 17 -2.95 5.94 4.80
CA HIS A 17 -2.84 6.30 3.38
C HIS A 17 -2.23 5.15 2.58
N LEU A 18 -1.22 4.51 3.15
CA LEU A 18 -0.56 3.38 2.51
C LEU A 18 -1.54 2.26 2.26
N THR A 19 -2.33 1.94 3.29
CA THR A 19 -3.32 0.87 3.17
C THR A 19 -4.35 1.23 2.10
N LEU A 20 -4.63 2.53 1.94
CA LEU A 20 -5.57 2.99 0.92
C LEU A 20 -5.09 2.56 -0.47
N HIS A 21 -3.77 2.52 -0.64
CA HIS A 21 -3.16 2.10 -1.89
C HIS A 21 -3.39 0.62 -2.13
N ILE A 22 -3.12 -0.17 -1.11
CA ILE A 22 -3.24 -1.63 -1.20
C ILE A 22 -4.69 -2.08 -1.50
N LEU A 23 -5.64 -1.14 -1.46
CA LEU A 23 -7.03 -1.46 -1.76
C LEU A 23 -7.18 -1.96 -3.20
N LEU A 24 -6.37 -1.41 -4.12
CA LEU A 24 -6.44 -1.84 -5.53
C LEU A 24 -5.99 -3.29 -5.70
N HIS A 25 -5.06 -3.75 -4.86
CA HIS A 25 -4.56 -5.12 -4.91
C HIS A 25 -5.68 -6.12 -4.67
N GLU A 26 -6.38 -5.97 -3.55
CA GLU A 26 -7.49 -6.87 -3.20
C GLU A 26 -8.70 -6.60 -4.09
N ASN A 27 -9.11 -5.34 -4.17
CA ASN A 27 -10.26 -4.94 -4.99
C ASN A 27 -9.82 -3.99 -6.10
N LYS A 28 -9.70 -4.52 -7.32
CA LYS A 28 -9.30 -3.72 -8.47
C LYS A 28 -10.35 -2.66 -8.80
N LYS A 29 -9.93 -1.40 -8.79
CA LYS A 29 -10.83 -0.28 -9.09
C LYS A 29 -10.57 0.28 -10.47
N TYR A 1 8.73 7.58 3.17
CA TYR A 1 8.68 6.13 2.83
C TYR A 1 9.15 5.28 4.01
N LYS A 2 8.28 5.12 5.01
CA LYS A 2 8.61 4.35 6.20
C LYS A 2 8.12 2.90 6.07
N PHE A 3 6.89 2.73 5.60
CA PHE A 3 6.31 1.41 5.45
C PHE A 3 6.59 0.83 4.07
N ALA A 4 6.28 -0.46 3.90
CA ALA A 4 6.49 -1.16 2.64
C ALA A 4 5.42 -2.24 2.44
N CYS A 5 4.82 -2.27 1.25
CA CYS A 5 3.77 -3.25 0.93
C CYS A 5 4.34 -4.66 0.85
N PRO A 6 3.63 -5.64 1.43
CA PRO A 6 4.06 -7.04 1.42
C PRO A 6 3.91 -7.69 0.03
N GLU A 7 3.05 -7.10 -0.81
CA GLU A 7 2.80 -7.62 -2.14
C GLU A 7 3.61 -6.85 -3.20
N CYS A 8 3.54 -5.51 -3.14
CA CYS A 8 4.27 -4.68 -4.09
C CYS A 8 5.41 -3.92 -3.41
N PRO A 9 6.28 -3.27 -4.22
CA PRO A 9 7.42 -2.52 -3.72
C PRO A 9 7.10 -1.04 -3.46
N LYS A 10 5.90 -0.76 -2.94
CA LYS A 10 5.50 0.61 -2.65
C LYS A 10 5.92 1.01 -1.23
N ARG A 11 5.98 2.31 -0.99
CA ARG A 11 6.36 2.86 0.30
C ARG A 11 5.58 4.13 0.58
N PHE A 12 5.17 4.31 1.84
CA PHE A 12 4.38 5.47 2.22
C PHE A 12 4.77 6.00 3.61
N MET A 13 4.68 7.31 3.78
CA MET A 13 5.01 7.95 5.05
C MET A 13 3.91 7.72 6.08
N ARG A 14 2.67 7.54 5.59
CA ARG A 14 1.52 7.31 6.47
C ARG A 14 1.17 5.82 6.54
N SER A 15 0.47 5.44 7.60
CA SER A 15 0.06 4.05 7.80
C SER A 15 -1.32 3.79 7.21
N ASP A 16 -2.26 4.70 7.47
CA ASP A 16 -3.63 4.56 6.98
C ASP A 16 -3.68 4.77 5.46
N HIS A 17 -3.03 5.84 4.99
CA HIS A 17 -2.99 6.14 3.56
C HIS A 17 -2.35 4.99 2.78
N LEU A 18 -1.27 4.43 3.33
CA LEU A 18 -0.58 3.32 2.70
C LEU A 18 -1.53 2.15 2.49
N THR A 19 -2.26 1.80 3.55
CA THR A 19 -3.21 0.71 3.49
C THR A 19 -4.28 1.01 2.46
N LEU A 20 -4.63 2.30 2.32
CA LEU A 20 -5.62 2.72 1.33
C LEU A 20 -5.18 2.26 -0.06
N HIS A 21 -3.88 2.42 -0.33
CA HIS A 21 -3.29 2.01 -1.60
C HIS A 21 -3.56 0.55 -1.88
N ILE A 22 -3.32 -0.29 -0.89
CA ILE A 22 -3.47 -1.73 -1.02
C ILE A 22 -4.93 -2.18 -1.32
N LEU A 23 -5.86 -1.22 -1.39
CA LEU A 23 -7.24 -1.55 -1.72
C LEU A 23 -7.36 -1.92 -3.20
N LEU A 24 -6.53 -1.29 -4.05
CA LEU A 24 -6.55 -1.57 -5.49
C LEU A 24 -5.87 -2.91 -5.81
N HIS A 25 -5.10 -3.45 -4.85
CA HIS A 25 -4.40 -4.72 -5.05
C HIS A 25 -5.38 -5.85 -5.42
N GLU A 26 -6.59 -5.81 -4.87
CA GLU A 26 -7.60 -6.82 -5.16
C GLU A 26 -7.87 -6.94 -6.66
N ASN A 27 -7.77 -5.80 -7.36
CA ASN A 27 -8.00 -5.77 -8.81
C ASN A 27 -6.69 -6.04 -9.56
N LYS A 28 -6.79 -6.79 -10.66
CA LYS A 28 -5.63 -7.12 -11.48
C LYS A 28 -5.23 -5.95 -12.38
N LYS A 29 -3.95 -5.88 -12.73
CA LYS A 29 -3.43 -4.82 -13.58
C LYS A 29 -3.97 -4.95 -15.01
N TYR A 1 12.24 2.75 4.51
CA TYR A 1 11.08 3.68 4.56
C TYR A 1 10.14 3.37 5.72
N LYS A 2 9.06 4.14 5.84
CA LYS A 2 8.08 3.94 6.91
C LYS A 2 7.44 2.56 6.82
N PHE A 3 6.79 2.28 5.67
CA PHE A 3 6.13 1.00 5.47
C PHE A 3 6.53 0.38 4.14
N ALA A 4 6.10 -0.86 3.91
CA ALA A 4 6.39 -1.59 2.68
C ALA A 4 5.26 -2.56 2.34
N CYS A 5 4.72 -2.45 1.12
CA CYS A 5 3.64 -3.32 0.68
C CYS A 5 4.11 -4.76 0.48
N PRO A 6 3.33 -5.74 0.94
CA PRO A 6 3.67 -7.17 0.79
C PRO A 6 3.53 -7.67 -0.66
N GLU A 7 2.77 -6.92 -1.47
CA GLU A 7 2.56 -7.29 -2.86
C GLU A 7 3.46 -6.50 -3.81
N CYS A 8 3.56 -5.19 -3.58
CA CYS A 8 4.39 -4.33 -4.43
C CYS A 8 5.46 -3.60 -3.61
N PRO A 9 6.40 -2.93 -4.31
CA PRO A 9 7.50 -2.20 -3.68
C PRO A 9 7.18 -0.72 -3.41
N LYS A 10 5.94 -0.44 -2.98
CA LYS A 10 5.54 0.94 -2.69
C LYS A 10 5.98 1.34 -1.27
N ARG A 11 6.03 2.64 -1.02
CA ARG A 11 6.45 3.16 0.28
C ARG A 11 5.68 4.43 0.64
N PHE A 12 5.15 4.48 1.86
CA PHE A 12 4.37 5.63 2.31
C PHE A 12 4.71 6.02 3.75
N MET A 13 4.68 7.32 4.03
CA MET A 13 4.99 7.83 5.37
C MET A 13 3.82 7.59 6.33
N ARG A 14 2.61 7.47 5.78
CA ARG A 14 1.41 7.24 6.60
C ARG A 14 1.02 5.76 6.58
N SER A 15 0.26 5.35 7.58
CA SER A 15 -0.20 3.97 7.69
C SER A 15 -1.56 3.78 7.01
N ASP A 16 -2.48 4.73 7.27
CA ASP A 16 -3.82 4.66 6.69
C ASP A 16 -3.77 4.93 5.19
N HIS A 17 -3.03 5.97 4.79
CA HIS A 17 -2.90 6.33 3.38
C HIS A 17 -2.30 5.18 2.58
N LEU A 18 -1.23 4.59 3.13
CA LEU A 18 -0.56 3.47 2.48
C LEU A 18 -1.54 2.32 2.26
N THR A 19 -2.29 1.99 3.31
CA THR A 19 -3.28 0.92 3.23
C THR A 19 -4.32 1.23 2.16
N LEU A 20 -4.64 2.51 1.98
CA LEU A 20 -5.60 2.93 0.97
C LEU A 20 -5.12 2.49 -0.41
N HIS A 21 -3.81 2.58 -0.63
CA HIS A 21 -3.19 2.17 -1.89
C HIS A 21 -3.39 0.70 -2.14
N ILE A 22 -3.04 -0.11 -1.14
CA ILE A 22 -3.13 -1.57 -1.24
C ILE A 22 -4.52 -2.06 -1.63
N LEU A 23 -5.52 -1.18 -1.57
CA LEU A 23 -6.87 -1.55 -1.97
C LEU A 23 -6.86 -2.15 -3.39
N LEU A 24 -5.96 -1.62 -4.24
CA LEU A 24 -5.84 -2.12 -5.62
C LEU A 24 -5.55 -3.62 -5.65
N HIS A 25 -4.68 -4.08 -4.74
CA HIS A 25 -4.33 -5.50 -4.67
C HIS A 25 -5.54 -6.35 -4.27
N GLU A 26 -6.28 -5.89 -3.25
CA GLU A 26 -7.47 -6.59 -2.78
C GLU A 26 -8.57 -6.58 -3.84
N ASN A 27 -9.05 -5.40 -4.18
CA ASN A 27 -10.10 -5.24 -5.18
C ASN A 27 -9.54 -4.66 -6.48
N LYS A 28 -9.72 -5.40 -7.57
CA LYS A 28 -9.23 -4.96 -8.88
C LYS A 28 -10.12 -5.49 -10.00
N LYS A 29 -10.77 -4.56 -10.71
CA LYS A 29 -11.67 -4.93 -11.81
C LYS A 29 -10.92 -4.93 -13.15
N TYR A 1 10.44 6.35 3.59
CA TYR A 1 9.72 5.06 3.43
C TYR A 1 9.48 4.39 4.79
N LYS A 2 8.41 4.80 5.47
CA LYS A 2 8.06 4.26 6.78
C LYS A 2 7.56 2.82 6.66
N PHE A 3 6.65 2.58 5.73
CA PHE A 3 6.09 1.25 5.52
C PHE A 3 6.43 0.71 4.13
N ALA A 4 6.07 -0.55 3.90
CA ALA A 4 6.31 -1.21 2.62
C ALA A 4 5.24 -2.25 2.33
N CYS A 5 4.75 -2.29 1.09
CA CYS A 5 3.71 -3.23 0.69
C CYS A 5 4.26 -4.65 0.57
N PRO A 6 3.51 -5.65 1.05
CA PRO A 6 3.91 -7.06 0.98
C PRO A 6 3.78 -7.64 -0.44
N GLU A 7 2.98 -6.97 -1.29
CA GLU A 7 2.76 -7.42 -2.66
C GLU A 7 3.62 -6.64 -3.65
N CYS A 8 3.61 -5.31 -3.51
CA CYS A 8 4.37 -4.43 -4.41
C CYS A 8 5.48 -3.69 -3.66
N PRO A 9 6.37 -3.02 -4.41
CA PRO A 9 7.48 -2.28 -3.83
C PRO A 9 7.15 -0.81 -3.51
N LYS A 10 5.93 -0.56 -3.03
CA LYS A 10 5.53 0.81 -2.67
C LYS A 10 5.99 1.15 -1.25
N ARG A 11 6.08 2.45 -0.98
CA ARG A 11 6.52 2.93 0.34
C ARG A 11 5.80 4.22 0.71
N PHE A 12 5.26 4.27 1.93
CA PHE A 12 4.52 5.44 2.40
C PHE A 12 4.88 5.80 3.84
N MET A 13 4.85 7.09 4.14
CA MET A 13 5.16 7.58 5.48
C MET A 13 3.96 7.39 6.43
N ARG A 14 2.76 7.29 5.84
CA ARG A 14 1.54 7.10 6.62
C ARG A 14 1.11 5.63 6.61
N SER A 15 0.32 5.24 7.61
CA SER A 15 -0.17 3.88 7.72
C SER A 15 -1.54 3.72 7.06
N ASP A 16 -2.43 4.68 7.32
CA ASP A 16 -3.78 4.65 6.74
C ASP A 16 -3.75 4.91 5.24
N HIS A 17 -3.02 5.97 4.85
CA HIS A 17 -2.89 6.33 3.44
C HIS A 17 -2.29 5.18 2.64
N LEU A 18 -1.24 4.58 3.19
CA LEU A 18 -0.57 3.44 2.54
C LEU A 18 -1.56 2.31 2.30
N THR A 19 -2.33 1.99 3.34
CA THR A 19 -3.32 0.92 3.24
C THR A 19 -4.33 1.23 2.15
N LEU A 20 -4.64 2.53 1.96
CA LEU A 20 -5.58 2.95 0.92
C LEU A 20 -5.10 2.45 -0.44
N HIS A 21 -3.79 2.57 -0.66
CA HIS A 21 -3.15 2.13 -1.89
C HIS A 21 -3.37 0.65 -2.13
N ILE A 22 -3.10 -0.15 -1.11
CA ILE A 22 -3.20 -1.60 -1.21
C ILE A 22 -4.62 -2.08 -1.56
N LEU A 23 -5.60 -1.17 -1.58
CA LEU A 23 -6.97 -1.54 -1.93
C LEU A 23 -7.03 -2.10 -3.36
N LEU A 24 -6.20 -1.55 -4.27
CA LEU A 24 -6.18 -2.04 -5.66
C LEU A 24 -5.79 -3.51 -5.72
N HIS A 25 -4.90 -3.94 -4.83
CA HIS A 25 -4.45 -5.33 -4.79
C HIS A 25 -5.61 -6.28 -4.50
N GLU A 26 -6.48 -5.87 -3.55
CA GLU A 26 -7.63 -6.67 -3.18
C GLU A 26 -8.65 -6.73 -4.30
N ASN A 27 -8.92 -5.57 -4.92
CA ASN A 27 -9.88 -5.48 -6.02
C ASN A 27 -9.27 -4.71 -7.19
N LYS A 28 -8.82 -5.46 -8.20
CA LYS A 28 -8.20 -4.86 -9.39
C LYS A 28 -9.15 -4.96 -10.58
N LYS A 29 -10.32 -4.32 -10.46
CA LYS A 29 -11.32 -4.33 -11.52
C LYS A 29 -11.88 -2.93 -11.76
N TYR A 1 11.82 4.98 4.78
CA TYR A 1 10.38 4.75 4.47
C TYR A 1 9.63 4.27 5.72
N LYS A 2 8.37 4.69 5.83
CA LYS A 2 7.54 4.31 6.98
C LYS A 2 6.92 2.92 6.79
N PHE A 3 6.06 2.79 5.77
CA PHE A 3 5.40 1.52 5.50
C PHE A 3 5.83 0.94 4.15
N ALA A 4 5.52 -0.35 3.95
CA ALA A 4 5.87 -1.05 2.72
C ALA A 4 4.90 -2.20 2.45
N CYS A 5 4.40 -2.28 1.22
CA CYS A 5 3.46 -3.35 0.85
C CYS A 5 4.17 -4.70 0.75
N PRO A 6 3.55 -5.77 1.29
CA PRO A 6 4.11 -7.12 1.26
C PRO A 6 4.02 -7.76 -0.13
N GLU A 7 3.21 -7.16 -1.01
CA GLU A 7 3.03 -7.68 -2.37
C GLU A 7 3.83 -6.85 -3.39
N CYS A 8 3.75 -5.52 -3.27
CA CYS A 8 4.45 -4.63 -4.18
C CYS A 8 5.48 -3.77 -3.43
N PRO A 9 6.36 -3.07 -4.19
CA PRO A 9 7.40 -2.23 -3.62
C PRO A 9 7.00 -0.76 -3.41
N LYS A 10 5.79 -0.53 -2.88
CA LYS A 10 5.33 0.83 -2.62
C LYS A 10 5.73 1.28 -1.21
N ARG A 11 5.96 2.58 -1.06
CA ARG A 11 6.36 3.14 0.24
C ARG A 11 5.62 4.45 0.51
N PHE A 12 5.02 4.57 1.69
CA PHE A 12 4.26 5.76 2.06
C PHE A 12 4.66 6.27 3.43
N MET A 13 4.61 7.59 3.61
CA MET A 13 4.96 8.23 4.88
C MET A 13 3.98 7.85 5.99
N ARG A 14 2.71 7.66 5.61
CA ARG A 14 1.68 7.30 6.58
C ARG A 14 1.37 5.81 6.54
N SER A 15 0.70 5.33 7.58
CA SER A 15 0.34 3.92 7.68
C SER A 15 -1.01 3.67 7.01
N ASP A 16 -1.98 4.54 7.28
CA ASP A 16 -3.32 4.42 6.69
C ASP A 16 -3.29 4.71 5.20
N HIS A 17 -2.37 5.59 4.79
CA HIS A 17 -2.25 5.96 3.38
C HIS A 17 -1.79 4.77 2.55
N LEU A 18 -0.65 4.17 2.93
CA LEU A 18 -0.14 3.01 2.22
C LEU A 18 -1.17 1.88 2.23
N THR A 19 -1.79 1.67 3.39
CA THR A 19 -2.81 0.64 3.52
C THR A 19 -3.99 0.92 2.60
N LEU A 20 -4.30 2.21 2.39
CA LEU A 20 -5.39 2.60 1.50
C LEU A 20 -5.06 2.20 0.07
N HIS A 21 -3.78 2.29 -0.29
CA HIS A 21 -3.29 1.94 -1.61
C HIS A 21 -3.51 0.46 -1.90
N ILE A 22 -3.11 -0.37 -0.96
CA ILE A 22 -3.19 -1.83 -1.10
C ILE A 22 -4.59 -2.31 -1.49
N LEU A 23 -5.61 -1.47 -1.28
CA LEU A 23 -6.97 -1.82 -1.68
C LEU A 23 -7.05 -2.05 -3.19
N LEU A 24 -6.13 -1.42 -3.94
CA LEU A 24 -6.06 -1.57 -5.40
C LEU A 24 -5.86 -3.03 -5.79
N HIS A 25 -4.98 -3.72 -5.04
CA HIS A 25 -4.69 -5.13 -5.30
C HIS A 25 -5.96 -5.99 -5.31
N GLU A 26 -6.93 -5.62 -4.47
CA GLU A 26 -8.19 -6.34 -4.38
C GLU A 26 -9.00 -6.19 -5.68
N ASN A 27 -9.23 -4.94 -6.09
CA ASN A 27 -9.99 -4.66 -7.31
C ASN A 27 -9.34 -3.52 -8.10
N LYS A 28 -9.28 -3.68 -9.42
CA LYS A 28 -8.68 -2.66 -10.29
C LYS A 28 -9.65 -1.52 -10.54
N LYS A 29 -9.12 -0.30 -10.59
CA LYS A 29 -9.93 0.90 -10.83
C LYS A 29 -9.16 1.95 -11.62
N TYR A 1 9.54 7.70 2.88
CA TYR A 1 9.20 6.27 2.75
C TYR A 1 9.41 5.54 4.08
N LYS A 2 8.32 5.38 4.84
CA LYS A 2 8.38 4.72 6.14
C LYS A 2 8.01 3.23 6.03
N PHE A 3 6.79 2.96 5.60
CA PHE A 3 6.30 1.59 5.45
C PHE A 3 6.56 1.04 4.05
N ALA A 4 6.21 -0.24 3.86
CA ALA A 4 6.39 -0.91 2.59
C ALA A 4 5.35 -2.02 2.42
N CYS A 5 4.85 -2.19 1.20
CA CYS A 5 3.84 -3.22 0.92
C CYS A 5 4.47 -4.61 0.87
N PRO A 6 3.80 -5.61 1.47
CA PRO A 6 4.29 -7.00 1.48
C PRO A 6 4.10 -7.70 0.12
N GLU A 7 3.21 -7.16 -0.71
CA GLU A 7 2.93 -7.73 -2.03
C GLU A 7 3.68 -6.97 -3.13
N CYS A 8 3.58 -5.64 -3.12
CA CYS A 8 4.26 -4.81 -4.12
C CYS A 8 5.38 -4.00 -3.49
N PRO A 9 6.19 -3.33 -4.33
CA PRO A 9 7.32 -2.52 -3.88
C PRO A 9 6.95 -1.07 -3.60
N LYS A 10 5.81 -0.84 -2.96
CA LYS A 10 5.37 0.51 -2.63
C LYS A 10 5.90 0.93 -1.25
N ARG A 11 5.90 2.23 -1.01
CA ARG A 11 6.39 2.78 0.26
C ARG A 11 5.67 4.08 0.61
N PHE A 12 5.15 4.17 1.84
CA PHE A 12 4.41 5.35 2.27
C PHE A 12 4.81 5.78 3.68
N MET A 13 4.81 7.10 3.91
CA MET A 13 5.15 7.65 5.21
C MET A 13 4.01 7.47 6.22
N ARG A 14 2.78 7.34 5.71
CA ARG A 14 1.61 7.15 6.56
C ARG A 14 1.20 5.68 6.61
N SER A 15 0.46 5.31 7.66
CA SER A 15 0.00 3.94 7.84
C SER A 15 -1.38 3.74 7.22
N ASP A 16 -2.30 4.69 7.50
CA ASP A 16 -3.66 4.61 6.98
C ASP A 16 -3.68 4.82 5.46
N HIS A 17 -3.02 5.88 5.01
CA HIS A 17 -2.95 6.19 3.57
C HIS A 17 -2.33 5.03 2.81
N LEU A 18 -1.25 4.47 3.35
CA LEU A 18 -0.57 3.35 2.73
C LEU A 18 -1.53 2.18 2.52
N THR A 19 -2.29 1.86 3.56
CA THR A 19 -3.25 0.78 3.49
C THR A 19 -4.32 1.08 2.43
N LEU A 20 -4.65 2.37 2.26
CA LEU A 20 -5.63 2.79 1.26
C LEU A 20 -5.17 2.35 -0.12
N HIS A 21 -3.84 2.35 -0.33
CA HIS A 21 -3.24 1.94 -1.58
C HIS A 21 -3.54 0.48 -1.88
N ILE A 22 -3.34 -0.36 -0.87
CA ILE A 22 -3.52 -1.80 -0.99
C ILE A 22 -4.97 -2.19 -1.33
N LEU A 23 -5.88 -1.22 -1.41
CA LEU A 23 -7.26 -1.51 -1.77
C LEU A 23 -7.36 -1.88 -3.25
N LEU A 24 -6.50 -1.28 -4.09
CA LEU A 24 -6.49 -1.56 -5.53
C LEU A 24 -5.85 -2.93 -5.83
N HIS A 25 -5.10 -3.47 -4.85
CA HIS A 25 -4.43 -4.77 -5.03
C HIS A 25 -5.43 -5.85 -5.46
N GLU A 26 -6.65 -5.78 -4.91
CA GLU A 26 -7.69 -6.75 -5.25
C GLU A 26 -8.04 -6.69 -6.74
N ASN A 27 -8.24 -5.47 -7.25
CA ASN A 27 -8.57 -5.26 -8.64
C ASN A 27 -8.08 -3.89 -9.13
N LYS A 28 -6.85 -3.85 -9.66
CA LYS A 28 -6.27 -2.61 -10.14
C LYS A 28 -6.47 -2.45 -11.65
N LYS A 29 -6.58 -1.20 -12.10
CA LYS A 29 -6.78 -0.91 -13.53
C LYS A 29 -5.47 -1.09 -14.30
N TYR A 1 10.98 6.57 3.63
CA TYR A 1 10.35 5.22 3.53
C TYR A 1 10.01 4.67 4.91
N LYS A 2 8.73 4.74 5.26
CA LYS A 2 8.26 4.26 6.57
C LYS A 2 7.75 2.82 6.47
N PHE A 3 6.73 2.60 5.64
CA PHE A 3 6.14 1.28 5.47
C PHE A 3 6.45 0.70 4.08
N ALA A 4 6.03 -0.55 3.86
CA ALA A 4 6.25 -1.22 2.59
C ALA A 4 5.16 -2.26 2.32
N CYS A 5 4.68 -2.32 1.08
CA CYS A 5 3.65 -3.27 0.70
C CYS A 5 4.20 -4.68 0.58
N PRO A 6 3.46 -5.70 1.08
CA PRO A 6 3.89 -7.09 1.02
C PRO A 6 3.77 -7.69 -0.40
N GLU A 7 3.00 -7.03 -1.26
CA GLU A 7 2.81 -7.48 -2.63
C GLU A 7 3.66 -6.68 -3.61
N CYS A 8 3.63 -5.35 -3.49
CA CYS A 8 4.40 -4.47 -4.38
C CYS A 8 5.48 -3.71 -3.61
N PRO A 9 6.39 -3.04 -4.36
CA PRO A 9 7.49 -2.28 -3.77
C PRO A 9 7.15 -0.81 -3.49
N LYS A 10 5.97 -0.57 -2.89
CA LYS A 10 5.55 0.79 -2.56
C LYS A 10 5.92 1.15 -1.13
N ARG A 11 6.13 2.43 -0.89
CA ARG A 11 6.48 2.94 0.43
C ARG A 11 5.71 4.21 0.75
N PHE A 12 5.20 4.30 1.98
CA PHE A 12 4.43 5.46 2.40
C PHE A 12 4.78 5.88 3.82
N MET A 13 4.75 7.20 4.06
CA MET A 13 5.04 7.74 5.38
C MET A 13 3.89 7.50 6.35
N ARG A 14 2.68 7.39 5.81
CA ARG A 14 1.48 7.16 6.62
C ARG A 14 1.08 5.68 6.59
N SER A 15 0.32 5.27 7.61
CA SER A 15 -0.12 3.88 7.70
C SER A 15 -1.51 3.69 7.06
N ASP A 16 -2.42 4.63 7.33
CA ASP A 16 -3.78 4.57 6.78
C ASP A 16 -3.76 4.83 5.27
N HIS A 17 -3.07 5.90 4.85
CA HIS A 17 -2.99 6.25 3.44
C HIS A 17 -2.35 5.11 2.65
N LEU A 18 -1.29 4.51 3.22
CA LEU A 18 -0.61 3.40 2.57
C LEU A 18 -1.57 2.25 2.31
N THR A 19 -2.34 1.88 3.35
CA THR A 19 -3.30 0.80 3.23
C THR A 19 -4.35 1.15 2.18
N LEU A 20 -4.66 2.44 2.03
CA LEU A 20 -5.62 2.89 1.03
C LEU A 20 -5.14 2.49 -0.37
N HIS A 21 -3.81 2.52 -0.56
CA HIS A 21 -3.21 2.14 -1.82
C HIS A 21 -3.43 0.68 -2.12
N ILE A 22 -3.10 -0.16 -1.14
CA ILE A 22 -3.20 -1.61 -1.28
C ILE A 22 -4.60 -2.08 -1.69
N LEU A 23 -5.60 -1.19 -1.62
CA LEU A 23 -6.95 -1.54 -2.04
C LEU A 23 -6.93 -2.05 -3.49
N LEU A 24 -6.05 -1.47 -4.32
CA LEU A 24 -5.92 -1.89 -5.72
C LEU A 24 -5.65 -3.38 -5.84
N HIS A 25 -4.81 -3.91 -4.95
CA HIS A 25 -4.46 -5.33 -4.95
C HIS A 25 -5.72 -6.19 -4.72
N GLU A 26 -6.34 -6.01 -3.55
CA GLU A 26 -7.55 -6.76 -3.22
C GLU A 26 -8.80 -5.95 -3.56
N ASN A 27 -9.03 -5.73 -4.85
CA ASN A 27 -10.18 -4.97 -5.32
C ASN A 27 -11.22 -5.89 -5.96
N LYS A 28 -11.42 -7.06 -5.34
CA LYS A 28 -12.39 -8.04 -5.83
C LYS A 28 -13.41 -8.38 -4.74
N LYS A 29 -12.90 -8.79 -3.57
CA LYS A 29 -13.77 -9.14 -2.45
C LYS A 29 -13.32 -8.46 -1.16
N TYR A 1 8.55 7.14 3.51
CA TYR A 1 9.24 5.81 3.48
C TYR A 1 9.11 5.10 4.83
N LYS A 2 7.90 5.09 5.39
CA LYS A 2 7.66 4.45 6.68
C LYS A 2 7.14 3.02 6.51
N PHE A 3 6.01 2.87 5.83
CA PHE A 3 5.41 1.56 5.59
C PHE A 3 5.83 0.98 4.24
N ALA A 4 5.55 -0.30 4.05
CA ALA A 4 5.88 -0.99 2.80
C ALA A 4 4.88 -2.11 2.51
N CYS A 5 4.50 -2.25 1.23
CA CYS A 5 3.55 -3.28 0.82
C CYS A 5 4.23 -4.64 0.69
N PRO A 6 3.57 -5.71 1.20
CA PRO A 6 4.11 -7.07 1.12
C PRO A 6 3.96 -7.69 -0.28
N GLU A 7 3.11 -7.06 -1.11
CA GLU A 7 2.87 -7.54 -2.47
C GLU A 7 3.68 -6.74 -3.49
N CYS A 8 3.64 -5.41 -3.36
CA CYS A 8 4.37 -4.53 -4.27
C CYS A 8 5.45 -3.73 -3.54
N PRO A 9 6.32 -3.04 -4.30
CA PRO A 9 7.41 -2.25 -3.74
C PRO A 9 7.04 -0.79 -3.45
N LYS A 10 5.83 -0.56 -2.90
CA LYS A 10 5.40 0.79 -2.58
C LYS A 10 5.81 1.16 -1.15
N ARG A 11 5.98 2.45 -0.90
CA ARG A 11 6.38 2.95 0.41
C ARG A 11 5.71 4.29 0.70
N PHE A 12 5.08 4.41 1.88
CA PHE A 12 4.38 5.63 2.26
C PHE A 12 4.76 6.07 3.67
N MET A 13 4.84 7.39 3.87
CA MET A 13 5.17 7.95 5.17
C MET A 13 4.09 7.65 6.21
N ARG A 14 2.85 7.50 5.74
CA ARG A 14 1.72 7.20 6.62
C ARG A 14 1.38 5.71 6.56
N SER A 15 0.70 5.23 7.59
CA SER A 15 0.30 3.83 7.66
C SER A 15 -1.05 3.61 6.97
N ASP A 16 -2.02 4.47 7.29
CA ASP A 16 -3.36 4.38 6.71
C ASP A 16 -3.32 4.68 5.20
N HIS A 17 -2.48 5.64 4.82
CA HIS A 17 -2.35 6.02 3.41
C HIS A 17 -1.87 4.84 2.57
N LEU A 18 -0.76 4.22 2.97
CA LEU A 18 -0.23 3.07 2.25
C LEU A 18 -1.27 1.96 2.19
N THR A 19 -1.90 1.70 3.33
CA THR A 19 -2.93 0.67 3.41
C THR A 19 -4.08 0.98 2.47
N LEU A 20 -4.37 2.28 2.27
CA LEU A 20 -5.43 2.71 1.37
C LEU A 20 -5.08 2.31 -0.06
N HIS A 21 -3.79 2.41 -0.38
CA HIS A 21 -3.28 2.07 -1.71
C HIS A 21 -3.54 0.60 -2.02
N ILE A 22 -3.16 -0.26 -1.09
CA ILE A 22 -3.27 -1.71 -1.26
C ILE A 22 -4.68 -2.15 -1.69
N LEU A 23 -5.68 -1.28 -1.51
CA LEU A 23 -7.05 -1.60 -1.92
C LEU A 23 -7.06 -2.03 -3.40
N LEU A 24 -6.17 -1.45 -4.21
CA LEU A 24 -6.08 -1.80 -5.65
C LEU A 24 -5.80 -3.29 -5.84
N HIS A 25 -4.91 -3.84 -5.00
CA HIS A 25 -4.56 -5.26 -5.08
C HIS A 25 -5.80 -6.15 -4.97
N GLU A 26 -6.72 -5.79 -4.05
CA GLU A 26 -7.95 -6.55 -3.87
C GLU A 26 -8.98 -6.21 -4.94
N ASN A 27 -9.36 -4.93 -5.01
CA ASN A 27 -10.35 -4.47 -5.99
C ASN A 27 -9.66 -4.11 -7.31
N LYS A 28 -9.93 -4.89 -8.35
CA LYS A 28 -9.35 -4.66 -9.67
C LYS A 28 -10.39 -4.86 -10.77
N LYS A 29 -10.39 -3.96 -11.76
CA LYS A 29 -11.34 -4.04 -12.87
C LYS A 29 -10.78 -3.38 -14.13
N TYR A 1 9.76 7.35 3.01
CA TYR A 1 9.34 5.92 2.91
C TYR A 1 9.47 5.23 4.27
N LYS A 2 8.35 5.13 4.98
CA LYS A 2 8.33 4.48 6.30
C LYS A 2 7.92 3.01 6.20
N PHE A 3 6.75 2.77 5.61
CA PHE A 3 6.24 1.41 5.45
C PHE A 3 6.51 0.88 4.04
N ALA A 4 6.15 -0.39 3.83
CA ALA A 4 6.33 -1.05 2.54
C ALA A 4 5.31 -2.17 2.34
N CYS A 5 4.72 -2.23 1.15
CA CYS A 5 3.72 -3.24 0.83
C CYS A 5 4.34 -4.64 0.77
N PRO A 6 3.67 -5.64 1.36
CA PRO A 6 4.17 -7.03 1.37
C PRO A 6 4.05 -7.69 -0.01
N GLU A 7 3.18 -7.15 -0.87
CA GLU A 7 2.98 -7.69 -2.22
C GLU A 7 3.73 -6.86 -3.27
N CYS A 8 3.58 -5.54 -3.22
CA CYS A 8 4.25 -4.66 -4.18
C CYS A 8 5.38 -3.87 -3.53
N PRO A 9 6.18 -3.16 -4.35
CA PRO A 9 7.31 -2.37 -3.88
C PRO A 9 6.95 -0.91 -3.57
N LYS A 10 5.76 -0.69 -3.00
CA LYS A 10 5.33 0.67 -2.64
C LYS A 10 5.76 1.01 -1.23
N ARG A 11 5.93 2.30 -0.97
CA ARG A 11 6.34 2.81 0.34
C ARG A 11 5.61 4.10 0.66
N PHE A 12 5.19 4.23 1.91
CA PHE A 12 4.44 5.41 2.34
C PHE A 12 4.84 5.84 3.75
N MET A 13 4.83 7.15 3.98
CA MET A 13 5.17 7.71 5.29
C MET A 13 4.01 7.53 6.27
N ARG A 14 2.79 7.39 5.74
CA ARG A 14 1.60 7.21 6.57
C ARG A 14 1.20 5.73 6.62
N SER A 15 0.45 5.35 7.65
CA SER A 15 -0.01 3.98 7.81
C SER A 15 -1.39 3.77 7.20
N ASP A 16 -2.31 4.69 7.49
CA ASP A 16 -3.68 4.61 6.97
C ASP A 16 -3.71 4.85 5.47
N HIS A 17 -3.05 5.91 5.01
CA HIS A 17 -3.00 6.23 3.58
C HIS A 17 -2.38 5.08 2.79
N LEU A 18 -1.29 4.52 3.34
CA LEU A 18 -0.61 3.40 2.70
C LEU A 18 -1.56 2.24 2.48
N THR A 19 -2.31 1.89 3.53
CA THR A 19 -3.25 0.79 3.45
C THR A 19 -4.32 1.10 2.39
N LEU A 20 -4.67 2.37 2.23
CA LEU A 20 -5.66 2.79 1.24
C LEU A 20 -5.19 2.39 -0.15
N HIS A 21 -3.87 2.46 -0.37
CA HIS A 21 -3.25 2.09 -1.64
C HIS A 21 -3.51 0.62 -1.96
N ILE A 22 -3.19 -0.23 -1.00
CA ILE A 22 -3.31 -1.68 -1.15
C ILE A 22 -4.70 -2.13 -1.63
N LEU A 23 -5.70 -1.25 -1.55
CA LEU A 23 -7.04 -1.58 -2.01
C LEU A 23 -7.01 -1.97 -3.49
N LEU A 24 -6.06 -1.39 -4.26
CA LEU A 24 -5.92 -1.70 -5.69
C LEU A 24 -5.64 -3.19 -5.92
N HIS A 25 -4.83 -3.78 -5.04
CA HIS A 25 -4.47 -5.19 -5.15
C HIS A 25 -5.69 -6.11 -5.10
N GLU A 26 -6.76 -5.66 -4.43
CA GLU A 26 -7.99 -6.45 -4.31
C GLU A 26 -8.49 -6.91 -5.68
N ASN A 27 -8.45 -6.00 -6.66
CA ASN A 27 -8.90 -6.32 -8.02
C ASN A 27 -7.86 -5.89 -9.07
N LYS A 28 -8.26 -5.88 -10.34
CA LYS A 28 -7.36 -5.48 -11.43
C LYS A 28 -8.15 -4.84 -12.56
N LYS A 29 -7.82 -3.58 -12.85
CA LYS A 29 -8.48 -2.83 -13.93
C LYS A 29 -7.48 -2.35 -14.97
N TYR A 1 11.35 6.22 3.90
CA TYR A 1 10.13 5.37 3.86
C TYR A 1 9.94 4.59 5.17
N LYS A 2 8.72 4.63 5.70
CA LYS A 2 8.42 3.93 6.95
C LYS A 2 7.82 2.56 6.69
N PHE A 3 6.73 2.52 5.92
CA PHE A 3 6.06 1.25 5.61
C PHE A 3 6.39 0.78 4.20
N ALA A 4 5.98 -0.46 3.89
CA ALA A 4 6.21 -1.05 2.58
C ALA A 4 5.17 -2.13 2.28
N CYS A 5 4.73 -2.21 1.03
CA CYS A 5 3.73 -3.21 0.63
C CYS A 5 4.34 -4.60 0.54
N PRO A 6 3.64 -5.63 1.05
CA PRO A 6 4.11 -7.01 1.02
C PRO A 6 3.95 -7.64 -0.36
N GLU A 7 3.13 -7.04 -1.22
CA GLU A 7 2.89 -7.53 -2.57
C GLU A 7 3.70 -6.74 -3.60
N CYS A 8 3.65 -5.41 -3.50
CA CYS A 8 4.37 -4.54 -4.43
C CYS A 8 5.49 -3.77 -3.72
N PRO A 9 6.35 -3.09 -4.49
CA PRO A 9 7.48 -2.34 -3.95
C PRO A 9 7.13 -0.87 -3.64
N LYS A 10 5.97 -0.62 -3.03
CA LYS A 10 5.57 0.74 -2.69
C LYS A 10 6.06 1.09 -1.28
N ARG A 11 6.11 2.39 -1.00
CA ARG A 11 6.57 2.89 0.31
C ARG A 11 5.88 4.20 0.65
N PHE A 12 5.31 4.28 1.86
CA PHE A 12 4.61 5.48 2.31
C PHE A 12 4.96 5.83 3.74
N MET A 13 4.82 7.12 4.09
CA MET A 13 5.10 7.59 5.43
C MET A 13 3.85 7.48 6.33
N ARG A 14 2.68 7.32 5.71
CA ARG A 14 1.42 7.20 6.44
C ARG A 14 1.01 5.72 6.53
N SER A 15 0.17 5.41 7.52
CA SER A 15 -0.31 4.05 7.72
C SER A 15 -1.66 3.83 7.05
N ASP A 16 -2.63 4.70 7.34
CA ASP A 16 -3.97 4.58 6.78
C ASP A 16 -3.98 4.90 5.28
N HIS A 17 -3.24 5.93 4.88
CA HIS A 17 -3.17 6.32 3.47
C HIS A 17 -2.45 5.25 2.66
N LEU A 18 -1.38 4.68 3.23
CA LEU A 18 -0.62 3.63 2.55
C LEU A 18 -1.51 2.43 2.31
N THR A 19 -2.28 2.04 3.33
CA THR A 19 -3.18 0.91 3.21
C THR A 19 -4.23 1.17 2.13
N LEU A 20 -4.60 2.44 1.96
CA LEU A 20 -5.57 2.83 0.94
C LEU A 20 -5.07 2.40 -0.44
N HIS A 21 -3.74 2.48 -0.62
CA HIS A 21 -3.10 2.09 -1.86
C HIS A 21 -3.31 0.60 -2.12
N ILE A 22 -3.00 -0.20 -1.10
CA ILE A 22 -3.09 -1.66 -1.19
C ILE A 22 -4.51 -2.14 -1.53
N LEU A 23 -5.51 -1.29 -1.33
CA LEU A 23 -6.89 -1.65 -1.66
C LEU A 23 -7.02 -2.06 -3.12
N LEU A 24 -6.17 -1.47 -3.99
CA LEU A 24 -6.20 -1.78 -5.42
C LEU A 24 -5.76 -3.22 -5.70
N HIS A 25 -5.06 -3.85 -4.76
CA HIS A 25 -4.60 -5.24 -4.92
C HIS A 25 -5.77 -6.20 -4.75
N GLU A 26 -6.61 -5.94 -3.75
CA GLU A 26 -7.77 -6.78 -3.47
C GLU A 26 -8.82 -6.65 -4.59
N ASN A 27 -8.99 -5.42 -5.08
CA ASN A 27 -9.95 -5.15 -6.16
C ASN A 27 -9.56 -5.89 -7.44
N LYS A 28 -8.26 -5.85 -7.77
CA LYS A 28 -7.76 -6.53 -8.97
C LYS A 28 -7.65 -8.03 -8.75
N LYS A 29 -8.28 -8.81 -9.63
CA LYS A 29 -8.25 -10.26 -9.54
C LYS A 29 -7.11 -10.85 -10.36
N TYR A 1 10.26 6.98 3.97
CA TYR A 1 9.12 6.02 4.05
C TYR A 1 9.39 4.93 5.09
N LYS A 2 8.43 4.74 5.99
CA LYS A 2 8.56 3.74 7.06
C LYS A 2 7.89 2.42 6.67
N PHE A 3 6.69 2.51 6.08
CA PHE A 3 5.95 1.32 5.69
C PHE A 3 6.28 0.88 4.26
N ALA A 4 5.90 -0.36 3.93
CA ALA A 4 6.14 -0.93 2.62
C ALA A 4 5.10 -2.01 2.31
N CYS A 5 4.74 -2.14 1.02
CA CYS A 5 3.74 -3.13 0.61
C CYS A 5 4.35 -4.53 0.51
N PRO A 6 3.63 -5.56 1.00
CA PRO A 6 4.09 -6.94 0.94
C PRO A 6 3.93 -7.56 -0.45
N GLU A 7 3.08 -6.94 -1.29
CA GLU A 7 2.83 -7.42 -2.64
C GLU A 7 3.65 -6.64 -3.67
N CYS A 8 3.60 -5.31 -3.57
CA CYS A 8 4.33 -4.44 -4.50
C CYS A 8 5.46 -3.70 -3.80
N PRO A 9 6.32 -3.01 -4.56
CA PRO A 9 7.45 -2.27 -4.02
C PRO A 9 7.11 -0.82 -3.65
N LYS A 10 5.91 -0.59 -3.12
CA LYS A 10 5.50 0.76 -2.72
C LYS A 10 5.96 1.06 -1.31
N ARG A 11 6.06 2.35 -0.99
CA ARG A 11 6.50 2.80 0.32
C ARG A 11 5.83 4.11 0.69
N PHE A 12 5.27 4.17 1.91
CA PHE A 12 4.56 5.37 2.35
C PHE A 12 4.92 5.73 3.80
N MET A 13 4.86 7.02 4.10
CA MET A 13 5.16 7.52 5.44
C MET A 13 3.96 7.34 6.38
N ARG A 14 2.76 7.25 5.79
CA ARG A 14 1.54 7.08 6.56
C ARG A 14 1.10 5.62 6.56
N SER A 15 0.27 5.24 7.54
CA SER A 15 -0.23 3.88 7.65
C SER A 15 -1.60 3.74 6.99
N ASP A 16 -2.49 4.70 7.28
CA ASP A 16 -3.85 4.68 6.72
C ASP A 16 -3.82 4.95 5.21
N HIS A 17 -3.12 6.01 4.80
CA HIS A 17 -3.02 6.36 3.39
C HIS A 17 -2.38 5.23 2.60
N LEU A 18 -1.33 4.63 3.17
CA LEU A 18 -0.63 3.52 2.52
C LEU A 18 -1.59 2.37 2.27
N THR A 19 -2.36 2.02 3.30
CA THR A 19 -3.32 0.93 3.20
C THR A 19 -4.36 1.25 2.13
N LEU A 20 -4.67 2.54 1.97
CA LEU A 20 -5.63 2.97 0.94
C LEU A 20 -5.15 2.52 -0.44
N HIS A 21 -3.83 2.55 -0.63
CA HIS A 21 -3.21 2.14 -1.88
C HIS A 21 -3.44 0.65 -2.14
N ILE A 22 -3.14 -0.15 -1.13
CA ILE A 22 -3.25 -1.60 -1.23
C ILE A 22 -4.66 -2.06 -1.63
N LEU A 23 -5.64 -1.16 -1.60
CA LEU A 23 -7.00 -1.51 -2.02
C LEU A 23 -6.98 -2.09 -3.43
N LEU A 24 -6.06 -1.58 -4.28
CA LEU A 24 -5.92 -2.07 -5.66
C LEU A 24 -5.65 -3.59 -5.67
N HIS A 25 -4.78 -4.04 -4.77
CA HIS A 25 -4.44 -5.46 -4.67
C HIS A 25 -5.66 -6.30 -4.36
N GLU A 26 -6.43 -5.88 -3.35
CA GLU A 26 -7.65 -6.60 -2.95
C GLU A 26 -8.66 -6.62 -4.09
N ASN A 27 -8.98 -5.44 -4.61
CA ASN A 27 -9.93 -5.31 -5.71
C ASN A 27 -9.46 -4.28 -6.74
N LYS A 28 -9.20 -4.75 -7.95
CA LYS A 28 -8.73 -3.87 -9.03
C LYS A 28 -9.91 -3.33 -9.83
N LYS A 29 -10.30 -2.09 -9.55
CA LYS A 29 -11.43 -1.45 -10.24
C LYS A 29 -11.18 0.05 -10.41
N TYR A 1 9.53 6.64 3.08
CA TYR A 1 9.37 5.17 2.87
C TYR A 1 9.34 4.40 4.20
N LYS A 2 8.60 4.95 5.17
CA LYS A 2 8.48 4.34 6.49
C LYS A 2 7.95 2.90 6.39
N PHE A 3 6.84 2.72 5.69
CA PHE A 3 6.24 1.40 5.53
C PHE A 3 6.54 0.82 4.15
N ALA A 4 6.17 -0.46 3.96
CA ALA A 4 6.39 -1.15 2.69
C ALA A 4 5.30 -2.21 2.45
N CYS A 5 4.82 -2.30 1.21
CA CYS A 5 3.79 -3.28 0.87
C CYS A 5 4.37 -4.68 0.74
N PRO A 6 3.66 -5.69 1.28
CA PRO A 6 4.10 -7.08 1.22
C PRO A 6 3.91 -7.70 -0.17
N GLU A 7 3.06 -7.07 -1.00
CA GLU A 7 2.79 -7.55 -2.35
C GLU A 7 3.60 -6.78 -3.38
N CYS A 8 3.57 -5.45 -3.29
CA CYS A 8 4.30 -4.60 -4.23
C CYS A 8 5.43 -3.84 -3.54
N PRO A 9 6.28 -3.17 -4.33
CA PRO A 9 7.41 -2.40 -3.81
C PRO A 9 7.07 -0.94 -3.51
N LYS A 10 5.88 -0.68 -2.95
CA LYS A 10 5.46 0.67 -2.62
C LYS A 10 5.93 1.06 -1.23
N ARG A 11 6.03 2.36 -0.98
CA ARG A 11 6.48 2.88 0.30
C ARG A 11 5.73 4.18 0.64
N PHE A 12 5.23 4.26 1.87
CA PHE A 12 4.47 5.45 2.29
C PHE A 12 4.86 5.89 3.70
N MET A 13 4.81 7.19 3.93
CA MET A 13 5.14 7.77 5.24
C MET A 13 3.95 7.62 6.20
N ARG A 14 2.74 7.47 5.64
CA ARG A 14 1.53 7.31 6.44
C ARG A 14 1.13 5.83 6.52
N SER A 15 0.38 5.48 7.56
CA SER A 15 -0.08 4.10 7.75
C SER A 15 -1.45 3.87 7.13
N ASP A 16 -2.37 4.82 7.34
CA ASP A 16 -3.73 4.71 6.82
C ASP A 16 -3.74 4.89 5.30
N HIS A 17 -3.07 5.93 4.82
CA HIS A 17 -2.99 6.22 3.38
C HIS A 17 -2.35 5.05 2.65
N LEU A 18 -1.28 4.50 3.23
CA LEU A 18 -0.59 3.36 2.64
C LEU A 18 -1.53 2.18 2.46
N THR A 19 -2.26 1.86 3.54
CA THR A 19 -3.20 0.76 3.49
C THR A 19 -4.29 1.03 2.45
N LEU A 20 -4.62 2.32 2.27
CA LEU A 20 -5.61 2.73 1.27
C LEU A 20 -5.16 2.27 -0.11
N HIS A 21 -3.86 2.42 -0.38
CA HIS A 21 -3.26 1.99 -1.63
C HIS A 21 -3.51 0.52 -1.90
N ILE A 22 -3.26 -0.29 -0.88
CA ILE A 22 -3.40 -1.75 -0.99
C ILE A 22 -4.84 -2.19 -1.29
N LEU A 23 -5.78 -1.24 -1.36
CA LEU A 23 -7.17 -1.57 -1.68
C LEU A 23 -7.29 -1.98 -3.15
N LEU A 24 -6.47 -1.37 -4.03
CA LEU A 24 -6.50 -1.70 -5.46
C LEU A 24 -5.90 -3.08 -5.74
N HIS A 25 -5.06 -3.57 -4.82
CA HIS A 25 -4.43 -4.89 -4.98
C HIS A 25 -5.46 -5.98 -5.25
N GLU A 26 -6.63 -5.88 -4.60
CA GLU A 26 -7.71 -6.85 -4.76
C GLU A 26 -8.11 -6.96 -6.24
N ASN A 27 -8.31 -5.81 -6.89
CA ASN A 27 -8.69 -5.79 -8.31
C ASN A 27 -7.52 -6.17 -9.20
N LYS A 28 -7.82 -6.83 -10.33
CA LYS A 28 -6.80 -7.26 -11.27
C LYS A 28 -6.32 -6.10 -12.13
N LYS A 29 -5.03 -6.10 -12.47
CA LYS A 29 -4.44 -5.05 -13.29
C LYS A 29 -3.47 -5.62 -14.33
N TYR A 1 9.45 7.34 4.22
CA TYR A 1 9.01 5.97 3.82
C TYR A 1 9.34 4.95 4.91
N LYS A 2 8.40 4.76 5.84
CA LYS A 2 8.59 3.81 6.94
C LYS A 2 7.97 2.46 6.62
N PHE A 3 6.78 2.47 6.01
CA PHE A 3 6.08 1.24 5.67
C PHE A 3 6.46 0.74 4.27
N ALA A 4 6.08 -0.51 3.98
CA ALA A 4 6.34 -1.13 2.70
C ALA A 4 5.30 -2.22 2.40
N CYS A 5 4.76 -2.23 1.17
CA CYS A 5 3.76 -3.21 0.78
C CYS A 5 4.36 -4.61 0.68
N PRO A 6 3.64 -5.62 1.21
CA PRO A 6 4.08 -7.02 1.18
C PRO A 6 3.93 -7.65 -0.21
N GLU A 7 3.09 -7.04 -1.05
CA GLU A 7 2.85 -7.53 -2.40
C GLU A 7 3.66 -6.76 -3.44
N CYS A 8 3.60 -5.42 -3.36
CA CYS A 8 4.33 -4.57 -4.30
C CYS A 8 5.44 -3.80 -3.59
N PRO A 9 6.30 -3.12 -4.38
CA PRO A 9 7.42 -2.34 -3.85
C PRO A 9 7.08 -0.88 -3.56
N LYS A 10 5.87 -0.63 -3.04
CA LYS A 10 5.46 0.73 -2.72
C LYS A 10 5.92 1.12 -1.32
N ARG A 11 6.04 2.43 -1.08
CA ARG A 11 6.48 2.95 0.20
C ARG A 11 5.76 4.25 0.53
N PHE A 12 5.22 4.35 1.75
CA PHE A 12 4.48 5.54 2.17
C PHE A 12 4.89 5.97 3.58
N MET A 13 4.78 7.28 3.83
CA MET A 13 5.12 7.83 5.15
C MET A 13 3.96 7.65 6.13
N ARG A 14 2.74 7.49 5.60
CA ARG A 14 1.55 7.30 6.42
C ARG A 14 1.18 5.82 6.50
N SER A 15 0.41 5.44 7.53
CA SER A 15 -0.02 4.06 7.71
C SER A 15 -1.40 3.83 7.09
N ASP A 16 -2.34 4.73 7.40
CA ASP A 16 -3.70 4.61 6.87
C ASP A 16 -3.74 4.86 5.37
N HIS A 17 -3.09 5.94 4.92
CA HIS A 17 -3.05 6.29 3.50
C HIS A 17 -2.39 5.17 2.70
N LEU A 18 -1.30 4.62 3.23
CA LEU A 18 -0.59 3.53 2.58
C LEU A 18 -1.52 2.35 2.37
N THR A 19 -2.26 1.99 3.41
CA THR A 19 -3.19 0.88 3.33
C THR A 19 -4.26 1.15 2.28
N LEU A 20 -4.63 2.44 2.13
CA LEU A 20 -5.63 2.83 1.14
C LEU A 20 -5.16 2.40 -0.25
N HIS A 21 -3.85 2.45 -0.48
CA HIS A 21 -3.24 2.05 -1.73
C HIS A 21 -3.47 0.57 -1.99
N ILE A 22 -3.20 -0.24 -0.98
CA ILE A 22 -3.32 -1.69 -1.08
C ILE A 22 -4.75 -2.15 -1.36
N LEU A 23 -5.71 -1.22 -1.38
CA LEU A 23 -7.10 -1.56 -1.67
C LEU A 23 -7.25 -2.02 -3.12
N LEU A 24 -6.44 -1.44 -4.03
CA LEU A 24 -6.48 -1.82 -5.45
C LEU A 24 -5.90 -3.22 -5.68
N HIS A 25 -5.08 -3.71 -4.74
CA HIS A 25 -4.48 -5.04 -4.87
C HIS A 25 -5.53 -6.15 -4.97
N GLU A 26 -6.72 -5.90 -4.41
CA GLU A 26 -7.81 -6.87 -4.45
C GLU A 26 -8.07 -7.36 -5.88
N ASN A 27 -8.12 -6.42 -6.83
CA ASN A 27 -8.36 -6.75 -8.23
C ASN A 27 -7.14 -6.43 -9.08
N LYS A 28 -7.11 -6.97 -10.30
CA LYS A 28 -6.01 -6.75 -11.22
C LYS A 28 -6.46 -5.97 -12.46
N LYS A 29 -5.50 -5.31 -13.13
CA LYS A 29 -5.80 -4.54 -14.32
C LYS A 29 -4.81 -4.84 -15.43
N TYR A 1 12.54 2.71 6.02
CA TYR A 1 11.16 3.18 5.73
C TYR A 1 10.18 2.74 6.81
N LYS A 2 9.05 3.45 6.91
CA LYS A 2 8.03 3.14 7.90
C LYS A 2 7.21 1.92 7.50
N PHE A 3 6.68 1.95 6.28
CA PHE A 3 5.86 0.84 5.77
C PHE A 3 6.41 0.28 4.46
N ALA A 4 5.77 -0.78 3.98
CA ALA A 4 6.17 -1.44 2.74
C ALA A 4 5.13 -2.48 2.32
N CYS A 5 4.56 -2.32 1.11
CA CYS A 5 3.55 -3.24 0.61
C CYS A 5 4.11 -4.66 0.46
N PRO A 6 3.37 -5.67 0.92
CA PRO A 6 3.81 -7.08 0.82
C PRO A 6 3.68 -7.62 -0.60
N GLU A 7 2.94 -6.92 -1.46
CA GLU A 7 2.74 -7.34 -2.84
C GLU A 7 3.60 -6.53 -3.80
N CYS A 8 3.61 -5.20 -3.63
CA CYS A 8 4.39 -4.31 -4.50
C CYS A 8 5.45 -3.55 -3.71
N PRO A 9 6.36 -2.86 -4.43
CA PRO A 9 7.45 -2.10 -3.82
C PRO A 9 7.10 -0.63 -3.52
N LYS A 10 5.83 -0.35 -3.19
CA LYS A 10 5.42 1.01 -2.87
C LYS A 10 5.80 1.37 -1.44
N ARG A 11 6.06 2.66 -1.21
CA ARG A 11 6.45 3.16 0.10
C ARG A 11 5.73 4.47 0.40
N PHE A 12 5.22 4.58 1.63
CA PHE A 12 4.48 5.78 2.04
C PHE A 12 4.87 6.21 3.46
N MET A 13 4.74 7.51 3.74
CA MET A 13 5.07 8.06 5.05
C MET A 13 3.91 7.82 6.05
N ARG A 14 2.70 7.65 5.53
CA ARG A 14 1.52 7.42 6.37
C ARG A 14 1.17 5.93 6.42
N SER A 15 0.39 5.55 7.43
CA SER A 15 -0.03 4.17 7.59
C SER A 15 -1.40 3.91 6.96
N ASP A 16 -2.36 4.78 7.27
CA ASP A 16 -3.72 4.66 6.73
C ASP A 16 -3.73 4.93 5.23
N HIS A 17 -3.08 6.02 4.81
CA HIS A 17 -3.02 6.38 3.40
C HIS A 17 -2.37 5.28 2.58
N LEU A 18 -1.26 4.72 3.09
CA LEU A 18 -0.56 3.65 2.41
C LEU A 18 -1.46 2.45 2.23
N THR A 19 -2.15 2.06 3.30
CA THR A 19 -3.06 0.93 3.26
C THR A 19 -4.17 1.18 2.23
N LEU A 20 -4.55 2.45 2.07
CA LEU A 20 -5.58 2.81 1.09
C LEU A 20 -5.15 2.35 -0.30
N HIS A 21 -3.86 2.59 -0.61
CA HIS A 21 -3.29 2.18 -1.88
C HIS A 21 -3.47 0.70 -2.12
N ILE A 22 -3.04 -0.09 -1.15
CA ILE A 22 -3.07 -1.55 -1.24
C ILE A 22 -4.45 -2.11 -1.59
N LEU A 23 -5.50 -1.29 -1.48
CA LEU A 23 -6.85 -1.74 -1.83
C LEU A 23 -6.88 -2.22 -3.29
N LEU A 24 -6.08 -1.58 -4.16
CA LEU A 24 -6.02 -1.98 -5.57
C LEU A 24 -5.68 -3.47 -5.75
N HIS A 25 -4.88 -4.00 -4.83
CA HIS A 25 -4.46 -5.40 -4.89
C HIS A 25 -5.64 -6.36 -4.67
N GLU A 26 -6.17 -6.41 -3.45
CA GLU A 26 -7.28 -7.31 -3.13
C GLU A 26 -8.65 -6.62 -3.22
N ASN A 27 -8.75 -5.40 -2.70
CA ASN A 27 -10.01 -4.65 -2.71
C ASN A 27 -10.44 -4.32 -4.14
N LYS A 28 -11.38 -5.11 -4.67
CA LYS A 28 -11.89 -4.89 -6.02
C LYS A 28 -13.37 -5.30 -6.12
N LYS A 29 -14.14 -4.96 -5.09
CA LYS A 29 -15.57 -5.28 -5.05
C LYS A 29 -16.31 -4.41 -4.02
N TYR A 1 8.15 7.00 2.35
CA TYR A 1 9.29 6.03 2.31
C TYR A 1 9.51 5.37 3.67
N LYS A 2 8.45 5.28 4.48
CA LYS A 2 8.53 4.67 5.80
C LYS A 2 8.10 3.20 5.77
N PHE A 3 6.86 2.96 5.36
CA PHE A 3 6.31 1.62 5.30
C PHE A 3 6.56 0.96 3.94
N ALA A 4 6.12 -0.29 3.80
CA ALA A 4 6.29 -1.04 2.56
C ALA A 4 5.18 -2.11 2.41
N CYS A 5 4.66 -2.25 1.18
CA CYS A 5 3.61 -3.22 0.91
C CYS A 5 4.17 -4.64 0.88
N PRO A 6 3.43 -5.62 1.43
CA PRO A 6 3.86 -7.02 1.45
C PRO A 6 3.80 -7.68 0.06
N GLU A 7 3.05 -7.07 -0.85
CA GLU A 7 2.91 -7.60 -2.21
C GLU A 7 3.75 -6.81 -3.20
N CYS A 8 3.66 -5.48 -3.15
CA CYS A 8 4.41 -4.61 -4.06
C CYS A 8 5.50 -3.83 -3.31
N PRO A 9 6.38 -3.15 -4.05
CA PRO A 9 7.48 -2.37 -3.48
C PRO A 9 7.13 -0.91 -3.16
N LYS A 10 5.85 -0.61 -2.93
CA LYS A 10 5.43 0.76 -2.62
C LYS A 10 5.85 1.12 -1.20
N ARG A 11 6.03 2.41 -0.94
CA ARG A 11 6.44 2.91 0.37
C ARG A 11 5.69 4.20 0.71
N PHE A 12 5.17 4.26 1.94
CA PHE A 12 4.40 5.43 2.38
C PHE A 12 4.78 5.85 3.79
N MET A 13 4.74 7.16 4.04
CA MET A 13 5.07 7.70 5.35
C MET A 13 3.91 7.44 6.35
N ARG A 14 2.70 7.33 5.82
CA ARG A 14 1.51 7.07 6.65
C ARG A 14 1.13 5.60 6.60
N SER A 15 0.40 5.15 7.62
CA SER A 15 -0.04 3.76 7.70
C SER A 15 -1.43 3.59 7.09
N ASP A 16 -2.34 4.53 7.39
CA ASP A 16 -3.70 4.48 6.87
C ASP A 16 -3.72 4.76 5.37
N HIS A 17 -2.89 5.70 4.92
CA HIS A 17 -2.81 6.05 3.51
C HIS A 17 -2.22 4.90 2.70
N LEU A 18 -1.16 4.29 3.22
CA LEU A 18 -0.53 3.17 2.55
C LEU A 18 -1.52 2.03 2.39
N THR A 19 -2.23 1.72 3.47
CA THR A 19 -3.24 0.67 3.44
C THR A 19 -4.32 1.00 2.40
N LEU A 20 -4.61 2.29 2.26
CA LEU A 20 -5.59 2.76 1.28
C LEU A 20 -5.16 2.32 -0.11
N HIS A 21 -3.87 2.49 -0.40
CA HIS A 21 -3.29 2.11 -1.68
C HIS A 21 -3.54 0.63 -1.98
N ILE A 22 -3.19 -0.21 -1.01
CA ILE A 22 -3.31 -1.66 -1.15
C ILE A 22 -4.71 -2.12 -1.57
N LEU A 23 -5.71 -1.25 -1.45
CA LEU A 23 -7.07 -1.58 -1.87
C LEU A 23 -7.08 -1.92 -3.37
N LEU A 24 -6.11 -1.36 -4.12
CA LEU A 24 -6.00 -1.60 -5.56
C LEU A 24 -5.76 -3.08 -5.83
N HIS A 25 -4.88 -3.70 -5.02
CA HIS A 25 -4.54 -5.12 -5.17
C HIS A 25 -5.78 -6.00 -5.18
N GLU A 26 -6.85 -5.56 -4.50
CA GLU A 26 -8.12 -6.31 -4.45
C GLU A 26 -8.53 -6.81 -5.84
N ASN A 27 -8.47 -5.91 -6.83
CA ASN A 27 -8.83 -6.26 -8.20
C ASN A 27 -7.92 -7.36 -8.74
N LYS A 28 -8.50 -8.50 -9.08
CA LYS A 28 -7.74 -9.64 -9.60
C LYS A 28 -7.45 -9.45 -11.09
N LYS A 29 -6.24 -8.94 -11.39
CA LYS A 29 -5.82 -8.71 -12.78
C LYS A 29 -6.69 -7.64 -13.46
N TYR A 1 9.13 6.72 5.49
CA TYR A 1 8.58 5.55 4.75
C TYR A 1 8.99 4.23 5.41
N LYS A 2 8.46 3.98 6.60
CA LYS A 2 8.76 2.77 7.34
C LYS A 2 7.87 1.59 6.91
N PHE A 3 6.81 1.88 6.15
CA PHE A 3 5.90 0.85 5.68
C PHE A 3 6.35 0.28 4.33
N ALA A 4 5.84 -0.92 4.01
CA ALA A 4 6.18 -1.59 2.77
C ALA A 4 5.09 -2.58 2.36
N CYS A 5 4.55 -2.43 1.16
CA CYS A 5 3.49 -3.31 0.67
C CYS A 5 4.02 -4.73 0.47
N PRO A 6 3.24 -5.75 0.92
CA PRO A 6 3.64 -7.15 0.78
C PRO A 6 3.51 -7.67 -0.66
N GLU A 7 2.77 -6.94 -1.50
CA GLU A 7 2.57 -7.33 -2.89
C GLU A 7 3.45 -6.52 -3.85
N CYS A 8 3.62 -5.22 -3.55
CA CYS A 8 4.44 -4.35 -4.40
C CYS A 8 5.47 -3.58 -3.57
N PRO A 9 6.42 -2.92 -4.25
CA PRO A 9 7.49 -2.15 -3.60
C PRO A 9 7.14 -0.66 -3.40
N LYS A 10 5.94 -0.37 -2.90
CA LYS A 10 5.53 1.01 -2.66
C LYS A 10 5.85 1.44 -1.24
N ARG A 11 6.13 2.73 -1.06
CA ARG A 11 6.46 3.29 0.24
C ARG A 11 5.67 4.57 0.48
N PHE A 12 5.13 4.73 1.69
CA PHE A 12 4.33 5.90 2.03
C PHE A 12 4.70 6.45 3.41
N MET A 13 4.41 7.74 3.62
CA MET A 13 4.70 8.40 4.89
C MET A 13 3.66 8.05 5.94
N ARG A 14 2.41 7.82 5.51
CA ARG A 14 1.33 7.48 6.43
C ARG A 14 1.06 5.97 6.45
N SER A 15 0.34 5.53 7.46
CA SER A 15 -0.01 4.12 7.62
C SER A 15 -1.37 3.81 7.01
N ASP A 16 -2.32 4.73 7.22
CA ASP A 16 -3.69 4.58 6.70
C ASP A 16 -3.71 4.81 5.20
N HIS A 17 -3.06 5.90 4.76
CA HIS A 17 -3.00 6.24 3.34
C HIS A 17 -2.32 5.13 2.54
N LEU A 18 -1.22 4.60 3.08
CA LEU A 18 -0.50 3.52 2.42
C LEU A 18 -1.41 2.32 2.24
N THR A 19 -2.10 1.94 3.32
CA THR A 19 -3.01 0.81 3.28
C THR A 19 -4.12 1.07 2.25
N LEU A 20 -4.50 2.35 2.11
CA LEU A 20 -5.52 2.74 1.15
C LEU A 20 -5.09 2.31 -0.25
N HIS A 21 -3.80 2.53 -0.54
CA HIS A 21 -3.22 2.16 -1.83
C HIS A 21 -3.38 0.68 -2.09
N ILE A 22 -2.95 -0.12 -1.12
CA ILE A 22 -2.97 -1.58 -1.23
C ILE A 22 -4.36 -2.13 -1.59
N LEU A 23 -5.41 -1.32 -1.46
CA LEU A 23 -6.76 -1.76 -1.81
C LEU A 23 -6.80 -2.25 -3.26
N LEU A 24 -5.98 -1.64 -4.14
CA LEU A 24 -5.93 -2.03 -5.55
C LEU A 24 -5.66 -3.53 -5.69
N HIS A 25 -4.73 -4.04 -4.89
CA HIS A 25 -4.37 -5.46 -4.92
C HIS A 25 -5.57 -6.33 -4.55
N GLU A 26 -6.25 -5.96 -3.45
CA GLU A 26 -7.42 -6.69 -2.98
C GLU A 26 -8.71 -6.09 -3.55
N ASN A 27 -8.85 -6.17 -4.88
CA ASN A 27 -10.03 -5.64 -5.56
C ASN A 27 -10.17 -6.24 -6.96
N LYS A 28 -11.31 -6.87 -7.21
CA LYS A 28 -11.59 -7.49 -8.51
C LYS A 28 -13.08 -7.36 -8.86
N LYS A 29 -13.55 -6.13 -8.98
CA LYS A 29 -14.95 -5.87 -9.31
C LYS A 29 -15.11 -4.51 -10.02
N TYR A 1 8.74 6.94 3.08
CA TYR A 1 9.12 5.51 2.93
C TYR A 1 9.14 4.77 4.26
N LYS A 2 8.22 5.14 5.16
CA LYS A 2 8.13 4.51 6.48
C LYS A 2 7.75 3.03 6.37
N PHE A 3 6.69 2.73 5.64
CA PHE A 3 6.22 1.37 5.47
C PHE A 3 6.54 0.84 4.06
N ALA A 4 6.17 -0.43 3.83
CA ALA A 4 6.40 -1.08 2.54
C ALA A 4 5.35 -2.18 2.32
N CYS A 5 4.76 -2.19 1.11
CA CYS A 5 3.75 -3.19 0.77
C CYS A 5 4.35 -4.59 0.68
N PRO A 6 3.65 -5.60 1.23
CA PRO A 6 4.11 -6.99 1.20
C PRO A 6 3.94 -7.64 -0.18
N GLU A 7 3.09 -7.03 -1.02
CA GLU A 7 2.84 -7.54 -2.36
C GLU A 7 3.61 -6.76 -3.42
N CYS A 8 3.55 -5.43 -3.36
CA CYS A 8 4.25 -4.57 -4.31
C CYS A 8 5.38 -3.80 -3.64
N PRO A 9 6.22 -3.13 -4.46
CA PRO A 9 7.36 -2.36 -3.97
C PRO A 9 7.01 -0.89 -3.65
N LYS A 10 5.88 -0.67 -2.98
CA LYS A 10 5.47 0.69 -2.62
C LYS A 10 5.97 1.05 -1.23
N ARG A 11 5.99 2.34 -0.94
CA ARG A 11 6.44 2.85 0.36
C ARG A 11 5.70 4.14 0.72
N PHE A 12 5.19 4.21 1.96
CA PHE A 12 4.45 5.38 2.40
C PHE A 12 4.81 5.77 3.83
N MET A 13 4.82 7.07 4.09
CA MET A 13 5.13 7.59 5.42
C MET A 13 3.96 7.38 6.38
N ARG A 14 2.75 7.30 5.83
CA ARG A 14 1.54 7.10 6.64
C ARG A 14 1.11 5.63 6.62
N SER A 15 0.38 5.22 7.65
CA SER A 15 -0.11 3.85 7.75
C SER A 15 -1.49 3.71 7.10
N ASP A 16 -2.37 4.67 7.41
CA ASP A 16 -3.72 4.68 6.86
C ASP A 16 -3.70 4.93 5.35
N HIS A 17 -2.93 5.94 4.94
CA HIS A 17 -2.81 6.28 3.52
C HIS A 17 -2.23 5.11 2.73
N LEU A 18 -1.19 4.49 3.29
CA LEU A 18 -0.54 3.35 2.65
C LEU A 18 -1.55 2.24 2.42
N THR A 19 -2.33 1.92 3.46
CA THR A 19 -3.33 0.87 3.36
C THR A 19 -4.37 1.23 2.29
N LEU A 20 -4.63 2.52 2.12
CA LEU A 20 -5.57 2.98 1.09
C LEU A 20 -5.11 2.49 -0.28
N HIS A 21 -3.81 2.59 -0.52
CA HIS A 21 -3.20 2.14 -1.77
C HIS A 21 -3.48 0.67 -2.03
N ILE A 22 -3.18 -0.16 -1.03
CA ILE A 22 -3.33 -1.61 -1.13
C ILE A 22 -4.73 -2.06 -1.58
N LEU A 23 -5.71 -1.15 -1.56
CA LEU A 23 -7.05 -1.49 -2.02
C LEU A 23 -7.00 -2.01 -3.46
N LEU A 24 -6.06 -1.47 -4.27
CA LEU A 24 -5.91 -1.90 -5.66
C LEU A 24 -5.62 -3.41 -5.76
N HIS A 25 -4.84 -3.92 -4.81
CA HIS A 25 -4.48 -5.34 -4.77
C HIS A 25 -5.71 -6.25 -4.69
N GLU A 26 -6.82 -5.73 -4.15
CA GLU A 26 -8.05 -6.51 -4.01
C GLU A 26 -8.47 -7.14 -5.34
N ASN A 27 -8.23 -6.42 -6.45
CA ASN A 27 -8.58 -6.92 -7.78
C ASN A 27 -7.66 -8.07 -8.19
N LYS A 28 -8.24 -9.14 -8.70
CA LYS A 28 -7.47 -10.31 -9.14
C LYS A 28 -8.00 -10.87 -10.45
N LYS A 29 -7.12 -11.57 -11.18
CA LYS A 29 -7.48 -12.17 -12.46
C LYS A 29 -7.62 -13.68 -12.35
N TYR A 1 10.38 6.26 6.92
CA TYR A 1 9.39 5.64 5.99
C TYR A 1 9.54 4.12 5.96
N LYS A 2 9.06 3.46 7.02
CA LYS A 2 9.13 2.00 7.11
C LYS A 2 7.84 1.33 6.64
N PHE A 3 7.04 2.06 5.84
CA PHE A 3 5.79 1.54 5.32
C PHE A 3 6.02 0.84 3.98
N ALA A 4 5.83 -0.47 3.96
CA ALA A 4 6.02 -1.26 2.75
C ALA A 4 4.86 -2.23 2.51
N CYS A 5 4.50 -2.42 1.25
CA CYS A 5 3.41 -3.32 0.88
C CYS A 5 3.90 -4.76 0.76
N PRO A 6 3.12 -5.73 1.28
CA PRO A 6 3.49 -7.14 1.23
C PRO A 6 3.42 -7.72 -0.20
N GLU A 7 2.72 -7.02 -1.09
CA GLU A 7 2.57 -7.46 -2.46
C GLU A 7 3.49 -6.69 -3.41
N CYS A 8 3.65 -5.39 -3.18
CA CYS A 8 4.50 -4.55 -4.02
C CYS A 8 5.47 -3.70 -3.20
N PRO A 9 6.45 -3.08 -3.87
CA PRO A 9 7.47 -2.24 -3.22
C PRO A 9 7.11 -0.75 -3.17
N LYS A 10 5.93 -0.42 -2.61
CA LYS A 10 5.51 0.97 -2.50
C LYS A 10 5.88 1.56 -1.14
N ARG A 11 6.08 2.87 -1.11
CA ARG A 11 6.44 3.58 0.12
C ARG A 11 5.60 4.85 0.28
N PHE A 12 5.07 5.07 1.48
CA PHE A 12 4.22 6.23 1.74
C PHE A 12 4.63 6.95 3.02
N MET A 13 4.06 8.14 3.23
CA MET A 13 4.36 8.94 4.42
C MET A 13 3.54 8.47 5.62
N ARG A 14 2.27 8.13 5.38
CA ARG A 14 1.38 7.67 6.43
C ARG A 14 1.24 6.14 6.41
N SER A 15 0.70 5.59 7.50
CA SER A 15 0.50 4.15 7.60
C SER A 15 -0.88 3.76 7.05
N ASP A 16 -1.91 4.52 7.44
CA ASP A 16 -3.27 4.26 6.98
C ASP A 16 -3.41 4.56 5.49
N HIS A 17 -2.77 5.64 5.03
CA HIS A 17 -2.81 6.03 3.62
C HIS A 17 -2.20 4.94 2.75
N LEU A 18 -1.02 4.47 3.13
CA LEU A 18 -0.34 3.42 2.39
C LEU A 18 -1.23 2.18 2.29
N THR A 19 -1.87 1.84 3.40
CA THR A 19 -2.75 0.69 3.44
C THR A 19 -3.92 0.88 2.48
N LEU A 20 -4.39 2.13 2.34
CA LEU A 20 -5.48 2.45 1.43
C LEU A 20 -5.09 2.08 0.00
N HIS A 21 -3.81 2.29 -0.32
CA HIS A 21 -3.26 1.98 -1.63
C HIS A 21 -3.41 0.50 -1.95
N ILE A 22 -3.04 -0.33 -0.99
CA ILE A 22 -3.08 -1.78 -1.14
C ILE A 22 -4.49 -2.33 -1.45
N LEU A 23 -5.50 -1.46 -1.40
CA LEU A 23 -6.87 -1.87 -1.70
C LEU A 23 -7.04 -2.24 -3.17
N LEU A 24 -6.31 -1.54 -4.07
CA LEU A 24 -6.42 -1.81 -5.51
C LEU A 24 -5.91 -3.21 -5.87
N HIS A 25 -5.02 -3.78 -5.06
CA HIS A 25 -4.47 -5.11 -5.32
C HIS A 25 -5.59 -6.14 -5.50
N GLU A 26 -6.57 -6.11 -4.61
CA GLU A 26 -7.71 -7.03 -4.68
C GLU A 26 -8.89 -6.39 -5.41
N ASN A 27 -8.60 -5.63 -6.47
CA ASN A 27 -9.63 -4.97 -7.26
C ASN A 27 -9.07 -4.51 -8.61
N LYS A 28 -8.40 -5.43 -9.31
CA LYS A 28 -7.81 -5.13 -10.62
C LYS A 28 -7.74 -6.38 -11.49
N LYS A 29 -8.82 -6.62 -12.25
CA LYS A 29 -8.89 -7.79 -13.13
C LYS A 29 -10.03 -7.64 -14.14
N TYR A 1 9.96 7.40 3.53
CA TYR A 1 9.65 5.95 3.38
C TYR A 1 9.57 5.27 4.75
N LYS A 2 8.35 5.17 5.28
CA LYS A 2 8.14 4.54 6.58
C LYS A 2 7.78 3.06 6.44
N PHE A 3 6.70 2.79 5.70
CA PHE A 3 6.23 1.43 5.49
C PHE A 3 6.53 0.94 4.08
N ALA A 4 6.18 -0.33 3.82
CA ALA A 4 6.38 -0.94 2.51
C ALA A 4 5.38 -2.07 2.28
N CYS A 5 4.81 -2.13 1.07
CA CYS A 5 3.83 -3.16 0.74
C CYS A 5 4.47 -4.55 0.69
N PRO A 6 3.81 -5.56 1.29
CA PRO A 6 4.31 -6.93 1.30
C PRO A 6 4.17 -7.62 -0.06
N GLU A 7 3.28 -7.08 -0.91
CA GLU A 7 3.05 -7.64 -2.24
C GLU A 7 3.80 -6.85 -3.31
N CYS A 8 3.64 -5.52 -3.30
CA CYS A 8 4.30 -4.66 -4.27
C CYS A 8 5.45 -3.88 -3.64
N PRO A 9 6.24 -3.18 -4.47
CA PRO A 9 7.39 -2.40 -4.01
C PRO A 9 7.04 -0.95 -3.66
N LYS A 10 5.88 -0.73 -3.03
CA LYS A 10 5.45 0.61 -2.64
C LYS A 10 5.98 0.98 -1.25
N ARG A 11 5.98 2.27 -0.96
CA ARG A 11 6.47 2.78 0.33
C ARG A 11 5.74 4.08 0.69
N PHE A 12 5.22 4.14 1.92
CA PHE A 12 4.48 5.31 2.38
C PHE A 12 4.84 5.68 3.82
N MET A 13 4.94 6.97 4.09
CA MET A 13 5.25 7.46 5.42
C MET A 13 4.01 7.37 6.34
N ARG A 14 2.83 7.22 5.73
CA ARG A 14 1.58 7.10 6.48
C ARG A 14 1.15 5.64 6.58
N SER A 15 0.36 5.32 7.61
CA SER A 15 -0.12 3.96 7.82
C SER A 15 -1.49 3.75 7.20
N ASP A 16 -2.41 4.68 7.45
CA ASP A 16 -3.77 4.59 6.92
C ASP A 16 -3.80 4.83 5.41
N HIS A 17 -3.15 5.91 4.97
CA HIS A 17 -3.09 6.24 3.55
C HIS A 17 -2.42 5.13 2.76
N LEU A 18 -1.37 4.54 3.34
CA LEU A 18 -0.65 3.45 2.69
C LEU A 18 -1.58 2.28 2.43
N THR A 19 -2.35 1.91 3.45
CA THR A 19 -3.29 0.81 3.32
C THR A 19 -4.32 1.11 2.24
N LEU A 20 -4.66 2.40 2.08
CA LEU A 20 -5.61 2.83 1.06
C LEU A 20 -5.11 2.40 -0.33
N HIS A 21 -3.79 2.43 -0.51
CA HIS A 21 -3.16 2.04 -1.75
C HIS A 21 -3.41 0.57 -2.06
N ILE A 22 -3.20 -0.27 -1.05
CA ILE A 22 -3.35 -1.72 -1.19
C ILE A 22 -4.77 -2.13 -1.59
N LEU A 23 -5.71 -1.17 -1.62
CA LEU A 23 -7.09 -1.47 -2.02
C LEU A 23 -7.13 -1.93 -3.48
N LEU A 24 -6.28 -1.35 -4.34
CA LEU A 24 -6.26 -1.73 -5.76
C LEU A 24 -5.87 -3.20 -5.92
N HIS A 25 -5.02 -3.71 -5.02
CA HIS A 25 -4.59 -5.11 -5.08
C HIS A 25 -5.77 -6.06 -4.98
N GLU A 26 -6.66 -5.79 -4.01
CA GLU A 26 -7.85 -6.62 -3.81
C GLU A 26 -8.79 -6.51 -5.00
N ASN A 27 -9.00 -5.29 -5.50
CA ASN A 27 -9.87 -5.05 -6.63
C ASN A 27 -9.10 -5.16 -7.95
N LYS A 28 -8.75 -6.40 -8.31
CA LYS A 28 -8.00 -6.66 -9.54
C LYS A 28 -8.14 -8.13 -9.97
N LYS A 29 -7.98 -8.37 -11.27
CA LYS A 29 -8.09 -9.72 -11.83
C LYS A 29 -6.87 -10.56 -11.44
N TYR A 1 8.60 6.78 4.93
CA TYR A 1 8.55 5.57 4.05
C TYR A 1 9.00 4.31 4.80
N LYS A 2 8.61 4.20 6.07
CA LYS A 2 8.96 3.04 6.89
C LYS A 2 8.09 1.83 6.56
N PHE A 3 6.94 2.04 5.92
CA PHE A 3 6.03 0.96 5.56
C PHE A 3 6.35 0.40 4.17
N ALA A 4 5.84 -0.79 3.88
CA ALA A 4 6.04 -1.45 2.59
C ALA A 4 4.96 -2.49 2.33
N CYS A 5 4.45 -2.51 1.10
CA CYS A 5 3.41 -3.47 0.71
C CYS A 5 3.99 -4.88 0.57
N PRO A 6 3.27 -5.91 1.06
CA PRO A 6 3.72 -7.30 0.95
C PRO A 6 3.65 -7.86 -0.47
N GLU A 7 2.96 -7.13 -1.36
CA GLU A 7 2.82 -7.56 -2.76
C GLU A 7 3.71 -6.71 -3.68
N CYS A 8 3.68 -5.39 -3.48
CA CYS A 8 4.47 -4.47 -4.30
C CYS A 8 5.46 -3.67 -3.45
N PRO A 9 6.43 -2.99 -4.10
CA PRO A 9 7.44 -2.19 -3.43
C PRO A 9 7.07 -0.73 -3.24
N LYS A 10 5.84 -0.47 -2.77
CA LYS A 10 5.39 0.91 -2.54
C LYS A 10 5.81 1.39 -1.15
N ARG A 11 6.00 2.70 -1.02
CA ARG A 11 6.40 3.31 0.25
C ARG A 11 5.63 4.60 0.51
N PHE A 12 5.08 4.74 1.72
CA PHE A 12 4.29 5.92 2.07
C PHE A 12 4.67 6.46 3.44
N MET A 13 4.51 7.77 3.61
CA MET A 13 4.82 8.44 4.87
C MET A 13 3.74 8.16 5.92
N ARG A 14 2.49 7.94 5.46
CA ARG A 14 1.37 7.66 6.34
C ARG A 14 1.08 6.16 6.40
N SER A 15 0.38 5.75 7.46
CA SER A 15 0.02 4.34 7.64
C SER A 15 -1.35 4.04 7.05
N ASP A 16 -2.32 4.91 7.33
CA ASP A 16 -3.69 4.73 6.82
C ASP A 16 -3.74 4.91 5.31
N HIS A 17 -3.12 5.98 4.81
CA HIS A 17 -3.10 6.24 3.38
C HIS A 17 -2.42 5.11 2.62
N LEU A 18 -1.30 4.62 3.16
CA LEU A 18 -0.57 3.53 2.54
C LEU A 18 -1.45 2.29 2.44
N THR A 19 -2.12 1.96 3.53
CA THR A 19 -3.00 0.80 3.56
C THR A 19 -4.13 0.97 2.54
N LEU A 20 -4.55 2.21 2.31
CA LEU A 20 -5.60 2.50 1.34
C LEU A 20 -5.13 2.10 -0.07
N HIS A 21 -3.83 2.27 -0.32
CA HIS A 21 -3.23 1.91 -1.60
C HIS A 21 -3.34 0.42 -1.86
N ILE A 22 -2.95 -0.36 -0.85
CA ILE A 22 -2.94 -1.82 -0.97
C ILE A 22 -4.29 -2.39 -1.39
N LEU A 23 -5.37 -1.60 -1.26
CA LEU A 23 -6.69 -2.04 -1.69
C LEU A 23 -6.72 -2.21 -3.22
N LEU A 24 -5.80 -1.54 -3.92
CA LEU A 24 -5.69 -1.62 -5.38
C LEU A 24 -5.51 -3.07 -5.84
N HIS A 25 -4.79 -3.86 -5.03
CA HIS A 25 -4.53 -5.27 -5.34
C HIS A 25 -5.79 -6.11 -5.20
N GLU A 26 -6.58 -5.83 -4.16
CA GLU A 26 -7.83 -6.57 -3.92
C GLU A 26 -8.89 -6.19 -4.95
N ASN A 27 -9.30 -4.92 -4.95
CA ASN A 27 -10.32 -4.43 -5.88
C ASN A 27 -9.73 -4.19 -7.26
N LYS A 28 -10.57 -4.27 -8.29
CA LYS A 28 -10.13 -4.04 -9.66
C LYS A 28 -10.04 -2.54 -9.96
N LYS A 29 -8.99 -1.92 -9.43
CA LYS A 29 -8.78 -0.48 -9.63
C LYS A 29 -7.34 -0.10 -9.33
N TYR A 1 11.40 6.23 4.65
CA TYR A 1 10.30 5.27 4.39
C TYR A 1 9.86 4.56 5.68
N LYS A 2 8.57 4.63 5.99
CA LYS A 2 8.03 4.02 7.19
C LYS A 2 7.49 2.61 6.91
N PHE A 3 6.55 2.51 5.97
CA PHE A 3 5.96 1.23 5.62
C PHE A 3 6.25 0.85 4.17
N ALA A 4 5.83 -0.37 3.80
CA ALA A 4 6.02 -0.89 2.45
C ALA A 4 5.05 -2.04 2.17
N CYS A 5 4.57 -2.12 0.93
CA CYS A 5 3.63 -3.17 0.55
C CYS A 5 4.31 -4.54 0.49
N PRO A 6 3.64 -5.57 1.02
CA PRO A 6 4.17 -6.95 1.03
C PRO A 6 4.12 -7.60 -0.36
N GLU A 7 3.28 -7.05 -1.25
CA GLU A 7 3.13 -7.58 -2.60
C GLU A 7 3.88 -6.72 -3.62
N CYS A 8 3.65 -5.41 -3.59
CA CYS A 8 4.31 -4.49 -4.52
C CYS A 8 5.43 -3.72 -3.85
N PRO A 9 6.24 -2.99 -4.63
CA PRO A 9 7.38 -2.21 -4.13
C PRO A 9 7.01 -0.78 -3.75
N LYS A 10 5.83 -0.57 -3.14
CA LYS A 10 5.41 0.76 -2.73
C LYS A 10 5.92 1.07 -1.32
N ARG A 11 6.03 2.35 -1.01
CA ARG A 11 6.51 2.80 0.30
C ARG A 11 5.84 4.12 0.69
N PHE A 12 5.27 4.17 1.89
CA PHE A 12 4.58 5.36 2.38
C PHE A 12 4.94 5.68 3.82
N MET A 13 4.92 6.97 4.15
CA MET A 13 5.22 7.42 5.51
C MET A 13 3.99 7.28 6.42
N ARG A 14 2.81 7.22 5.81
CA ARG A 14 1.56 7.08 6.55
C ARG A 14 1.09 5.63 6.54
N SER A 15 0.26 5.27 7.53
CA SER A 15 -0.26 3.91 7.64
C SER A 15 -1.64 3.79 6.98
N ASP A 16 -2.49 4.79 7.23
CA ASP A 16 -3.85 4.80 6.65
C ASP A 16 -3.81 5.03 5.15
N HIS A 17 -3.08 6.05 4.71
CA HIS A 17 -2.98 6.35 3.28
C HIS A 17 -2.34 5.19 2.54
N LEU A 18 -1.29 4.62 3.12
CA LEU A 18 -0.60 3.49 2.51
C LEU A 18 -1.56 2.32 2.32
N THR A 19 -2.33 2.00 3.36
CA THR A 19 -3.29 0.92 3.30
C THR A 19 -4.34 1.20 2.23
N LEU A 20 -4.66 2.48 2.02
CA LEU A 20 -5.62 2.87 0.99
C LEU A 20 -5.13 2.43 -0.38
N HIS A 21 -3.81 2.51 -0.58
CA HIS A 21 -3.18 2.10 -1.83
C HIS A 21 -3.38 0.61 -2.08
N ILE A 22 -3.07 -0.18 -1.06
CA ILE A 22 -3.15 -1.64 -1.15
C ILE A 22 -4.54 -2.12 -1.58
N LEU A 23 -5.55 -1.25 -1.50
CA LEU A 23 -6.90 -1.60 -1.93
C LEU A 23 -6.87 -2.08 -3.39
N LEU A 24 -5.91 -1.56 -4.17
CA LEU A 24 -5.75 -1.95 -5.58
C LEU A 24 -5.66 -3.47 -5.70
N HIS A 25 -4.78 -4.06 -4.90
CA HIS A 25 -4.58 -5.51 -4.91
C HIS A 25 -5.83 -6.24 -4.41
N GLU A 26 -6.49 -5.66 -3.41
CA GLU A 26 -7.70 -6.23 -2.84
C GLU A 26 -8.74 -6.52 -3.93
N ASN A 27 -8.84 -5.63 -4.91
CA ASN A 27 -9.78 -5.79 -6.02
C ASN A 27 -9.26 -6.83 -7.01
N LYS A 28 -9.51 -8.11 -6.70
CA LYS A 28 -9.07 -9.21 -7.55
C LYS A 28 -9.75 -10.53 -7.14
N LYS A 29 -9.42 -11.60 -7.86
CA LYS A 29 -9.99 -12.92 -7.58
C LYS A 29 -9.65 -13.39 -6.17
N TYR A 1 11.98 5.59 3.78
CA TYR A 1 10.53 5.23 3.84
C TYR A 1 10.18 4.55 5.17
N LYS A 2 8.91 4.62 5.55
CA LYS A 2 8.44 4.01 6.79
C LYS A 2 7.87 2.62 6.54
N PHE A 3 6.75 2.56 5.82
CA PHE A 3 6.09 1.29 5.51
C PHE A 3 6.31 0.86 4.07
N ALA A 4 5.99 -0.41 3.78
CA ALA A 4 6.14 -0.96 2.44
C ALA A 4 5.12 -2.08 2.20
N CYS A 5 4.59 -2.16 0.97
CA CYS A 5 3.61 -3.18 0.63
C CYS A 5 4.26 -4.56 0.57
N PRO A 6 3.57 -5.58 1.11
CA PRO A 6 4.07 -6.97 1.12
C PRO A 6 4.01 -7.62 -0.27
N GLU A 7 3.22 -7.04 -1.18
CA GLU A 7 3.08 -7.57 -2.53
C GLU A 7 3.85 -6.73 -3.54
N CYS A 8 3.66 -5.41 -3.51
CA CYS A 8 4.34 -4.50 -4.43
C CYS A 8 5.44 -3.72 -3.73
N PRO A 9 6.28 -3.00 -4.51
CA PRO A 9 7.39 -2.21 -3.97
C PRO A 9 7.01 -0.77 -3.62
N LYS A 10 5.80 -0.57 -3.08
CA LYS A 10 5.37 0.77 -2.70
C LYS A 10 5.82 1.09 -1.28
N ARG A 11 6.00 2.39 -1.00
CA ARG A 11 6.45 2.84 0.31
C ARG A 11 5.73 4.13 0.69
N PHE A 12 5.25 4.19 1.93
CA PHE A 12 4.53 5.37 2.42
C PHE A 12 4.87 5.68 3.88
N MET A 13 4.95 6.96 4.20
CA MET A 13 5.23 7.39 5.57
C MET A 13 3.97 7.33 6.44
N ARG A 14 2.81 7.22 5.79
CA ARG A 14 1.53 7.14 6.49
C ARG A 14 1.05 5.69 6.59
N SER A 15 0.20 5.42 7.57
CA SER A 15 -0.32 4.06 7.77
C SER A 15 -1.68 3.89 7.08
N ASP A 16 -2.60 4.81 7.34
CA ASP A 16 -3.93 4.77 6.75
C ASP A 16 -3.88 4.99 5.23
N HIS A 17 -3.17 6.04 4.82
CA HIS A 17 -3.04 6.36 3.40
C HIS A 17 -2.38 5.21 2.64
N LEU A 18 -1.34 4.62 3.24
CA LEU A 18 -0.64 3.50 2.62
C LEU A 18 -1.59 2.33 2.39
N THR A 19 -2.38 2.02 3.43
CA THR A 19 -3.34 0.93 3.34
C THR A 19 -4.37 1.21 2.24
N LEU A 20 -4.68 2.49 2.04
CA LEU A 20 -5.64 2.89 1.00
C LEU A 20 -5.13 2.43 -0.38
N HIS A 21 -3.81 2.49 -0.56
CA HIS A 21 -3.17 2.08 -1.79
C HIS A 21 -3.38 0.59 -2.05
N ILE A 22 -3.08 -0.21 -1.03
CA ILE A 22 -3.17 -1.66 -1.12
C ILE A 22 -4.55 -2.15 -1.58
N LEU A 23 -5.55 -1.27 -1.51
CA LEU A 23 -6.90 -1.63 -1.98
C LEU A 23 -6.86 -2.06 -3.45
N LEU A 24 -5.87 -1.53 -4.20
CA LEU A 24 -5.71 -1.88 -5.62
C LEU A 24 -5.60 -3.39 -5.81
N HIS A 25 -4.79 -4.03 -4.96
CA HIS A 25 -4.57 -5.48 -5.01
C HIS A 25 -5.83 -6.26 -4.62
N GLU A 26 -6.59 -5.72 -3.67
CA GLU A 26 -7.81 -6.38 -3.20
C GLU A 26 -8.72 -6.76 -4.38
N ASN A 27 -8.87 -5.85 -5.33
CA ASN A 27 -9.71 -6.10 -6.50
C ASN A 27 -9.15 -5.40 -7.74
N LYS A 28 -8.85 -6.18 -8.78
CA LYS A 28 -8.31 -5.65 -10.02
C LYS A 28 -8.87 -6.39 -11.24
N LYS A 29 -9.21 -5.65 -12.29
CA LYS A 29 -9.76 -6.23 -13.51
C LYS A 29 -9.64 -5.25 -14.69
N TYR A 1 11.20 5.53 4.97
CA TYR A 1 9.86 4.90 4.76
C TYR A 1 9.76 3.56 5.49
N LYS A 2 9.03 3.56 6.61
CA LYS A 2 8.85 2.35 7.40
C LYS A 2 7.70 1.49 6.87
N PHE A 3 6.77 2.11 6.13
CA PHE A 3 5.63 1.41 5.58
C PHE A 3 5.95 0.85 4.19
N ALA A 4 5.77 -0.47 4.04
CA ALA A 4 6.03 -1.14 2.77
C ALA A 4 4.97 -2.19 2.47
N CYS A 5 4.61 -2.32 1.20
CA CYS A 5 3.60 -3.29 0.78
C CYS A 5 4.20 -4.69 0.67
N PRO A 6 3.47 -5.71 1.16
CA PRO A 6 3.92 -7.11 1.09
C PRO A 6 3.83 -7.69 -0.32
N GLU A 7 3.02 -7.06 -1.18
CA GLU A 7 2.84 -7.52 -2.55
C GLU A 7 3.69 -6.71 -3.52
N CYS A 8 3.65 -5.37 -3.39
CA CYS A 8 4.40 -4.49 -4.27
C CYS A 8 5.46 -3.70 -3.50
N PRO A 9 6.36 -3.01 -4.22
CA PRO A 9 7.44 -2.23 -3.64
C PRO A 9 7.08 -0.74 -3.43
N LYS A 10 5.89 -0.48 -2.86
CA LYS A 10 5.46 0.90 -2.61
C LYS A 10 5.87 1.35 -1.21
N ARG A 11 6.02 2.65 -1.04
CA ARG A 11 6.40 3.25 0.24
C ARG A 11 5.66 4.56 0.46
N PHE A 12 5.06 4.70 1.65
CA PHE A 12 4.29 5.90 1.97
C PHE A 12 4.71 6.50 3.30
N MET A 13 4.47 7.80 3.46
CA MET A 13 4.81 8.51 4.70
C MET A 13 3.77 8.23 5.79
N ARG A 14 2.52 7.98 5.38
CA ARG A 14 1.44 7.70 6.32
C ARG A 14 1.17 6.20 6.39
N SER A 15 0.50 5.77 7.46
CA SER A 15 0.18 4.36 7.66
C SER A 15 -1.17 4.01 7.03
N ASP A 16 -2.17 4.86 7.27
CA ASP A 16 -3.51 4.64 6.73
C ASP A 16 -3.53 4.85 5.21
N HIS A 17 -2.75 5.83 4.74
CA HIS A 17 -2.68 6.14 3.31
C HIS A 17 -2.11 4.95 2.54
N LEU A 18 -0.97 4.43 3.00
CA LEU A 18 -0.33 3.29 2.35
C LEU A 18 -1.30 2.10 2.31
N THR A 19 -1.96 1.85 3.43
CA THR A 19 -2.92 0.75 3.51
C THR A 19 -4.07 0.99 2.55
N LEU A 20 -4.45 2.26 2.37
CA LEU A 20 -5.54 2.62 1.45
C LEU A 20 -5.14 2.22 0.03
N HIS A 21 -3.85 2.32 -0.27
CA HIS A 21 -3.30 1.96 -1.56
C HIS A 21 -3.50 0.48 -1.85
N ILE A 22 -3.19 -0.33 -0.86
CA ILE A 22 -3.28 -1.79 -1.00
C ILE A 22 -4.71 -2.30 -1.23
N LEU A 23 -5.70 -1.38 -1.26
CA LEU A 23 -7.08 -1.76 -1.52
C LEU A 23 -7.27 -2.14 -2.99
N LEU A 24 -6.51 -1.51 -3.89
CA LEU A 24 -6.60 -1.81 -5.32
C LEU A 24 -6.01 -3.18 -5.67
N HIS A 25 -5.10 -3.67 -4.82
CA HIS A 25 -4.46 -4.98 -5.04
C HIS A 25 -5.49 -6.09 -5.22
N GLU A 26 -6.62 -5.99 -4.53
CA GLU A 26 -7.68 -6.99 -4.62
C GLU A 26 -8.13 -7.17 -6.07
N ASN A 27 -8.84 -6.16 -6.61
CA ASN A 27 -9.32 -6.22 -7.98
C ASN A 27 -10.02 -4.92 -8.38
N LYS A 28 -9.73 -4.45 -9.59
CA LYS A 28 -10.34 -3.21 -10.09
C LYS A 28 -11.68 -3.50 -10.80
N LYS A 29 -11.80 -4.69 -11.38
CA LYS A 29 -13.03 -5.09 -12.08
C LYS A 29 -14.19 -5.23 -11.09
N TYR A 1 8.89 6.98 2.82
CA TYR A 1 9.00 5.51 2.64
C TYR A 1 9.19 4.78 3.98
N LYS A 2 8.27 5.03 4.91
CA LYS A 2 8.33 4.42 6.24
C LYS A 2 7.90 2.95 6.18
N PHE A 3 6.73 2.70 5.60
CA PHE A 3 6.20 1.33 5.49
C PHE A 3 6.52 0.72 4.13
N ALA A 4 6.13 -0.55 3.95
CA ALA A 4 6.37 -1.26 2.70
C ALA A 4 5.25 -2.25 2.42
N CYS A 5 4.84 -2.36 1.16
CA CYS A 5 3.76 -3.28 0.77
C CYS A 5 4.30 -4.71 0.62
N PRO A 6 3.53 -5.71 1.10
CA PRO A 6 3.92 -7.11 1.01
C PRO A 6 3.73 -7.69 -0.41
N GLU A 7 2.93 -6.99 -1.23
CA GLU A 7 2.67 -7.42 -2.59
C GLU A 7 3.53 -6.65 -3.59
N CYS A 8 3.60 -5.32 -3.43
CA CYS A 8 4.39 -4.48 -4.32
C CYS A 8 5.49 -3.74 -3.55
N PRO A 9 6.39 -3.06 -4.28
CA PRO A 9 7.49 -2.32 -3.69
C PRO A 9 7.16 -0.86 -3.37
N LYS A 10 5.94 -0.60 -2.90
CA LYS A 10 5.53 0.76 -2.55
C LYS A 10 5.90 1.08 -1.11
N ARG A 11 6.10 2.36 -0.84
CA ARG A 11 6.46 2.84 0.50
C ARG A 11 5.73 4.13 0.81
N PHE A 12 5.25 4.26 2.04
CA PHE A 12 4.49 5.44 2.45
C PHE A 12 4.85 5.87 3.87
N MET A 13 4.82 7.18 4.10
CA MET A 13 5.12 7.74 5.43
C MET A 13 3.94 7.52 6.39
N ARG A 14 2.74 7.40 5.82
CA ARG A 14 1.53 7.19 6.62
C ARG A 14 1.12 5.72 6.61
N SER A 15 0.36 5.31 7.62
CA SER A 15 -0.10 3.93 7.74
C SER A 15 -1.47 3.75 7.11
N ASP A 16 -2.38 4.68 7.37
CA ASP A 16 -3.73 4.63 6.82
C ASP A 16 -3.73 4.86 5.31
N HIS A 17 -3.07 5.94 4.88
CA HIS A 17 -2.99 6.27 3.46
C HIS A 17 -2.35 5.13 2.67
N LEU A 18 -1.29 4.54 3.23
CA LEU A 18 -0.60 3.43 2.60
C LEU A 18 -1.56 2.27 2.37
N THR A 19 -2.32 1.92 3.39
CA THR A 19 -3.29 0.84 3.31
C THR A 19 -4.33 1.14 2.23
N LEU A 20 -4.64 2.44 2.05
CA LEU A 20 -5.61 2.85 1.04
C LEU A 20 -5.12 2.43 -0.35
N HIS A 21 -3.81 2.48 -0.55
CA HIS A 21 -3.18 2.09 -1.81
C HIS A 21 -3.39 0.62 -2.08
N ILE A 22 -3.13 -0.20 -1.07
CA ILE A 22 -3.24 -1.65 -1.19
C ILE A 22 -4.65 -2.13 -1.53
N LEU A 23 -5.63 -1.20 -1.57
CA LEU A 23 -7.00 -1.55 -1.92
C LEU A 23 -7.06 -2.07 -3.36
N LEU A 24 -6.26 -1.48 -4.25
CA LEU A 24 -6.26 -1.90 -5.66
C LEU A 24 -5.78 -3.34 -5.81
N HIS A 25 -4.95 -3.81 -4.87
CA HIS A 25 -4.43 -5.18 -4.90
C HIS A 25 -5.57 -6.20 -4.79
N GLU A 26 -6.53 -5.91 -3.91
CA GLU A 26 -7.68 -6.79 -3.70
C GLU A 26 -8.69 -6.66 -4.84
N ASN A 27 -9.25 -5.45 -5.00
CA ASN A 27 -10.23 -5.19 -6.05
C ASN A 27 -9.61 -4.41 -7.20
N LYS A 28 -9.91 -4.82 -8.44
CA LYS A 28 -9.38 -4.16 -9.62
C LYS A 28 -9.86 -2.70 -9.69
N LYS A 29 -8.94 -1.81 -10.07
CA LYS A 29 -9.26 -0.38 -10.17
C LYS A 29 -8.16 0.37 -10.93
N TYR A 1 9.48 6.85 4.18
CA TYR A 1 9.61 5.43 3.75
C TYR A 1 9.65 4.50 4.97
N LYS A 2 8.54 4.45 5.70
CA LYS A 2 8.45 3.61 6.90
C LYS A 2 7.81 2.26 6.57
N PHE A 3 6.64 2.30 5.94
CA PHE A 3 5.93 1.08 5.57
C PHE A 3 6.26 0.62 4.16
N ALA A 4 5.85 -0.61 3.84
CA ALA A 4 6.08 -1.18 2.51
C ALA A 4 5.05 -2.27 2.21
N CYS A 5 4.49 -2.24 1.00
CA CYS A 5 3.48 -3.22 0.59
C CYS A 5 4.08 -4.63 0.50
N PRO A 6 3.35 -5.64 0.99
CA PRO A 6 3.81 -7.03 0.96
C PRO A 6 3.75 -7.64 -0.46
N GLU A 7 3.01 -6.98 -1.36
CA GLU A 7 2.87 -7.46 -2.74
C GLU A 7 3.73 -6.64 -3.70
N CYS A 8 3.66 -5.31 -3.58
CA CYS A 8 4.43 -4.41 -4.45
C CYS A 8 5.47 -3.63 -3.65
N PRO A 9 6.38 -2.93 -4.37
CA PRO A 9 7.46 -2.16 -3.75
C PRO A 9 7.09 -0.69 -3.46
N LYS A 10 5.88 -0.44 -2.95
CA LYS A 10 5.46 0.92 -2.64
C LYS A 10 5.82 1.25 -1.18
N ARG A 11 6.14 2.52 -0.95
CA ARG A 11 6.51 3.01 0.38
C ARG A 11 5.76 4.29 0.70
N PHE A 12 5.22 4.36 1.92
CA PHE A 12 4.45 5.54 2.35
C PHE A 12 4.81 5.96 3.77
N MET A 13 4.74 7.26 4.03
CA MET A 13 5.04 7.80 5.35
C MET A 13 3.85 7.61 6.29
N ARG A 14 2.65 7.48 5.72
CA ARG A 14 1.44 7.29 6.51
C ARG A 14 1.04 5.81 6.52
N SER A 15 0.29 5.42 7.54
CA SER A 15 -0.17 4.03 7.67
C SER A 15 -1.54 3.82 7.03
N ASP A 16 -2.46 4.76 7.28
CA ASP A 16 -3.80 4.68 6.72
C ASP A 16 -3.81 4.96 5.21
N HIS A 17 -2.99 5.93 4.78
CA HIS A 17 -2.89 6.27 3.37
C HIS A 17 -2.29 5.12 2.58
N LEU A 18 -1.21 4.53 3.11
CA LEU A 18 -0.55 3.41 2.47
C LEU A 18 -1.53 2.26 2.27
N THR A 19 -2.29 1.95 3.32
CA THR A 19 -3.27 0.88 3.26
C THR A 19 -4.31 1.16 2.19
N LEU A 20 -4.64 2.44 1.98
CA LEU A 20 -5.60 2.84 0.95
C LEU A 20 -5.11 2.36 -0.41
N HIS A 21 -3.81 2.52 -0.65
CA HIS A 21 -3.19 2.09 -1.89
C HIS A 21 -3.35 0.60 -2.10
N ILE A 22 -2.98 -0.18 -1.08
CA ILE A 22 -3.02 -1.64 -1.14
C ILE A 22 -4.40 -2.18 -1.54
N LEU A 23 -5.44 -1.34 -1.43
CA LEU A 23 -6.78 -1.77 -1.82
C LEU A 23 -6.79 -2.21 -3.30
N LEU A 24 -5.87 -1.63 -4.10
CA LEU A 24 -5.76 -1.98 -5.52
C LEU A 24 -5.64 -3.49 -5.70
N HIS A 25 -4.72 -4.10 -4.94
CA HIS A 25 -4.49 -5.54 -4.99
C HIS A 25 -5.75 -6.32 -4.59
N GLU A 26 -6.40 -5.87 -3.52
CA GLU A 26 -7.61 -6.53 -3.03
C GLU A 26 -8.86 -5.90 -3.65
N ASN A 27 -8.92 -5.90 -4.99
CA ASN A 27 -10.05 -5.34 -5.71
C ASN A 27 -10.01 -5.72 -7.19
N LYS A 28 -10.70 -6.82 -7.54
CA LYS A 28 -10.73 -7.30 -8.91
C LYS A 28 -11.91 -8.26 -9.13
N LYS A 29 -12.52 -8.16 -10.31
CA LYS A 29 -13.66 -9.03 -10.66
C LYS A 29 -14.06 -8.83 -12.13
N TYR A 1 9.40 7.45 2.53
CA TYR A 1 9.16 5.98 2.42
C TYR A 1 9.43 5.28 3.75
N LYS A 2 8.40 5.18 4.58
CA LYS A 2 8.52 4.53 5.89
C LYS A 2 8.10 3.06 5.82
N PHE A 3 6.86 2.81 5.42
CA PHE A 3 6.32 1.47 5.33
C PHE A 3 6.57 0.86 3.95
N ALA A 4 6.10 -0.39 3.77
CA ALA A 4 6.27 -1.09 2.49
C ALA A 4 5.19 -2.16 2.32
N CYS A 5 4.68 -2.29 1.09
CA CYS A 5 3.64 -3.27 0.79
C CYS A 5 4.23 -4.69 0.72
N PRO A 6 3.51 -5.68 1.26
CA PRO A 6 3.96 -7.09 1.24
C PRO A 6 3.89 -7.71 -0.16
N GLU A 7 3.09 -7.09 -1.05
CA GLU A 7 2.93 -7.58 -2.41
C GLU A 7 3.76 -6.76 -3.40
N CYS A 8 3.60 -5.43 -3.36
CA CYS A 8 4.33 -4.54 -4.26
C CYS A 8 5.43 -3.78 -3.52
N PRO A 9 6.29 -3.07 -4.28
CA PRO A 9 7.40 -2.31 -3.72
C PRO A 9 7.04 -0.85 -3.37
N LYS A 10 5.77 -0.62 -2.99
CA LYS A 10 5.35 0.73 -2.62
C LYS A 10 5.77 1.04 -1.19
N ARG A 11 5.95 2.33 -0.91
CA ARG A 11 6.36 2.79 0.41
C ARG A 11 5.64 4.08 0.78
N PHE A 12 5.19 4.16 2.04
CA PHE A 12 4.45 5.33 2.50
C PHE A 12 4.80 5.68 3.94
N MET A 13 4.85 6.98 4.23
CA MET A 13 5.16 7.47 5.57
C MET A 13 3.94 7.36 6.49
N ARG A 14 2.75 7.24 5.88
CA ARG A 14 1.50 7.11 6.64
C ARG A 14 1.06 5.66 6.70
N SER A 15 0.23 5.34 7.70
CA SER A 15 -0.27 3.98 7.90
C SER A 15 -1.63 3.80 7.23
N ASP A 16 -2.53 4.76 7.45
CA ASP A 16 -3.87 4.70 6.88
C ASP A 16 -3.85 4.97 5.36
N HIS A 17 -3.01 5.91 4.93
CA HIS A 17 -2.90 6.24 3.51
C HIS A 17 -2.31 5.06 2.74
N LEU A 18 -1.26 4.45 3.29
CA LEU A 18 -0.62 3.32 2.65
C LEU A 18 -1.61 2.19 2.45
N THR A 19 -2.40 1.90 3.48
CA THR A 19 -3.40 0.86 3.40
C THR A 19 -4.41 1.16 2.30
N LEU A 20 -4.70 2.44 2.09
CA LEU A 20 -5.64 2.85 1.04
C LEU A 20 -5.14 2.36 -0.32
N HIS A 21 -3.83 2.51 -0.54
CA HIS A 21 -3.19 2.09 -1.78
C HIS A 21 -3.41 0.60 -2.03
N ILE A 22 -3.11 -0.20 -1.03
CA ILE A 22 -3.20 -1.65 -1.12
C ILE A 22 -4.57 -2.14 -1.61
N LEU A 23 -5.60 -1.28 -1.54
CA LEU A 23 -6.92 -1.66 -2.03
C LEU A 23 -6.86 -2.04 -3.51
N LEU A 24 -5.87 -1.49 -4.24
CA LEU A 24 -5.68 -1.79 -5.66
C LEU A 24 -5.54 -3.30 -5.85
N HIS A 25 -4.69 -3.92 -5.04
CA HIS A 25 -4.44 -5.36 -5.12
C HIS A 25 -5.73 -6.15 -4.93
N GLU A 26 -6.56 -5.72 -3.98
CA GLU A 26 -7.84 -6.37 -3.70
C GLU A 26 -8.81 -6.21 -4.88
N ASN A 27 -8.91 -4.97 -5.38
CA ASN A 27 -9.79 -4.67 -6.50
C ASN A 27 -9.40 -3.34 -7.17
N LYS A 28 -9.24 -3.37 -8.49
CA LYS A 28 -8.86 -2.17 -9.24
C LYS A 28 -10.07 -1.27 -9.49
N LYS A 29 -9.88 0.04 -9.32
CA LYS A 29 -10.95 1.01 -9.52
C LYS A 29 -10.60 2.00 -10.62
N TYR A 1 9.91 7.24 3.69
CA TYR A 1 9.46 5.84 3.46
C TYR A 1 9.50 5.03 4.75
N LYS A 2 8.36 4.94 5.43
CA LYS A 2 8.28 4.20 6.69
C LYS A 2 7.78 2.77 6.46
N PHE A 3 6.62 2.64 5.82
CA PHE A 3 6.04 1.33 5.55
C PHE A 3 6.30 0.86 4.12
N ALA A 4 5.85 -0.36 3.82
CA ALA A 4 6.03 -0.95 2.49
C ALA A 4 5.01 -2.06 2.24
N CYS A 5 4.55 -2.20 1.00
CA CYS A 5 3.58 -3.22 0.64
C CYS A 5 4.22 -4.61 0.57
N PRO A 6 3.54 -5.64 1.10
CA PRO A 6 4.04 -7.02 1.09
C PRO A 6 3.93 -7.67 -0.31
N GLU A 7 3.13 -7.06 -1.18
CA GLU A 7 2.93 -7.58 -2.54
C GLU A 7 3.74 -6.77 -3.56
N CYS A 8 3.59 -5.44 -3.51
CA CYS A 8 4.31 -4.56 -4.43
C CYS A 8 5.42 -3.79 -3.73
N PRO A 9 6.28 -3.10 -4.50
CA PRO A 9 7.40 -2.34 -3.96
C PRO A 9 7.06 -0.87 -3.65
N LYS A 10 5.91 -0.64 -3.02
CA LYS A 10 5.51 0.71 -2.66
C LYS A 10 6.00 1.06 -1.25
N ARG A 11 6.08 2.35 -0.95
CA ARG A 11 6.52 2.83 0.36
C ARG A 11 5.85 4.16 0.71
N PHE A 12 5.30 4.23 1.92
CA PHE A 12 4.59 5.44 2.36
C PHE A 12 4.95 5.79 3.81
N MET A 13 4.86 7.08 4.12
CA MET A 13 5.15 7.57 5.47
C MET A 13 3.94 7.41 6.38
N ARG A 14 2.75 7.29 5.78
CA ARG A 14 1.51 7.13 6.53
C ARG A 14 1.08 5.67 6.57
N SER A 15 0.27 5.32 7.57
CA SER A 15 -0.21 3.94 7.72
C SER A 15 -1.58 3.76 7.07
N ASP A 16 -2.50 4.67 7.36
CA ASP A 16 -3.85 4.62 6.81
C ASP A 16 -3.85 4.88 5.31
N HIS A 17 -3.18 5.95 4.89
CA HIS A 17 -3.09 6.30 3.47
C HIS A 17 -2.42 5.19 2.68
N LEU A 18 -1.35 4.64 3.24
CA LEU A 18 -0.62 3.55 2.60
C LEU A 18 -1.54 2.36 2.37
N THR A 19 -2.28 1.99 3.41
CA THR A 19 -3.21 0.88 3.31
C THR A 19 -4.26 1.14 2.23
N LEU A 20 -4.62 2.41 2.05
CA LEU A 20 -5.60 2.80 1.03
C LEU A 20 -5.10 2.35 -0.35
N HIS A 21 -3.78 2.48 -0.55
CA HIS A 21 -3.15 2.08 -1.80
C HIS A 21 -3.34 0.59 -2.05
N ILE A 22 -3.00 -0.21 -1.04
CA ILE A 22 -3.08 -1.66 -1.13
C ILE A 22 -4.45 -2.15 -1.56
N LEU A 23 -5.48 -1.30 -1.43
CA LEU A 23 -6.83 -1.66 -1.87
C LEU A 23 -6.82 -2.06 -3.34
N LEU A 24 -5.86 -1.53 -4.11
CA LEU A 24 -5.72 -1.86 -5.54
C LEU A 24 -5.63 -3.36 -5.75
N HIS A 25 -4.75 -4.00 -4.97
CA HIS A 25 -4.53 -5.44 -5.06
C HIS A 25 -5.81 -6.23 -4.75
N GLU A 26 -6.56 -5.78 -3.74
CA GLU A 26 -7.80 -6.45 -3.35
C GLU A 26 -8.91 -6.16 -4.37
N ASN A 27 -9.24 -4.88 -4.52
CA ASN A 27 -10.28 -4.46 -5.47
C ASN A 27 -10.01 -3.04 -5.97
N LYS A 28 -9.62 -2.93 -7.23
CA LYS A 28 -9.33 -1.63 -7.82
C LYS A 28 -10.35 -1.27 -8.91
N LYS A 29 -10.53 0.03 -9.12
CA LYS A 29 -11.49 0.52 -10.12
C LYS A 29 -10.85 0.58 -11.51
N TYR A 1 9.73 5.94 7.26
CA TYR A 1 9.35 5.32 5.95
C TYR A 1 9.42 3.80 6.01
N LYS A 2 8.94 3.21 7.12
CA LYS A 2 8.95 1.76 7.29
C LYS A 2 7.67 1.11 6.75
N PHE A 3 6.86 1.89 6.02
CA PHE A 3 5.62 1.39 5.45
C PHE A 3 5.87 0.83 4.05
N ALA A 4 5.56 -0.46 3.87
CA ALA A 4 5.76 -1.12 2.57
C ALA A 4 4.68 -2.18 2.32
N CYS A 5 4.36 -2.38 1.05
CA CYS A 5 3.35 -3.37 0.66
C CYS A 5 3.97 -4.77 0.56
N PRO A 6 3.26 -5.79 1.08
CA PRO A 6 3.74 -7.18 1.05
C PRO A 6 3.76 -7.76 -0.38
N GLU A 7 3.06 -7.12 -1.30
CA GLU A 7 2.99 -7.57 -2.69
C GLU A 7 3.86 -6.71 -3.62
N CYS A 8 3.74 -5.38 -3.47
CA CYS A 8 4.50 -4.45 -4.30
C CYS A 8 5.48 -3.62 -3.46
N PRO A 9 6.42 -2.91 -4.14
CA PRO A 9 7.42 -2.09 -3.49
C PRO A 9 7.03 -0.61 -3.33
N LYS A 10 5.84 -0.35 -2.76
CA LYS A 10 5.38 1.02 -2.57
C LYS A 10 5.72 1.51 -1.16
N ARG A 11 6.00 2.81 -1.04
CA ARG A 11 6.34 3.43 0.24
C ARG A 11 5.53 4.70 0.44
N PHE A 12 5.01 4.89 1.66
CA PHE A 12 4.19 6.05 1.97
C PHE A 12 4.57 6.65 3.32
N MET A 13 4.37 7.96 3.45
CA MET A 13 4.68 8.66 4.70
C MET A 13 3.71 8.26 5.81
N ARG A 14 2.44 8.04 5.45
CA ARG A 14 1.42 7.65 6.41
C ARG A 14 1.17 6.14 6.37
N SER A 15 0.57 5.61 7.44
CA SER A 15 0.26 4.19 7.54
C SER A 15 -1.11 3.90 6.94
N ASP A 16 -2.10 4.71 7.31
CA ASP A 16 -3.47 4.54 6.82
C ASP A 16 -3.53 4.77 5.31
N HIS A 17 -2.88 5.84 4.84
CA HIS A 17 -2.86 6.17 3.43
C HIS A 17 -2.24 5.05 2.61
N LEU A 18 -1.10 4.53 3.06
CA LEU A 18 -0.42 3.43 2.38
C LEU A 18 -1.35 2.23 2.26
N THR A 19 -2.04 1.91 3.37
CA THR A 19 -2.96 0.80 3.39
C THR A 19 -4.09 1.01 2.38
N LEU A 20 -4.49 2.28 2.21
CA LEU A 20 -5.55 2.62 1.25
C LEU A 20 -5.11 2.22 -0.15
N HIS A 21 -3.82 2.38 -0.43
CA HIS A 21 -3.24 2.02 -1.72
C HIS A 21 -3.37 0.54 -1.99
N ILE A 22 -2.97 -0.27 -1.01
CA ILE A 22 -2.97 -1.72 -1.13
C ILE A 22 -4.35 -2.29 -1.51
N LEU A 23 -5.40 -1.48 -1.37
CA LEU A 23 -6.74 -1.93 -1.75
C LEU A 23 -6.79 -2.27 -3.25
N LEU A 24 -5.88 -1.66 -4.03
CA LEU A 24 -5.80 -1.93 -5.47
C LEU A 24 -5.67 -3.42 -5.75
N HIS A 25 -4.74 -4.07 -5.04
CA HIS A 25 -4.49 -5.51 -5.20
C HIS A 25 -5.74 -6.31 -4.87
N GLU A 26 -6.54 -5.83 -3.91
CA GLU A 26 -7.77 -6.50 -3.51
C GLU A 26 -8.95 -6.01 -4.33
N ASN A 27 -8.80 -6.04 -5.66
CA ASN A 27 -9.86 -5.61 -6.58
C ASN A 27 -9.97 -6.57 -7.77
N LYS A 28 -10.13 -7.86 -7.48
CA LYS A 28 -10.25 -8.88 -8.52
C LYS A 28 -11.71 -9.11 -8.90
N LYS A 29 -11.92 -9.86 -9.98
CA LYS A 29 -13.28 -10.16 -10.46
C LYS A 29 -14.00 -11.08 -9.48
N TYR A 1 11.43 6.04 4.42
CA TYR A 1 10.37 5.03 4.21
C TYR A 1 10.02 4.33 5.52
N LYS A 2 8.74 4.41 5.91
CA LYS A 2 8.27 3.80 7.15
C LYS A 2 7.68 2.41 6.89
N PHE A 3 6.71 2.35 5.97
CA PHE A 3 6.05 1.09 5.64
C PHE A 3 6.51 0.55 4.28
N ALA A 4 6.10 -0.69 3.98
CA ALA A 4 6.44 -1.34 2.73
C ALA A 4 5.38 -2.38 2.37
N CYS A 5 4.80 -2.25 1.17
CA CYS A 5 3.76 -3.18 0.73
C CYS A 5 4.30 -4.60 0.56
N PRO A 6 3.56 -5.61 1.06
CA PRO A 6 3.96 -7.01 0.95
C PRO A 6 3.73 -7.58 -0.46
N GLU A 7 2.88 -6.91 -1.25
CA GLU A 7 2.57 -7.34 -2.61
C GLU A 7 3.39 -6.57 -3.65
N CYS A 8 3.52 -5.25 -3.48
CA CYS A 8 4.28 -4.42 -4.41
C CYS A 8 5.40 -3.67 -3.71
N PRO A 9 6.28 -3.02 -4.49
CA PRO A 9 7.41 -2.26 -3.96
C PRO A 9 7.09 -0.79 -3.67
N LYS A 10 5.95 -0.53 -3.02
CA LYS A 10 5.55 0.84 -2.70
C LYS A 10 6.00 1.20 -1.27
N ARG A 11 6.09 2.50 -1.01
CA ARG A 11 6.51 3.01 0.29
C ARG A 11 5.77 4.30 0.62
N PHE A 12 5.20 4.38 1.83
CA PHE A 12 4.44 5.55 2.24
C PHE A 12 4.82 5.99 3.65
N MET A 13 4.69 7.29 3.91
CA MET A 13 5.00 7.86 5.22
C MET A 13 3.85 7.63 6.21
N ARG A 14 2.62 7.51 5.68
CA ARG A 14 1.44 7.29 6.52
C ARG A 14 1.06 5.81 6.51
N SER A 15 0.35 5.39 7.56
CA SER A 15 -0.08 4.00 7.68
C SER A 15 -1.47 3.81 7.06
N ASP A 16 -2.39 4.73 7.35
CA ASP A 16 -3.76 4.65 6.81
C ASP A 16 -3.78 4.95 5.32
N HIS A 17 -2.97 5.94 4.89
CA HIS A 17 -2.90 6.31 3.48
C HIS A 17 -2.30 5.18 2.66
N LEU A 18 -1.23 4.57 3.18
CA LEU A 18 -0.58 3.47 2.51
C LEU A 18 -1.55 2.31 2.29
N THR A 19 -2.29 1.96 3.34
CA THR A 19 -3.27 0.89 3.26
C THR A 19 -4.32 1.21 2.20
N LEU A 20 -4.64 2.50 2.04
CA LEU A 20 -5.61 2.92 1.03
C LEU A 20 -5.16 2.44 -0.35
N HIS A 21 -3.86 2.57 -0.61
CA HIS A 21 -3.26 2.14 -1.86
C HIS A 21 -3.49 0.65 -2.10
N ILE A 22 -3.12 -0.15 -1.11
CA ILE A 22 -3.21 -1.61 -1.20
C ILE A 22 -4.61 -2.11 -1.60
N LEU A 23 -5.63 -1.24 -1.54
CA LEU A 23 -6.97 -1.62 -1.94
C LEU A 23 -6.97 -2.14 -3.37
N LEU A 24 -6.08 -1.59 -4.22
CA LEU A 24 -5.97 -2.01 -5.62
C LEU A 24 -5.66 -3.51 -5.72
N HIS A 25 -4.80 -3.99 -4.82
CA HIS A 25 -4.41 -5.41 -4.81
C HIS A 25 -5.60 -6.32 -4.53
N GLU A 26 -6.51 -5.86 -3.66
CA GLU A 26 -7.71 -6.63 -3.31
C GLU A 26 -8.48 -7.04 -4.56
N ASN A 27 -8.62 -6.10 -5.51
CA ASN A 27 -9.33 -6.34 -6.76
C ASN A 27 -8.34 -6.61 -7.91
N LYS A 28 -8.88 -6.89 -9.09
CA LYS A 28 -8.06 -7.15 -10.27
C LYS A 28 -8.42 -6.21 -11.41
N LYS A 29 -8.13 -4.93 -11.22
CA LYS A 29 -8.42 -3.91 -12.24
C LYS A 29 -7.20 -3.65 -13.12
N TYR A 1 11.56 5.89 4.11
CA TYR A 1 10.67 4.73 3.85
C TYR A 1 10.36 3.99 5.15
N LYS A 2 9.14 4.17 5.66
CA LYS A 2 8.72 3.53 6.90
C LYS A 2 7.96 2.23 6.64
N PHE A 3 6.85 2.33 5.89
CA PHE A 3 6.04 1.16 5.57
C PHE A 3 6.36 0.61 4.19
N ALA A 4 5.87 -0.60 3.91
CA ALA A 4 6.08 -1.26 2.63
C ALA A 4 4.99 -2.30 2.35
N CYS A 5 4.55 -2.36 1.09
CA CYS A 5 3.50 -3.32 0.69
C CYS A 5 4.07 -4.72 0.55
N PRO A 6 3.33 -5.75 1.01
CA PRO A 6 3.75 -7.15 0.92
C PRO A 6 3.65 -7.71 -0.50
N GLU A 7 2.91 -7.00 -1.37
CA GLU A 7 2.72 -7.44 -2.75
C GLU A 7 3.60 -6.63 -3.70
N CYS A 8 3.62 -5.31 -3.52
CA CYS A 8 4.41 -4.42 -4.37
C CYS A 8 5.47 -3.67 -3.55
N PRO A 9 6.41 -3.01 -4.25
CA PRO A 9 7.49 -2.26 -3.59
C PRO A 9 7.15 -0.79 -3.34
N LYS A 10 5.94 -0.52 -2.83
CA LYS A 10 5.53 0.85 -2.54
C LYS A 10 5.92 1.24 -1.11
N ARG A 11 6.11 2.53 -0.90
CA ARG A 11 6.49 3.06 0.41
C ARG A 11 5.77 4.38 0.68
N PHE A 12 5.16 4.50 1.87
CA PHE A 12 4.41 5.70 2.21
C PHE A 12 4.77 6.21 3.60
N MET A 13 4.62 7.52 3.79
CA MET A 13 4.90 8.15 5.08
C MET A 13 3.77 7.90 6.07
N ARG A 14 2.55 7.71 5.55
CA ARG A 14 1.38 7.45 6.39
C ARG A 14 1.05 5.97 6.42
N SER A 15 0.39 5.53 7.50
CA SER A 15 0.00 4.14 7.64
C SER A 15 -1.37 3.88 7.05
N ASP A 16 -2.32 4.77 7.37
CA ASP A 16 -3.69 4.66 6.87
C ASP A 16 -3.75 4.88 5.36
N HIS A 17 -3.09 5.94 4.90
CA HIS A 17 -3.06 6.26 3.47
C HIS A 17 -2.41 5.15 2.67
N LEU A 18 -1.31 4.61 3.19
CA LEU A 18 -0.60 3.52 2.54
C LEU A 18 -1.52 2.32 2.37
N THR A 19 -2.24 1.97 3.44
CA THR A 19 -3.16 0.86 3.40
C THR A 19 -4.25 1.09 2.36
N LEU A 20 -4.62 2.36 2.16
CA LEU A 20 -5.63 2.73 1.17
C LEU A 20 -5.17 2.31 -0.23
N HIS A 21 -3.86 2.41 -0.46
CA HIS A 21 -3.26 2.03 -1.74
C HIS A 21 -3.42 0.54 -1.99
N ILE A 22 -3.05 -0.25 -0.99
CA ILE A 22 -3.08 -1.71 -1.10
C ILE A 22 -4.46 -2.25 -1.50
N LEU A 23 -5.51 -1.42 -1.39
CA LEU A 23 -6.84 -1.84 -1.80
C LEU A 23 -6.86 -2.20 -3.28
N LEU A 24 -5.93 -1.61 -4.06
CA LEU A 24 -5.81 -1.88 -5.49
C LEU A 24 -5.63 -3.38 -5.74
N HIS A 25 -4.73 -3.99 -4.97
CA HIS A 25 -4.45 -5.42 -5.08
C HIS A 25 -5.71 -6.26 -4.88
N GLU A 26 -6.55 -5.85 -3.93
CA GLU A 26 -7.80 -6.56 -3.65
C GLU A 26 -8.70 -6.58 -4.87
N ASN A 27 -8.87 -5.44 -5.52
CA ASN A 27 -9.71 -5.32 -6.71
C ASN A 27 -9.27 -4.15 -7.58
N LYS A 28 -8.53 -4.45 -8.65
CA LYS A 28 -8.04 -3.43 -9.57
C LYS A 28 -8.85 -3.42 -10.85
N LYS A 29 -9.36 -2.24 -11.22
CA LYS A 29 -10.16 -2.08 -12.43
C LYS A 29 -9.72 -0.85 -13.23
N TYR A 1 8.95 7.42 3.03
CA TYR A 1 8.95 5.96 2.77
C TYR A 1 9.29 5.17 4.04
N LYS A 2 8.30 5.05 4.93
CA LYS A 2 8.48 4.33 6.19
C LYS A 2 8.02 2.88 6.06
N PHE A 3 6.79 2.68 5.58
CA PHE A 3 6.23 1.35 5.42
C PHE A 3 6.51 0.78 4.02
N ALA A 4 6.14 -0.49 3.83
CA ALA A 4 6.34 -1.16 2.55
C ALA A 4 5.27 -2.24 2.33
N CYS A 5 4.71 -2.29 1.13
CA CYS A 5 3.69 -3.28 0.80
C CYS A 5 4.28 -4.70 0.72
N PRO A 6 3.57 -5.70 1.28
CA PRO A 6 4.03 -7.09 1.25
C PRO A 6 3.94 -7.72 -0.14
N GLU A 7 3.13 -7.13 -1.02
CA GLU A 7 2.95 -7.62 -2.38
C GLU A 7 3.76 -6.81 -3.39
N CYS A 8 3.61 -5.48 -3.33
CA CYS A 8 4.33 -4.59 -4.25
C CYS A 8 5.43 -3.81 -3.53
N PRO A 9 6.28 -3.11 -4.30
CA PRO A 9 7.39 -2.33 -3.76
C PRO A 9 7.03 -0.87 -3.45
N LYS A 10 5.82 -0.63 -2.95
CA LYS A 10 5.38 0.72 -2.61
C LYS A 10 5.80 1.09 -1.19
N ARG A 11 6.00 2.38 -0.96
CA ARG A 11 6.40 2.88 0.35
C ARG A 11 5.65 4.16 0.68
N PHE A 12 5.20 4.27 1.93
CA PHE A 12 4.43 5.44 2.37
C PHE A 12 4.82 5.87 3.78
N MET A 13 4.77 7.17 4.02
CA MET A 13 5.09 7.72 5.34
C MET A 13 3.93 7.55 6.32
N ARG A 14 2.71 7.40 5.77
CA ARG A 14 1.51 7.21 6.60
C ARG A 14 1.13 5.73 6.66
N SER A 15 0.35 5.37 7.69
CA SER A 15 -0.09 4.00 7.87
C SER A 15 -1.49 3.78 7.27
N ASP A 16 -2.38 4.74 7.47
CA ASP A 16 -3.75 4.64 6.94
C ASP A 16 -3.78 4.92 5.43
N HIS A 17 -2.99 5.89 4.98
CA HIS A 17 -2.93 6.23 3.57
C HIS A 17 -2.32 5.08 2.76
N LEU A 18 -1.26 4.48 3.30
CA LEU A 18 -0.59 3.36 2.65
C LEU A 18 -1.57 2.23 2.43
N THR A 19 -2.33 1.90 3.47
CA THR A 19 -3.31 0.83 3.39
C THR A 19 -4.36 1.14 2.32
N LEU A 20 -4.68 2.43 2.15
CA LEU A 20 -5.65 2.86 1.15
C LEU A 20 -5.16 2.44 -0.24
N HIS A 21 -3.84 2.51 -0.45
CA HIS A 21 -3.23 2.12 -1.70
C HIS A 21 -3.48 0.65 -2.01
N ILE A 22 -3.17 -0.17 -1.02
CA ILE A 22 -3.30 -1.62 -1.16
C ILE A 22 -4.71 -2.08 -1.60
N LEU A 23 -5.68 -1.16 -1.57
CA LEU A 23 -7.03 -1.48 -2.02
C LEU A 23 -7.00 -1.97 -3.47
N LEU A 24 -6.06 -1.43 -4.26
CA LEU A 24 -5.91 -1.84 -5.67
C LEU A 24 -5.61 -3.33 -5.79
N HIS A 25 -4.81 -3.86 -4.87
CA HIS A 25 -4.43 -5.27 -4.88
C HIS A 25 -5.66 -6.18 -4.87
N GLU A 26 -6.72 -5.73 -4.20
CA GLU A 26 -7.97 -6.49 -4.11
C GLU A 26 -8.46 -6.87 -5.51
N ASN A 27 -8.43 -5.90 -6.43
CA ASN A 27 -8.87 -6.13 -7.80
C ASN A 27 -7.66 -6.28 -8.73
N LYS A 28 -6.95 -7.40 -8.59
CA LYS A 28 -5.77 -7.68 -9.41
C LYS A 28 -6.09 -8.69 -10.51
N LYS A 29 -5.58 -8.42 -11.71
CA LYS A 29 -5.80 -9.31 -12.86
C LYS A 29 -4.80 -10.47 -12.86
N TYR A 1 8.24 7.07 2.73
CA TYR A 1 9.13 5.89 2.54
C TYR A 1 9.43 5.19 3.86
N LYS A 2 8.42 5.13 4.74
CA LYS A 2 8.58 4.48 6.04
C LYS A 2 8.09 3.03 6.00
N PHE A 3 6.87 2.82 5.52
CA PHE A 3 6.29 1.50 5.43
C PHE A 3 6.59 0.83 4.10
N ALA A 4 6.19 -0.43 3.97
CA ALA A 4 6.40 -1.20 2.75
C ALA A 4 5.25 -2.17 2.50
N CYS A 5 4.85 -2.30 1.24
CA CYS A 5 3.76 -3.19 0.86
C CYS A 5 4.23 -4.64 0.75
N PRO A 6 3.44 -5.60 1.29
CA PRO A 6 3.77 -7.03 1.23
C PRO A 6 3.57 -7.62 -0.16
N GLU A 7 2.79 -6.93 -1.00
CA GLU A 7 2.51 -7.37 -2.36
C GLU A 7 3.41 -6.68 -3.38
N CYS A 8 3.53 -5.36 -3.25
CA CYS A 8 4.36 -4.56 -4.16
C CYS A 8 5.46 -3.82 -3.41
N PRO A 9 6.38 -3.19 -4.14
CA PRO A 9 7.50 -2.45 -3.56
C PRO A 9 7.19 -0.96 -3.32
N LYS A 10 5.99 -0.67 -2.79
CA LYS A 10 5.61 0.71 -2.52
C LYS A 10 5.98 1.11 -1.09
N ARG A 11 6.20 2.40 -0.90
CA ARG A 11 6.59 2.94 0.40
C ARG A 11 5.80 4.21 0.72
N PHE A 12 5.27 4.30 1.94
CA PHE A 12 4.47 5.45 2.34
C PHE A 12 4.84 5.93 3.73
N MET A 13 4.73 7.24 3.95
CA MET A 13 5.04 7.84 5.25
C MET A 13 3.89 7.60 6.24
N ARG A 14 2.68 7.43 5.69
CA ARG A 14 1.49 7.19 6.51
C ARG A 14 1.15 5.70 6.54
N SER A 15 0.46 5.28 7.59
CA SER A 15 0.07 3.89 7.74
C SER A 15 -1.33 3.65 7.16
N ASP A 16 -2.26 4.56 7.47
CA ASP A 16 -3.64 4.46 6.98
C ASP A 16 -3.70 4.69 5.47
N HIS A 17 -3.06 5.77 5.01
CA HIS A 17 -3.03 6.11 3.58
C HIS A 17 -2.38 5.00 2.78
N LEU A 18 -1.31 4.41 3.31
CA LEU A 18 -0.61 3.32 2.64
C LEU A 18 -1.55 2.16 2.38
N THR A 19 -2.32 1.80 3.41
CA THR A 19 -3.27 0.70 3.28
C THR A 19 -4.32 1.02 2.23
N LEU A 20 -4.68 2.31 2.11
CA LEU A 20 -5.64 2.76 1.11
C LEU A 20 -5.17 2.36 -0.28
N HIS A 21 -3.85 2.40 -0.48
CA HIS A 21 -3.24 2.04 -1.75
C HIS A 21 -3.46 0.57 -2.05
N ILE A 22 -3.20 -0.26 -1.05
CA ILE A 22 -3.31 -1.72 -1.20
C ILE A 22 -4.75 -2.18 -1.50
N LEU A 23 -5.71 -1.24 -1.52
CA LEU A 23 -7.09 -1.58 -1.83
C LEU A 23 -7.20 -2.03 -3.29
N LEU A 24 -6.41 -1.39 -4.18
CA LEU A 24 -6.43 -1.76 -5.61
C LEU A 24 -5.86 -3.17 -5.83
N HIS A 25 -4.97 -3.62 -4.95
CA HIS A 25 -4.37 -4.95 -5.06
C HIS A 25 -5.45 -6.02 -5.15
N GLU A 26 -6.50 -5.88 -4.33
CA GLU A 26 -7.60 -6.84 -4.32
C GLU A 26 -8.53 -6.60 -5.52
N ASN A 27 -9.03 -5.37 -5.64
CA ASN A 27 -9.93 -5.00 -6.73
C ASN A 27 -9.15 -4.38 -7.89
N LYS A 28 -8.86 -5.18 -8.91
CA LYS A 28 -8.13 -4.71 -10.08
C LYS A 28 -8.62 -5.39 -11.35
N LYS A 29 -8.98 -4.58 -12.35
CA LYS A 29 -9.46 -5.10 -13.63
C LYS A 29 -8.46 -4.81 -14.75
N TYR A 1 8.23 7.10 3.12
CA TYR A 1 8.63 5.68 2.91
C TYR A 1 8.72 4.92 4.23
N LYS A 2 7.76 5.17 5.13
CA LYS A 2 7.72 4.51 6.43
C LYS A 2 7.27 3.05 6.31
N PHE A 3 6.07 2.85 5.75
CA PHE A 3 5.52 1.52 5.57
C PHE A 3 5.92 0.91 4.22
N ALA A 4 5.64 -0.38 4.05
CA ALA A 4 5.97 -1.09 2.82
C ALA A 4 4.93 -2.16 2.51
N CYS A 5 4.60 -2.32 1.22
CA CYS A 5 3.61 -3.32 0.80
C CYS A 5 4.26 -4.70 0.66
N PRO A 6 3.58 -5.76 1.16
CA PRO A 6 4.08 -7.13 1.06
C PRO A 6 3.90 -7.72 -0.35
N GLU A 7 3.07 -7.08 -1.17
CA GLU A 7 2.82 -7.54 -2.53
C GLU A 7 3.62 -6.73 -3.55
N CYS A 8 3.62 -5.40 -3.40
CA CYS A 8 4.34 -4.52 -4.31
C CYS A 8 5.43 -3.73 -3.58
N PRO A 9 6.29 -3.04 -4.33
CA PRO A 9 7.38 -2.25 -3.79
C PRO A 9 7.01 -0.79 -3.50
N LYS A 10 5.85 -0.58 -2.85
CA LYS A 10 5.42 0.78 -2.52
C LYS A 10 5.84 1.14 -1.09
N ARG A 11 5.96 2.44 -0.84
CA ARG A 11 6.35 2.95 0.48
C ARG A 11 5.67 4.28 0.77
N PHE A 12 5.07 4.38 1.96
CA PHE A 12 4.35 5.60 2.34
C PHE A 12 4.71 6.03 3.75
N MET A 13 4.80 7.35 3.95
CA MET A 13 5.14 7.92 5.25
C MET A 13 4.04 7.61 6.28
N ARG A 14 2.80 7.49 5.81
CA ARG A 14 1.67 7.20 6.69
C ARG A 14 1.31 5.72 6.63
N SER A 15 0.58 5.26 7.65
CA SER A 15 0.16 3.86 7.72
C SER A 15 -1.17 3.65 7.00
N ASP A 16 -2.13 4.54 7.27
CA ASP A 16 -3.45 4.47 6.64
C ASP A 16 -3.36 4.76 5.14
N HIS A 17 -2.46 5.67 4.77
CA HIS A 17 -2.27 6.05 3.37
C HIS A 17 -1.83 4.84 2.55
N LEU A 18 -0.73 4.21 2.97
CA LEU A 18 -0.21 3.04 2.27
C LEU A 18 -1.27 1.95 2.22
N THR A 19 -1.94 1.73 3.35
CA THR A 19 -2.99 0.72 3.43
C THR A 19 -4.12 1.05 2.46
N LEU A 20 -4.38 2.35 2.27
CA LEU A 20 -5.43 2.78 1.34
C LEU A 20 -5.06 2.36 -0.08
N HIS A 21 -3.77 2.44 -0.39
CA HIS A 21 -3.24 2.07 -1.70
C HIS A 21 -3.52 0.60 -2.00
N ILE A 22 -3.17 -0.26 -1.05
CA ILE A 22 -3.32 -1.71 -1.21
C ILE A 22 -4.73 -2.12 -1.64
N LEU A 23 -5.70 -1.21 -1.51
CA LEU A 23 -7.07 -1.51 -1.95
C LEU A 23 -7.08 -1.97 -3.40
N LEU A 24 -6.14 -1.45 -4.21
CA LEU A 24 -6.02 -1.82 -5.62
C LEU A 24 -5.74 -3.31 -5.77
N HIS A 25 -4.85 -3.84 -4.93
CA HIS A 25 -4.49 -5.26 -4.98
C HIS A 25 -5.73 -6.14 -4.88
N GLU A 26 -6.64 -5.77 -3.98
CA GLU A 26 -7.88 -6.53 -3.78
C GLU A 26 -8.78 -6.42 -5.02
N ASN A 27 -8.92 -5.20 -5.54
CA ASN A 27 -9.74 -4.97 -6.73
C ASN A 27 -9.20 -3.77 -7.53
N LYS A 28 -8.86 -4.02 -8.79
CA LYS A 28 -8.33 -2.97 -9.66
C LYS A 28 -9.17 -2.83 -10.93
N LYS A 29 -9.09 -3.84 -11.80
CA LYS A 29 -9.84 -3.85 -13.07
C LYS A 29 -9.89 -2.46 -13.71
N TYR A 1 8.17 7.40 4.93
CA TYR A 1 8.09 6.15 4.12
C TYR A 1 8.63 4.95 4.91
N LYS A 2 7.98 4.65 6.03
CA LYS A 2 8.39 3.54 6.88
C LYS A 2 7.61 2.26 6.58
N PHE A 3 6.45 2.39 5.93
CA PHE A 3 5.62 1.23 5.60
C PHE A 3 6.00 0.65 4.24
N ALA A 4 5.86 -0.68 4.13
CA ALA A 4 6.18 -1.38 2.90
C ALA A 4 5.09 -2.39 2.55
N CYS A 5 4.65 -2.38 1.29
CA CYS A 5 3.60 -3.29 0.84
C CYS A 5 4.13 -4.72 0.67
N PRO A 6 3.35 -5.72 1.13
CA PRO A 6 3.75 -7.13 1.02
C PRO A 6 3.58 -7.66 -0.42
N GLU A 7 2.75 -6.97 -1.21
CA GLU A 7 2.49 -7.36 -2.60
C GLU A 7 3.41 -6.60 -3.57
N CYS A 8 3.57 -5.30 -3.33
CA CYS A 8 4.40 -4.46 -4.20
C CYS A 8 5.46 -3.70 -3.40
N PRO A 9 6.39 -3.02 -4.10
CA PRO A 9 7.46 -2.26 -3.47
C PRO A 9 7.11 -0.78 -3.26
N LYS A 10 5.90 -0.51 -2.75
CA LYS A 10 5.48 0.86 -2.49
C LYS A 10 5.82 1.28 -1.06
N ARG A 11 5.95 2.59 -0.86
CA ARG A 11 6.27 3.16 0.45
C ARG A 11 5.56 4.50 0.64
N PHE A 12 4.92 4.67 1.79
CA PHE A 12 4.17 5.88 2.07
C PHE A 12 4.53 6.47 3.44
N MET A 13 4.51 7.79 3.53
CA MET A 13 4.83 8.48 4.78
C MET A 13 3.85 8.13 5.88
N ARG A 14 2.58 7.89 5.50
CA ARG A 14 1.54 7.54 6.46
C ARG A 14 1.29 6.04 6.45
N SER A 15 0.64 5.56 7.52
CA SER A 15 0.33 4.14 7.66
C SER A 15 -1.00 3.81 6.98
N ASP A 16 -2.02 4.64 7.25
CA ASP A 16 -3.35 4.44 6.67
C ASP A 16 -3.34 4.72 5.18
N HIS A 17 -2.47 5.65 4.75
CA HIS A 17 -2.36 5.99 3.33
C HIS A 17 -1.86 4.82 2.51
N LEU A 18 -0.72 4.26 2.92
CA LEU A 18 -0.15 3.10 2.22
C LEU A 18 -1.15 1.95 2.19
N THR A 19 -1.80 1.72 3.33
CA THR A 19 -2.78 0.65 3.42
C THR A 19 -3.96 0.94 2.50
N LEU A 20 -4.31 2.22 2.34
CA LEU A 20 -5.40 2.61 1.46
C LEU A 20 -5.07 2.23 0.02
N HIS A 21 -3.77 2.29 -0.30
CA HIS A 21 -3.27 1.94 -1.62
C HIS A 21 -3.50 0.48 -1.93
N ILE A 22 -3.16 -0.37 -0.97
CA ILE A 22 -3.27 -1.82 -1.14
C ILE A 22 -4.72 -2.29 -1.39
N LEU A 23 -5.68 -1.37 -1.34
CA LEU A 23 -7.08 -1.71 -1.60
C LEU A 23 -7.26 -2.11 -3.06
N LEU A 24 -6.52 -1.45 -3.97
CA LEU A 24 -6.61 -1.75 -5.41
C LEU A 24 -6.00 -3.12 -5.73
N HIS A 25 -5.06 -3.59 -4.91
CA HIS A 25 -4.40 -4.88 -5.12
C HIS A 25 -5.43 -6.00 -5.29
N GLU A 26 -6.46 -5.99 -4.44
CA GLU A 26 -7.50 -7.02 -4.48
C GLU A 26 -8.54 -6.69 -5.55
N ASN A 27 -9.11 -5.49 -5.48
CA ASN A 27 -10.13 -5.07 -6.44
C ASN A 27 -10.06 -3.56 -6.70
N LYS A 28 -10.47 -3.14 -7.89
CA LYS A 28 -10.46 -1.73 -8.27
C LYS A 28 -11.42 -0.92 -7.38
N LYS A 29 -11.16 0.38 -7.28
CA LYS A 29 -11.98 1.27 -6.47
C LYS A 29 -13.38 1.44 -7.07
N TYR A 1 8.41 6.97 3.66
CA TYR A 1 8.73 5.63 3.10
C TYR A 1 9.09 4.61 4.19
N LYS A 2 8.50 4.79 5.37
CA LYS A 2 8.76 3.88 6.50
C LYS A 2 8.10 2.53 6.28
N PHE A 3 6.85 2.54 5.80
CA PHE A 3 6.12 1.31 5.55
C PHE A 3 6.34 0.79 4.14
N ALA A 4 5.88 -0.43 3.88
CA ALA A 4 6.02 -1.05 2.56
C ALA A 4 4.96 -2.12 2.33
N CYS A 5 4.57 -2.31 1.07
CA CYS A 5 3.55 -3.31 0.71
C CYS A 5 4.16 -4.71 0.65
N PRO A 6 3.44 -5.72 1.18
CA PRO A 6 3.91 -7.11 1.16
C PRO A 6 3.85 -7.74 -0.23
N GLU A 7 3.08 -7.12 -1.14
CA GLU A 7 2.93 -7.62 -2.50
C GLU A 7 3.77 -6.80 -3.48
N CYS A 8 3.63 -5.47 -3.42
CA CYS A 8 4.37 -4.59 -4.31
C CYS A 8 5.46 -3.82 -3.57
N PRO A 9 6.34 -3.13 -4.31
CA PRO A 9 7.44 -2.37 -3.74
C PRO A 9 7.10 -0.90 -3.47
N LYS A 10 5.94 -0.65 -2.85
CA LYS A 10 5.52 0.72 -2.54
C LYS A 10 5.99 1.12 -1.14
N ARG A 11 6.06 2.43 -0.91
CA ARG A 11 6.49 2.97 0.39
C ARG A 11 5.77 4.28 0.68
N PHE A 12 5.24 4.41 1.90
CA PHE A 12 4.51 5.61 2.29
C PHE A 12 4.87 6.08 3.69
N MET A 13 4.72 7.37 3.92
CA MET A 13 5.01 7.97 5.23
C MET A 13 3.85 7.76 6.20
N ARG A 14 2.65 7.59 5.65
CA ARG A 14 1.45 7.36 6.46
C ARG A 14 1.09 5.88 6.51
N SER A 15 0.36 5.49 7.55
CA SER A 15 -0.05 4.09 7.72
C SER A 15 -1.43 3.84 7.13
N ASP A 16 -2.37 4.76 7.39
CA ASP A 16 -3.73 4.65 6.90
C ASP A 16 -3.79 4.86 5.38
N HIS A 17 -3.18 5.95 4.91
CA HIS A 17 -3.16 6.26 3.49
C HIS A 17 -2.46 5.15 2.71
N LEU A 18 -1.37 4.63 3.26
CA LEU A 18 -0.62 3.55 2.63
C LEU A 18 -1.51 2.34 2.43
N THR A 19 -2.24 1.96 3.48
CA THR A 19 -3.13 0.81 3.40
C THR A 19 -4.20 1.03 2.33
N LEU A 20 -4.60 2.29 2.15
CA LEU A 20 -5.60 2.63 1.13
C LEU A 20 -5.08 2.23 -0.26
N HIS A 21 -3.78 2.38 -0.46
CA HIS A 21 -3.12 2.02 -1.71
C HIS A 21 -3.30 0.53 -2.00
N ILE A 22 -2.98 -0.28 -1.00
CA ILE A 22 -3.03 -1.74 -1.10
C ILE A 22 -4.42 -2.25 -1.47
N LEU A 23 -5.46 -1.45 -1.24
CA LEU A 23 -6.83 -1.86 -1.57
C LEU A 23 -6.98 -2.09 -3.08
N LEU A 24 -6.10 -1.46 -3.88
CA LEU A 24 -6.14 -1.61 -5.34
C LEU A 24 -5.72 -3.01 -5.79
N HIS A 25 -5.04 -3.76 -4.90
CA HIS A 25 -4.61 -5.13 -5.23
C HIS A 25 -5.78 -6.09 -5.21
N GLU A 26 -6.76 -5.85 -4.33
CA GLU A 26 -7.94 -6.70 -4.22
C GLU A 26 -8.66 -6.82 -5.56
N ASN A 27 -8.93 -5.67 -6.19
CA ASN A 27 -9.61 -5.64 -7.48
C ASN A 27 -8.61 -5.37 -8.60
N LYS A 28 -8.27 -6.42 -9.35
CA LYS A 28 -7.32 -6.31 -10.45
C LYS A 28 -7.96 -6.74 -11.78
N LYS A 29 -7.42 -6.22 -12.89
CA LYS A 29 -7.94 -6.54 -14.21
C LYS A 29 -7.63 -8.00 -14.59
N TYR A 1 8.34 7.70 4.01
CA TYR A 1 8.34 6.42 3.22
C TYR A 1 9.04 5.30 3.99
N LYS A 2 8.60 5.06 5.22
CA LYS A 2 9.18 4.02 6.07
C LYS A 2 8.39 2.70 5.98
N PHE A 3 7.17 2.76 5.45
CA PHE A 3 6.33 1.57 5.32
C PHE A 3 6.56 0.86 3.99
N ALA A 4 6.13 -0.40 3.92
CA ALA A 4 6.29 -1.19 2.70
C ALA A 4 5.11 -2.15 2.51
N CYS A 5 4.74 -2.36 1.24
CA CYS A 5 3.61 -3.25 0.91
C CYS A 5 4.08 -4.71 0.84
N PRO A 6 3.27 -5.64 1.37
CA PRO A 6 3.59 -7.07 1.35
C PRO A 6 3.49 -7.68 -0.06
N GLU A 7 2.76 -7.01 -0.95
CA GLU A 7 2.57 -7.48 -2.32
C GLU A 7 3.48 -6.74 -3.30
N CYS A 8 3.52 -5.42 -3.19
CA CYS A 8 4.35 -4.59 -4.08
C CYS A 8 5.44 -3.85 -3.30
N PRO A 9 6.39 -3.23 -4.03
CA PRO A 9 7.49 -2.48 -3.44
C PRO A 9 7.17 -1.00 -3.22
N LYS A 10 5.95 -0.70 -2.77
CA LYS A 10 5.55 0.70 -2.52
C LYS A 10 5.96 1.13 -1.11
N ARG A 11 6.07 2.45 -0.92
CA ARG A 11 6.46 3.02 0.36
C ARG A 11 5.68 4.32 0.61
N PHE A 12 5.16 4.48 1.84
CA PHE A 12 4.39 5.67 2.17
C PHE A 12 4.77 6.23 3.54
N MET A 13 4.47 7.51 3.75
CA MET A 13 4.77 8.19 5.01
C MET A 13 3.76 7.80 6.09
N ARG A 14 2.49 7.63 5.67
CA ARG A 14 1.43 7.26 6.60
C ARG A 14 1.14 5.76 6.52
N SER A 15 0.55 5.24 7.59
CA SER A 15 0.19 3.82 7.65
C SER A 15 -1.21 3.60 7.11
N ASP A 16 -2.14 4.47 7.53
CA ASP A 16 -3.54 4.39 7.09
C ASP A 16 -3.64 4.67 5.59
N HIS A 17 -2.99 5.76 5.15
CA HIS A 17 -3.02 6.14 3.74
C HIS A 17 -2.38 5.05 2.88
N LEU A 18 -1.27 4.48 3.37
CA LEU A 18 -0.58 3.41 2.64
C LEU A 18 -1.51 2.24 2.42
N THR A 19 -2.24 1.85 3.48
CA THR A 19 -3.17 0.75 3.39
C THR A 19 -4.24 1.02 2.34
N LEU A 20 -4.62 2.30 2.19
CA LEU A 20 -5.62 2.69 1.20
C LEU A 20 -5.16 2.25 -0.18
N HIS A 21 -3.87 2.42 -0.45
CA HIS A 21 -3.27 2.03 -1.72
C HIS A 21 -3.48 0.56 -2.01
N ILE A 22 -3.21 -0.27 -1.01
CA ILE A 22 -3.30 -1.71 -1.14
C ILE A 22 -4.71 -2.21 -1.48
N LEU A 23 -5.69 -1.29 -1.52
CA LEU A 23 -7.06 -1.67 -1.88
C LEU A 23 -7.14 -2.09 -3.35
N LEU A 24 -6.36 -1.42 -4.21
CA LEU A 24 -6.36 -1.75 -5.65
C LEU A 24 -5.79 -3.14 -5.91
N HIS A 25 -4.96 -3.64 -4.99
CA HIS A 25 -4.36 -4.98 -5.14
C HIS A 25 -5.45 -6.03 -5.36
N GLU A 26 -6.52 -5.95 -4.57
CA GLU A 26 -7.64 -6.89 -4.69
C GLU A 26 -8.47 -6.57 -5.93
N ASN A 27 -8.80 -5.29 -6.09
CA ASN A 27 -9.60 -4.83 -7.24
C ASN A 27 -9.01 -3.54 -7.81
N LYS A 28 -8.27 -3.67 -8.91
CA LYS A 28 -7.65 -2.52 -9.57
C LYS A 28 -8.70 -1.63 -10.24
N LYS A 29 -8.36 -0.35 -10.40
CA LYS A 29 -9.27 0.61 -11.03
C LYS A 29 -9.52 0.25 -12.50
N TYR A 1 9.71 6.36 3.66
CA TYR A 1 9.65 4.92 3.28
C TYR A 1 9.69 4.01 4.51
N LYS A 2 8.81 4.27 5.47
CA LYS A 2 8.75 3.48 6.70
C LYS A 2 8.01 2.17 6.48
N PHE A 3 6.85 2.24 5.82
CA PHE A 3 6.04 1.06 5.54
C PHE A 3 6.34 0.48 4.15
N ALA A 4 5.82 -0.72 3.88
CA ALA A 4 6.02 -1.38 2.60
C ALA A 4 4.89 -2.38 2.32
N CYS A 5 4.51 -2.50 1.05
CA CYS A 5 3.45 -3.41 0.65
C CYS A 5 3.98 -4.84 0.48
N PRO A 6 3.20 -5.85 0.92
CA PRO A 6 3.60 -7.26 0.81
C PRO A 6 3.53 -7.79 -0.63
N GLU A 7 2.87 -7.04 -1.52
CA GLU A 7 2.73 -7.43 -2.91
C GLU A 7 3.62 -6.59 -3.83
N CYS A 8 3.64 -5.28 -3.60
CA CYS A 8 4.44 -4.36 -4.40
C CYS A 8 5.48 -3.62 -3.55
N PRO A 9 6.44 -2.95 -4.20
CA PRO A 9 7.50 -2.21 -3.52
C PRO A 9 7.15 -0.75 -3.23
N LYS A 10 5.90 -0.47 -2.85
CA LYS A 10 5.47 0.89 -2.54
C LYS A 10 5.91 1.28 -1.13
N ARG A 11 6.08 2.58 -0.91
CA ARG A 11 6.50 3.11 0.38
C ARG A 11 5.78 4.42 0.69
N PHE A 12 5.19 4.51 1.88
CA PHE A 12 4.46 5.72 2.27
C PHE A 12 4.82 6.17 3.68
N MET A 13 4.73 7.48 3.91
CA MET A 13 5.02 8.06 5.22
C MET A 13 3.83 7.88 6.18
N ARG A 14 2.64 7.68 5.60
CA ARG A 14 1.42 7.49 6.39
C ARG A 14 1.07 6.01 6.50
N SER A 15 0.31 5.67 7.53
CA SER A 15 -0.09 4.28 7.76
C SER A 15 -1.46 3.99 7.15
N ASP A 16 -2.43 4.87 7.44
CA ASP A 16 -3.80 4.72 6.92
C ASP A 16 -3.87 4.98 5.42
N HIS A 17 -3.13 6.00 4.95
CA HIS A 17 -3.12 6.34 3.52
C HIS A 17 -2.46 5.22 2.73
N LEU A 18 -1.35 4.69 3.25
CA LEU A 18 -0.62 3.62 2.59
C LEU A 18 -1.53 2.41 2.40
N THR A 19 -2.26 2.05 3.45
CA THR A 19 -3.17 0.93 3.40
C THR A 19 -4.24 1.13 2.33
N LEU A 20 -4.63 2.40 2.13
CA LEU A 20 -5.62 2.73 1.11
C LEU A 20 -5.14 2.26 -0.26
N HIS A 21 -3.85 2.47 -0.52
CA HIS A 21 -3.22 2.06 -1.77
C HIS A 21 -3.38 0.56 -2.02
N ILE A 22 -3.03 -0.22 -1.00
CA ILE A 22 -3.05 -1.68 -1.09
C ILE A 22 -4.43 -2.22 -1.52
N LEU A 23 -5.48 -1.40 -1.44
CA LEU A 23 -6.81 -1.82 -1.87
C LEU A 23 -6.77 -2.24 -3.35
N LEU A 24 -5.82 -1.67 -4.11
CA LEU A 24 -5.66 -2.00 -5.54
C LEU A 24 -5.53 -3.51 -5.72
N HIS A 25 -4.62 -4.11 -4.94
CA HIS A 25 -4.38 -5.56 -5.02
C HIS A 25 -5.64 -6.35 -4.69
N GLU A 26 -6.48 -5.82 -3.79
CA GLU A 26 -7.72 -6.48 -3.41
C GLU A 26 -8.60 -6.76 -4.63
N ASN A 27 -8.63 -5.81 -5.57
CA ASN A 27 -9.43 -5.97 -6.78
C ASN A 27 -8.70 -6.85 -7.80
N LYS A 28 -7.45 -6.50 -8.10
CA LYS A 28 -6.65 -7.27 -9.06
C LYS A 28 -5.90 -8.41 -8.36
N LYS A 29 -6.49 -9.60 -8.38
CA LYS A 29 -5.89 -10.77 -7.74
C LYS A 29 -4.77 -11.35 -8.60
N TYR A 1 10.37 6.97 3.75
CA TYR A 1 9.74 5.64 3.48
C TYR A 1 9.87 4.72 4.69
N LYS A 2 8.82 4.69 5.51
CA LYS A 2 8.81 3.86 6.71
C LYS A 2 8.14 2.51 6.46
N PHE A 3 6.95 2.54 5.87
CA PHE A 3 6.20 1.31 5.58
C PHE A 3 6.54 0.75 4.20
N ALA A 4 6.11 -0.49 3.97
CA ALA A 4 6.34 -1.18 2.70
C ALA A 4 5.28 -2.25 2.45
N CYS A 5 4.74 -2.28 1.23
CA CYS A 5 3.71 -3.26 0.88
C CYS A 5 4.29 -4.68 0.78
N PRO A 6 3.56 -5.68 1.31
CA PRO A 6 4.01 -7.08 1.26
C PRO A 6 3.84 -7.69 -0.13
N GLU A 7 3.01 -7.07 -0.97
CA GLU A 7 2.75 -7.56 -2.32
C GLU A 7 3.61 -6.79 -3.35
N CYS A 8 3.60 -5.47 -3.24
CA CYS A 8 4.36 -4.62 -4.16
C CYS A 8 5.46 -3.85 -3.43
N PRO A 9 6.35 -3.20 -4.20
CA PRO A 9 7.47 -2.43 -3.64
C PRO A 9 7.12 -0.95 -3.40
N LYS A 10 5.90 -0.69 -2.91
CA LYS A 10 5.47 0.69 -2.65
C LYS A 10 5.94 1.13 -1.26
N ARG A 11 5.99 2.44 -1.05
CA ARG A 11 6.43 3.01 0.22
C ARG A 11 5.68 4.32 0.50
N PHE A 12 5.14 4.44 1.72
CA PHE A 12 4.37 5.62 2.10
C PHE A 12 4.77 6.14 3.47
N MET A 13 4.60 7.44 3.67
CA MET A 13 4.93 8.08 4.94
C MET A 13 3.80 7.88 5.97
N ARG A 14 2.58 7.66 5.47
CA ARG A 14 1.42 7.43 6.34
C ARG A 14 1.11 5.94 6.45
N SER A 15 0.47 5.55 7.54
CA SER A 15 0.11 4.16 7.76
C SER A 15 -1.27 3.85 7.18
N ASP A 16 -2.25 4.72 7.46
CA ASP A 16 -3.61 4.54 6.96
C ASP A 16 -3.66 4.74 5.45
N HIS A 17 -3.11 5.86 4.98
CA HIS A 17 -3.09 6.17 3.55
C HIS A 17 -2.42 5.06 2.76
N LEU A 18 -1.31 4.54 3.29
CA LEU A 18 -0.59 3.45 2.65
C LEU A 18 -1.48 2.24 2.45
N THR A 19 -2.19 1.86 3.52
CA THR A 19 -3.09 0.73 3.47
C THR A 19 -4.20 0.99 2.45
N LEU A 20 -4.58 2.27 2.30
CA LEU A 20 -5.61 2.64 1.34
C LEU A 20 -5.18 2.26 -0.08
N HIS A 21 -3.86 2.32 -0.31
CA HIS A 21 -3.28 1.96 -1.60
C HIS A 21 -3.51 0.50 -1.90
N ILE A 22 -3.24 -0.34 -0.92
CA ILE A 22 -3.37 -1.79 -1.06
C ILE A 22 -4.81 -2.24 -1.36
N LEU A 23 -5.75 -1.30 -1.41
CA LEU A 23 -7.14 -1.63 -1.74
C LEU A 23 -7.26 -2.02 -3.22
N LEU A 24 -6.45 -1.38 -4.08
CA LEU A 24 -6.47 -1.69 -5.51
C LEU A 24 -5.87 -3.06 -5.82
N HIS A 25 -5.05 -3.59 -4.90
CA HIS A 25 -4.42 -4.90 -5.10
C HIS A 25 -5.47 -5.97 -5.36
N GLU A 26 -6.60 -5.87 -4.66
CA GLU A 26 -7.70 -6.83 -4.82
C GLU A 26 -8.36 -6.70 -6.19
N ASN A 27 -8.67 -5.47 -6.59
CA ASN A 27 -9.30 -5.20 -7.88
C ASN A 27 -8.40 -4.33 -8.76
N LYS A 28 -7.76 -4.96 -9.74
CA LYS A 28 -6.86 -4.25 -10.66
C LYS A 28 -7.58 -3.85 -11.95
N LYS A 29 -6.94 -3.02 -12.75
CA LYS A 29 -7.50 -2.55 -14.02
C LYS A 29 -7.58 -3.69 -15.04
N TYR A 1 10.10 6.84 3.34
CA TYR A 1 9.60 5.44 3.20
C TYR A 1 9.67 4.69 4.53
N LYS A 2 8.56 4.69 5.26
CA LYS A 2 8.49 4.02 6.55
C LYS A 2 7.89 2.62 6.41
N PHE A 3 6.77 2.51 5.71
CA PHE A 3 6.10 1.23 5.50
C PHE A 3 6.39 0.66 4.11
N ALA A 4 5.94 -0.58 3.89
CA ALA A 4 6.14 -1.27 2.62
C ALA A 4 5.03 -2.29 2.36
N CYS A 5 4.58 -2.38 1.11
CA CYS A 5 3.53 -3.31 0.73
C CYS A 5 4.06 -4.73 0.60
N PRO A 6 3.32 -5.74 1.09
CA PRO A 6 3.73 -7.15 1.00
C PRO A 6 3.60 -7.72 -0.42
N GLU A 7 2.87 -7.01 -1.28
CA GLU A 7 2.66 -7.45 -2.66
C GLU A 7 3.55 -6.66 -3.64
N CYS A 8 3.62 -5.34 -3.44
CA CYS A 8 4.43 -4.48 -4.30
C CYS A 8 5.49 -3.72 -3.50
N PRO A 9 6.43 -3.06 -4.20
CA PRO A 9 7.52 -2.31 -3.57
C PRO A 9 7.17 -0.83 -3.32
N LYS A 10 5.94 -0.56 -2.88
CA LYS A 10 5.53 0.82 -2.60
C LYS A 10 5.94 1.22 -1.18
N ARG A 11 6.10 2.52 -0.96
CA ARG A 11 6.49 3.05 0.34
C ARG A 11 5.74 4.34 0.65
N PHE A 12 5.18 4.43 1.86
CA PHE A 12 4.41 5.61 2.26
C PHE A 12 4.78 6.07 3.67
N MET A 13 4.62 7.37 3.91
CA MET A 13 4.93 7.96 5.21
C MET A 13 3.81 7.68 6.22
N ARG A 14 2.58 7.53 5.71
CA ARG A 14 1.42 7.26 6.57
C ARG A 14 1.07 5.77 6.54
N SER A 15 0.36 5.31 7.56
CA SER A 15 -0.05 3.91 7.66
C SER A 15 -1.44 3.73 7.03
N ASP A 16 -2.36 4.63 7.36
CA ASP A 16 -3.72 4.58 6.84
C ASP A 16 -3.73 4.84 5.34
N HIS A 17 -3.04 5.90 4.91
CA HIS A 17 -2.97 6.25 3.50
C HIS A 17 -2.33 5.13 2.70
N LEU A 18 -1.25 4.56 3.23
CA LEU A 18 -0.56 3.45 2.57
C LEU A 18 -1.51 2.29 2.35
N THR A 19 -2.26 1.94 3.40
CA THR A 19 -3.21 0.84 3.32
C THR A 19 -4.27 1.13 2.27
N LEU A 20 -4.61 2.41 2.09
CA LEU A 20 -5.59 2.82 1.09
C LEU A 20 -5.11 2.39 -0.30
N HIS A 21 -3.80 2.47 -0.52
CA HIS A 21 -3.19 2.06 -1.78
C HIS A 21 -3.37 0.57 -2.01
N ILE A 22 -3.00 -0.21 -1.02
CA ILE A 22 -3.05 -1.67 -1.11
C ILE A 22 -4.43 -2.20 -1.50
N LEU A 23 -5.47 -1.36 -1.37
CA LEU A 23 -6.82 -1.76 -1.76
C LEU A 23 -6.85 -2.09 -3.26
N LEU A 24 -5.90 -1.55 -4.03
CA LEU A 24 -5.82 -1.81 -5.47
C LEU A 24 -5.66 -3.31 -5.73
N HIS A 25 -4.73 -3.93 -5.00
CA HIS A 25 -4.45 -5.36 -5.14
C HIS A 25 -5.72 -6.20 -4.97
N GLU A 26 -6.46 -5.93 -3.90
CA GLU A 26 -7.71 -6.67 -3.63
C GLU A 26 -8.82 -6.24 -4.58
N ASN A 27 -9.12 -4.94 -4.59
CA ASN A 27 -10.16 -4.39 -5.45
C ASN A 27 -9.54 -3.58 -6.59
N LYS A 28 -9.62 -4.13 -7.81
CA LYS A 28 -9.06 -3.46 -8.98
C LYS A 28 -10.10 -2.56 -9.65
N LYS A 29 -9.68 -1.35 -10.03
CA LYS A 29 -10.57 -0.39 -10.68
C LYS A 29 -10.40 -0.43 -12.20
N TYR A 1 10.07 7.01 2.84
CA TYR A 1 9.79 5.54 2.82
C TYR A 1 9.72 4.98 4.24
N LYS A 2 8.51 4.96 4.82
CA LYS A 2 8.31 4.45 6.18
C LYS A 2 7.89 2.99 6.16
N PHE A 3 6.81 2.68 5.46
CA PHE A 3 6.30 1.31 5.37
C PHE A 3 6.63 0.68 4.02
N ALA A 4 6.28 -0.60 3.87
CA ALA A 4 6.51 -1.33 2.64
C ALA A 4 5.41 -2.36 2.37
N CYS A 5 4.84 -2.34 1.17
CA CYS A 5 3.77 -3.26 0.82
C CYS A 5 4.29 -4.69 0.70
N PRO A 6 3.54 -5.68 1.23
CA PRO A 6 3.93 -7.09 1.17
C PRO A 6 3.80 -7.69 -0.24
N GLU A 7 2.99 -7.04 -1.09
CA GLU A 7 2.77 -7.51 -2.45
C GLU A 7 3.61 -6.73 -3.45
N CYS A 8 3.62 -5.40 -3.32
CA CYS A 8 4.39 -4.54 -4.22
C CYS A 8 5.49 -3.77 -3.48
N PRO A 9 6.37 -3.10 -4.24
CA PRO A 9 7.48 -2.33 -3.67
C PRO A 9 7.13 -0.85 -3.41
N LYS A 10 5.95 -0.59 -2.85
CA LYS A 10 5.53 0.77 -2.55
C LYS A 10 5.93 1.16 -1.13
N ARG A 11 6.10 2.46 -0.91
CA ARG A 11 6.50 2.99 0.39
C ARG A 11 5.70 4.24 0.73
N PHE A 12 5.21 4.31 1.98
CA PHE A 12 4.41 5.46 2.42
C PHE A 12 4.78 5.87 3.84
N MET A 13 4.71 7.19 4.09
CA MET A 13 5.03 7.73 5.42
C MET A 13 3.87 7.49 6.39
N ARG A 14 2.65 7.39 5.85
CA ARG A 14 1.46 7.16 6.68
C ARG A 14 1.06 5.69 6.65
N SER A 15 0.31 5.27 7.66
CA SER A 15 -0.15 3.88 7.76
C SER A 15 -1.52 3.71 7.11
N ASP A 16 -2.44 4.65 7.38
CA ASP A 16 -3.78 4.60 6.82
C ASP A 16 -3.76 4.89 5.32
N HIS A 17 -2.95 5.86 4.91
CA HIS A 17 -2.83 6.22 3.50
C HIS A 17 -2.23 5.07 2.70
N LEU A 18 -1.19 4.45 3.26
CA LEU A 18 -0.54 3.32 2.60
C LEU A 18 -1.54 2.20 2.36
N THR A 19 -2.33 1.89 3.38
CA THR A 19 -3.34 0.85 3.27
C THR A 19 -4.36 1.20 2.19
N LEU A 20 -4.65 2.50 2.04
CA LEU A 20 -5.58 2.98 1.02
C LEU A 20 -5.12 2.53 -0.36
N HIS A 21 -3.80 2.51 -0.55
CA HIS A 21 -3.19 2.10 -1.80
C HIS A 21 -3.41 0.62 -2.06
N ILE A 22 -3.16 -0.19 -1.05
CA ILE A 22 -3.29 -1.64 -1.15
C ILE A 22 -4.73 -2.10 -1.48
N LEU A 23 -5.68 -1.15 -1.51
CA LEU A 23 -7.06 -1.47 -1.84
C LEU A 23 -7.17 -1.98 -3.28
N LEU A 24 -6.34 -1.40 -4.18
CA LEU A 24 -6.36 -1.81 -5.60
C LEU A 24 -5.88 -3.26 -5.76
N HIS A 25 -5.02 -3.72 -4.84
CA HIS A 25 -4.50 -5.09 -4.89
C HIS A 25 -5.61 -6.13 -4.83
N GLU A 26 -6.68 -5.81 -4.10
CA GLU A 26 -7.82 -6.72 -3.96
C GLU A 26 -8.32 -7.18 -5.33
N ASN A 27 -8.50 -6.22 -6.24
CA ASN A 27 -8.97 -6.52 -7.59
C ASN A 27 -7.78 -6.55 -8.56
N LYS A 28 -7.18 -7.73 -8.71
CA LYS A 28 -6.03 -7.91 -9.59
C LYS A 28 -5.97 -9.34 -10.14
N LYS A 29 -5.94 -9.46 -11.46
CA LYS A 29 -5.88 -10.77 -12.10
C LYS A 29 -4.48 -11.06 -12.64
N TYR A 1 9.55 7.38 3.84
CA TYR A 1 9.09 5.98 3.57
C TYR A 1 9.18 5.13 4.84
N LYS A 2 8.06 5.04 5.55
CA LYS A 2 7.99 4.26 6.79
C LYS A 2 7.46 2.86 6.52
N PHE A 3 6.27 2.78 5.94
CA PHE A 3 5.63 1.51 5.64
C PHE A 3 6.00 0.99 4.25
N ALA A 4 5.62 -0.26 3.96
CA ALA A 4 5.90 -0.88 2.67
C ALA A 4 4.88 -1.97 2.36
N CYS A 5 4.59 -2.17 1.07
CA CYS A 5 3.63 -3.18 0.64
C CYS A 5 4.28 -4.56 0.56
N PRO A 6 3.58 -5.60 1.05
CA PRO A 6 4.08 -6.98 1.01
C PRO A 6 3.99 -7.59 -0.39
N GLU A 7 3.17 -6.99 -1.25
CA GLU A 7 2.98 -7.48 -2.62
C GLU A 7 3.79 -6.64 -3.62
N CYS A 8 3.62 -5.32 -3.55
CA CYS A 8 4.33 -4.41 -4.46
C CYS A 8 5.46 -3.68 -3.74
N PRO A 9 6.30 -2.95 -4.50
CA PRO A 9 7.43 -2.21 -3.94
C PRO A 9 7.09 -0.77 -3.55
N LYS A 10 5.88 -0.53 -3.05
CA LYS A 10 5.47 0.81 -2.64
C LYS A 10 5.87 1.07 -1.19
N ARG A 11 6.02 2.34 -0.85
CA ARG A 11 6.40 2.75 0.50
C ARG A 11 5.77 4.10 0.86
N PHE A 12 5.14 4.17 2.03
CA PHE A 12 4.47 5.40 2.46
C PHE A 12 4.82 5.75 3.90
N MET A 13 4.94 7.05 4.17
CA MET A 13 5.26 7.53 5.51
C MET A 13 4.11 7.26 6.49
N ARG A 14 2.87 7.23 5.95
CA ARG A 14 1.69 6.98 6.77
C ARG A 14 1.24 5.53 6.65
N SER A 15 0.43 5.08 7.60
CA SER A 15 -0.08 3.72 7.62
C SER A 15 -1.42 3.62 6.90
N ASP A 16 -2.31 4.60 7.16
CA ASP A 16 -3.62 4.62 6.53
C ASP A 16 -3.52 4.91 5.04
N HIS A 17 -2.65 5.85 4.67
CA HIS A 17 -2.45 6.22 3.27
C HIS A 17 -1.95 5.01 2.47
N LEU A 18 -0.89 4.37 2.96
CA LEU A 18 -0.35 3.19 2.29
C LEU A 18 -1.41 2.12 2.15
N THR A 19 -2.16 1.88 3.24
CA THR A 19 -3.21 0.87 3.23
C THR A 19 -4.28 1.23 2.19
N LEU A 20 -4.51 2.54 2.00
CA LEU A 20 -5.49 3.00 1.02
C LEU A 20 -5.08 2.55 -0.38
N HIS A 21 -3.77 2.52 -0.62
CA HIS A 21 -3.21 2.11 -1.89
C HIS A 21 -3.44 0.63 -2.15
N ILE A 22 -3.14 -0.19 -1.14
CA ILE A 22 -3.27 -1.64 -1.26
C ILE A 22 -4.70 -2.08 -1.61
N LEU A 23 -5.66 -1.15 -1.55
CA LEU A 23 -7.04 -1.47 -1.89
C LEU A 23 -7.14 -2.03 -3.32
N LEU A 24 -6.32 -1.50 -4.24
CA LEU A 24 -6.33 -1.99 -5.63
C LEU A 24 -5.92 -3.45 -5.70
N HIS A 25 -4.98 -3.85 -4.83
CA HIS A 25 -4.50 -5.24 -4.81
C HIS A 25 -5.64 -6.21 -4.46
N GLU A 26 -6.45 -5.83 -3.46
CA GLU A 26 -7.58 -6.67 -3.04
C GLU A 26 -8.55 -6.87 -4.20
N ASN A 27 -8.87 -5.78 -4.91
CA ASN A 27 -9.80 -5.84 -6.03
C ASN A 27 -9.08 -6.38 -7.28
N LYS A 28 -9.13 -7.69 -7.45
CA LYS A 28 -8.48 -8.34 -8.60
C LYS A 28 -9.19 -9.65 -8.96
N LYS A 29 -8.92 -10.16 -10.16
CA LYS A 29 -9.53 -11.40 -10.63
C LYS A 29 -8.97 -12.61 -9.85
#